data_6SU7
#
_entry.id   6SU7
#
_cell.length_a   93.353
_cell.length_b   119.362
_cell.length_c   170.626
_cell.angle_alpha   90.000
_cell.angle_beta   90.000
_cell.angle_gamma   90.000
#
_symmetry.space_group_name_H-M   'P 21 21 21'
#
loop_
_entity.id
_entity.type
_entity.pdbx_description
1 polymer Glycosyltransferase
2 non-polymer 3,4-Dichloroaniline
#
_entity_poly.entity_id   1
_entity_poly.type   'polypeptide(L)'
_entity_poly.pdbx_seq_one_letter_code
;MGHHHHHHDYDIPTTENLYFQGSESPAAPPTTAPPPHVIIVPSAGMGHLIPLAEFAKRLLPRFTFTFAVPTSGPPSSSQR
DFLSSLPASIDTSFLPEVDLSDAPSDAQIETLMSLMVVRSLPSLRDLIASYSASGRRVAALVVDLFATDAIDVALELGIR
PFIFFPSTAMTLSFFLHLEKLDETVSCEFAELSDPVQIPGCIPVHGKDLIDPVQDRKNDAYKWLLHHSKRYKLAEGVIVN
SFEGLEGGPIRELLHPEPGKPRVYPVGPLIQAGSCEKGAAARPECLKWLDQQPRGSVLFVNFGSGGVLSTEQQNELAGVL
AHSQQRFLWVVRPPNDGIANATYFSVDGEIDPLKLLPEGFLEQTAGRGLVLPMWAPQIDVLSHESTGGFLTHCGWNSTLE
SVFHGVPLITWPLYAEQKMNAVMLTEGLRVGLRPSVGKDGIIRGAEIARVIGELMEGEEGKRIRSKMQELKRAASAVLSK
DGSSTRALEEVAKIWESKV
;
_entity_poly.pdbx_strand_id   A,B,C,D
#
loop_
_chem_comp.id
_chem_comp.type
_chem_comp.name
_chem_comp.formula
LV5 non-polymer 3,4-Dichloroaniline 'C6 H5 Cl2 N'
#
# COMPACT_ATOMS: atom_id res chain seq x y z
N THR A 32 -13.03 18.29 -34.26
CA THR A 32 -13.48 17.92 -32.92
C THR A 32 -14.70 18.75 -32.50
N ALA A 33 -15.89 18.23 -32.78
CA ALA A 33 -17.11 18.92 -32.36
C ALA A 33 -17.46 18.50 -30.94
N PRO A 34 -18.23 19.32 -30.24
CA PRO A 34 -18.64 18.95 -28.88
C PRO A 34 -19.50 17.70 -28.89
N PRO A 35 -19.31 16.81 -27.92
CA PRO A 35 -20.14 15.61 -27.87
C PRO A 35 -21.51 15.93 -27.28
N PRO A 36 -22.58 15.64 -28.00
CA PRO A 36 -23.92 15.80 -27.40
C PRO A 36 -24.08 14.90 -26.18
N HIS A 37 -24.92 15.34 -25.25
CA HIS A 37 -25.12 14.64 -23.99
C HIS A 37 -26.37 13.77 -24.07
N VAL A 38 -26.37 12.69 -23.29
CA VAL A 38 -27.48 11.74 -23.24
C VAL A 38 -27.71 11.35 -21.79
N ILE A 39 -28.97 11.41 -21.35
CA ILE A 39 -29.35 11.04 -19.99
C ILE A 39 -29.99 9.66 -20.02
N ILE A 40 -29.53 8.77 -19.15
CA ILE A 40 -30.07 7.42 -19.02
C ILE A 40 -30.77 7.32 -17.67
N VAL A 41 -31.98 6.77 -17.68
CA VAL A 41 -32.78 6.59 -16.48
C VAL A 41 -33.05 5.10 -16.29
N PRO A 42 -32.27 4.43 -15.45
CA PRO A 42 -32.47 3.00 -15.23
C PRO A 42 -33.66 2.72 -14.33
N SER A 43 -34.20 1.50 -14.44
CA SER A 43 -35.34 1.08 -13.66
C SER A 43 -34.93 0.24 -12.46
N ALA A 44 -34.35 -0.93 -12.70
CA ALA A 44 -34.07 -1.90 -11.65
C ALA A 44 -32.58 -1.86 -11.28
N GLY A 45 -32.09 -2.95 -10.69
CA GLY A 45 -30.74 -3.00 -10.15
C GLY A 45 -29.67 -3.28 -11.18
N MET A 46 -28.65 -4.05 -10.78
CA MET A 46 -27.50 -4.30 -11.63
C MET A 46 -27.90 -4.97 -12.94
N GLY A 47 -28.99 -5.73 -12.94
CA GLY A 47 -29.39 -6.42 -14.16
C GLY A 47 -29.71 -5.49 -15.32
N HIS A 48 -30.04 -4.23 -15.02
CA HIS A 48 -30.36 -3.26 -16.06
C HIS A 48 -29.23 -2.29 -16.35
N LEU A 49 -28.33 -2.06 -15.39
CA LEU A 49 -27.22 -1.15 -15.63
C LEU A 49 -26.22 -1.74 -16.61
N ILE A 50 -26.01 -3.05 -16.56
CA ILE A 50 -25.02 -3.73 -17.40
C ILE A 50 -25.35 -3.52 -18.87
N PRO A 51 -26.52 -3.95 -19.37
CA PRO A 51 -26.81 -3.73 -20.79
C PRO A 51 -26.87 -2.26 -21.15
N LEU A 52 -27.42 -1.42 -20.27
CA LEU A 52 -27.42 0.02 -20.52
C LEU A 52 -25.99 0.53 -20.67
N ALA A 53 -25.09 0.12 -19.77
CA ALA A 53 -23.71 0.59 -19.84
C ALA A 53 -23.03 0.13 -21.13
N GLU A 54 -23.21 -1.14 -21.51
CA GLU A 54 -22.64 -1.62 -22.75
C GLU A 54 -23.19 -0.86 -23.95
N PHE A 55 -24.48 -0.52 -23.91
CA PHE A 55 -25.07 0.29 -24.97
C PHE A 55 -24.37 1.64 -25.08
N ALA A 56 -24.17 2.31 -23.96
CA ALA A 56 -23.50 3.61 -23.99
C ALA A 56 -22.03 3.46 -24.35
N LYS A 57 -21.38 2.42 -23.83
CA LYS A 57 -19.96 2.21 -24.10
C LYS A 57 -19.70 2.00 -25.60
N ARG A 58 -20.67 1.48 -26.33
CA ARG A 58 -20.51 1.23 -27.75
C ARG A 58 -20.78 2.48 -28.59
N LEU A 59 -21.35 3.53 -28.01
CA LEU A 59 -21.54 4.80 -28.70
C LEU A 59 -20.49 5.83 -28.33
N LEU A 60 -19.48 5.45 -27.56
CA LEU A 60 -18.42 6.38 -27.20
C LEU A 60 -17.41 6.52 -28.33
N PRO A 61 -16.73 7.68 -28.44
CA PRO A 61 -16.91 8.90 -27.66
C PRO A 61 -17.82 9.92 -28.35
N ARG A 62 -18.68 9.45 -29.27
CA ARG A 62 -19.57 10.37 -29.99
C ARG A 62 -20.49 11.12 -29.04
N PHE A 63 -20.80 10.55 -27.89
CA PHE A 63 -21.69 11.16 -26.93
C PHE A 63 -21.11 11.03 -25.54
N THR A 64 -21.56 11.91 -24.64
CA THR A 64 -21.36 11.75 -23.22
C THR A 64 -22.67 11.30 -22.58
N PHE A 65 -22.56 10.55 -21.49
CA PHE A 65 -23.72 9.96 -20.85
C PHE A 65 -23.73 10.30 -19.36
N THR A 66 -24.93 10.27 -18.79
CA THR A 66 -25.11 10.44 -17.36
C THR A 66 -26.24 9.53 -16.90
N PHE A 67 -25.92 8.61 -16.00
CA PHE A 67 -26.93 7.76 -15.38
C PHE A 67 -27.66 8.57 -14.31
N ALA A 68 -28.89 8.98 -14.61
CA ALA A 68 -29.76 9.60 -13.62
C ALA A 68 -30.48 8.46 -12.91
N VAL A 69 -29.91 8.02 -11.78
CA VAL A 69 -30.33 6.80 -11.12
C VAL A 69 -31.30 7.17 -9.99
N PRO A 70 -32.58 6.84 -10.09
CA PRO A 70 -33.48 7.05 -8.95
C PRO A 70 -33.10 6.12 -7.80
N THR A 71 -33.32 6.61 -6.58
CA THR A 71 -32.98 5.85 -5.39
C THR A 71 -34.09 6.00 -4.36
N SER A 72 -34.31 4.94 -3.59
CA SER A 72 -35.18 4.97 -2.42
C SER A 72 -34.38 4.80 -1.13
N GLY A 73 -33.08 5.06 -1.19
CA GLY A 73 -32.19 4.87 -0.07
C GLY A 73 -30.76 4.92 -0.54
N PRO A 74 -29.81 4.66 0.36
CA PRO A 74 -28.40 4.67 -0.02
C PRO A 74 -28.14 3.69 -1.15
N PRO A 75 -27.58 4.14 -2.27
CA PRO A 75 -27.26 3.20 -3.36
C PRO A 75 -26.33 2.10 -2.88
N SER A 76 -26.58 0.89 -3.36
CA SER A 76 -25.78 -0.26 -2.96
C SER A 76 -24.34 -0.12 -3.46
N SER A 77 -23.41 -0.68 -2.69
CA SER A 77 -22.01 -0.61 -3.07
C SER A 77 -21.76 -1.29 -4.40
N SER A 78 -22.58 -2.26 -4.77
CA SER A 78 -22.45 -2.91 -6.07
C SER A 78 -22.75 -1.92 -7.19
N GLN A 79 -23.86 -1.18 -7.07
CA GLN A 79 -24.19 -0.18 -8.08
C GLN A 79 -23.10 0.88 -8.21
N ARG A 80 -22.63 1.41 -7.07
CA ARG A 80 -21.61 2.45 -7.12
C ARG A 80 -20.31 1.93 -7.75
N ASP A 81 -19.82 0.79 -7.27
CA ASP A 81 -18.53 0.30 -7.77
C ASP A 81 -18.59 0.02 -9.27
N PHE A 82 -19.74 -0.48 -9.75
CA PHE A 82 -19.87 -0.78 -11.17
C PHE A 82 -19.90 0.50 -11.99
N LEU A 83 -20.76 1.44 -11.63
CA LEU A 83 -20.91 2.67 -12.42
C LEU A 83 -19.64 3.52 -12.37
N SER A 84 -18.92 3.52 -11.25
CA SER A 84 -17.68 4.28 -11.16
C SER A 84 -16.54 3.63 -11.96
N SER A 85 -16.72 2.41 -12.44
CA SER A 85 -15.72 1.74 -13.25
C SER A 85 -15.94 1.93 -14.74
N LEU A 86 -17.04 2.57 -15.15
CA LEU A 86 -17.29 2.80 -16.56
C LEU A 86 -16.33 3.87 -17.08
N PRO A 87 -16.22 3.99 -18.40
CA PRO A 87 -15.39 5.08 -18.95
C PRO A 87 -15.85 6.44 -18.43
N ALA A 88 -14.95 7.41 -18.53
CA ALA A 88 -15.24 8.73 -17.97
C ALA A 88 -16.39 9.42 -18.70
N SER A 89 -16.56 9.15 -19.99
CA SER A 89 -17.65 9.75 -20.75
C SER A 89 -19.03 9.34 -20.24
N ILE A 90 -19.10 8.35 -19.34
CA ILE A 90 -20.37 7.91 -18.79
C ILE A 90 -20.41 8.28 -17.32
N ASP A 91 -20.95 9.46 -17.02
CA ASP A 91 -21.05 9.92 -15.64
C ASP A 91 -22.26 9.27 -14.96
N THR A 92 -22.31 9.42 -13.64
CA THR A 92 -23.39 8.86 -12.83
C THR A 92 -23.86 9.91 -11.85
N SER A 93 -25.18 10.04 -11.72
CA SER A 93 -25.78 11.01 -10.80
C SER A 93 -26.91 10.31 -10.07
N PHE A 94 -26.67 9.96 -8.80
CA PHE A 94 -27.69 9.33 -7.97
C PHE A 94 -28.66 10.41 -7.51
N LEU A 95 -29.87 10.38 -8.06
CA LEU A 95 -30.86 11.41 -7.75
C LEU A 95 -31.19 11.38 -6.26
N PRO A 96 -31.55 12.52 -5.67
CA PRO A 96 -31.96 12.53 -4.26
C PRO A 96 -33.01 11.46 -3.99
N GLU A 97 -32.78 10.68 -2.93
CA GLU A 97 -33.63 9.54 -2.65
C GLU A 97 -35.05 9.99 -2.32
N VAL A 98 -36.01 9.12 -2.63
CA VAL A 98 -37.41 9.40 -2.41
C VAL A 98 -37.94 8.47 -1.31
N ASP A 99 -39.15 8.76 -0.84
CA ASP A 99 -39.77 8.05 0.27
C ASP A 99 -40.79 7.07 -0.28
N LEU A 100 -40.54 5.77 -0.09
CA LEU A 100 -41.45 4.72 -0.53
C LEU A 100 -42.15 4.05 0.65
N SER A 101 -42.14 4.67 1.83
CA SER A 101 -42.77 4.06 2.99
C SER A 101 -44.29 4.03 2.88
N ASP A 102 -44.89 4.92 2.09
CA ASP A 102 -46.34 4.91 1.91
C ASP A 102 -46.81 3.82 0.96
N ALA A 103 -45.90 3.17 0.23
CA ALA A 103 -46.31 2.06 -0.61
C ALA A 103 -46.52 0.81 0.25
N PRO A 104 -47.40 -0.10 -0.19
CA PRO A 104 -47.63 -1.33 0.59
C PRO A 104 -46.32 -2.06 0.86
N SER A 105 -46.22 -2.65 2.05
CA SER A 105 -45.04 -3.42 2.39
C SER A 105 -44.87 -4.66 1.51
N ASP A 106 -45.96 -5.13 0.90
CA ASP A 106 -45.92 -6.27 -0.02
C ASP A 106 -45.98 -5.84 -1.48
N ALA A 107 -45.65 -4.59 -1.77
CA ALA A 107 -45.70 -4.11 -3.14
C ALA A 107 -44.66 -4.82 -4.00
N GLN A 108 -45.07 -5.20 -5.21
CA GLN A 108 -44.15 -5.85 -6.13
C GLN A 108 -43.12 -4.86 -6.63
N ILE A 109 -42.04 -5.38 -7.21
CA ILE A 109 -40.92 -4.51 -7.56
C ILE A 109 -41.31 -3.54 -8.68
N GLU A 110 -42.19 -3.96 -9.59
CA GLU A 110 -42.61 -3.06 -10.66
C GLU A 110 -43.34 -1.84 -10.10
N THR A 111 -44.15 -2.03 -9.06
CA THR A 111 -44.83 -0.91 -8.42
C THR A 111 -43.82 0.05 -7.78
N LEU A 112 -42.85 -0.50 -7.05
CA LEU A 112 -41.88 0.35 -6.37
C LEU A 112 -41.01 1.11 -7.36
N MET A 113 -40.59 0.45 -8.44
CA MET A 113 -39.76 1.13 -9.43
C MET A 113 -40.51 2.27 -10.11
N SER A 114 -41.79 2.06 -10.41
CA SER A 114 -42.57 3.11 -11.06
C SER A 114 -42.73 4.33 -10.14
N LEU A 115 -43.06 4.10 -8.87
CA LEU A 115 -43.12 5.20 -7.92
C LEU A 115 -41.77 5.89 -7.77
N MET A 116 -40.67 5.14 -7.88
CA MET A 116 -39.35 5.73 -7.70
C MET A 116 -39.05 6.74 -8.81
N VAL A 117 -39.42 6.41 -10.05
CA VAL A 117 -39.18 7.33 -11.16
C VAL A 117 -40.11 8.55 -11.04
N VAL A 118 -41.39 8.30 -10.78
CA VAL A 118 -42.36 9.39 -10.71
C VAL A 118 -41.95 10.41 -9.65
N ARG A 119 -41.53 9.93 -8.48
CA ARG A 119 -41.13 10.81 -7.39
C ARG A 119 -39.72 11.36 -7.55
N SER A 120 -39.03 11.02 -8.64
CA SER A 120 -37.72 11.58 -8.94
C SER A 120 -37.73 12.54 -10.12
N LEU A 121 -38.88 12.74 -10.77
CA LEU A 121 -38.92 13.60 -11.95
C LEU A 121 -38.44 15.02 -11.66
N PRO A 122 -38.85 15.68 -10.57
CA PRO A 122 -38.25 16.99 -10.27
C PRO A 122 -36.74 16.96 -10.19
N SER A 123 -36.17 15.91 -9.59
CA SER A 123 -34.72 15.78 -9.55
C SER A 123 -34.14 15.64 -10.95
N LEU A 124 -34.77 14.79 -11.77
CA LEU A 124 -34.30 14.62 -13.14
C LEU A 124 -34.43 15.93 -13.91
N ARG A 125 -35.48 16.70 -13.62
CA ARG A 125 -35.62 18.01 -14.26
C ARG A 125 -34.44 18.92 -13.93
N ASP A 126 -34.01 18.92 -12.67
CA ASP A 126 -32.89 19.76 -12.28
C ASP A 126 -31.57 19.25 -12.87
N LEU A 127 -31.40 17.92 -12.90
CA LEU A 127 -30.17 17.36 -13.47
C LEU A 127 -30.04 17.76 -14.93
N ILE A 128 -31.13 17.66 -15.69
CA ILE A 128 -31.11 18.10 -17.08
C ILE A 128 -30.91 19.62 -17.14
N ALA A 129 -31.49 20.35 -16.20
CA ALA A 129 -31.38 21.80 -16.21
C ALA A 129 -29.95 22.27 -15.99
N SER A 130 -29.13 21.48 -15.30
CA SER A 130 -27.75 21.89 -15.05
C SER A 130 -26.89 21.68 -16.30
N TYR A 131 -27.16 20.62 -17.06
CA TYR A 131 -26.41 20.39 -18.29
C TYR A 131 -26.81 21.38 -19.37
N SER A 132 -28.12 21.63 -19.52
CA SER A 132 -28.57 22.58 -20.52
C SER A 132 -28.11 24.00 -20.20
N ALA A 133 -28.14 24.37 -18.92
CA ALA A 133 -27.73 25.71 -18.53
C ALA A 133 -26.29 26.01 -18.92
N SER A 134 -25.46 24.98 -19.05
CA SER A 134 -24.05 25.15 -19.40
C SER A 134 -23.81 25.20 -20.90
N GLY A 135 -24.86 25.18 -21.71
CA GLY A 135 -24.72 25.19 -23.15
C GLY A 135 -24.57 23.83 -23.80
N ARG A 136 -24.62 22.75 -23.03
CA ARG A 136 -24.53 21.41 -23.60
C ARG A 136 -25.87 21.03 -24.23
N ARG A 137 -25.79 20.34 -25.37
CA ARG A 137 -26.98 19.85 -26.06
C ARG A 137 -27.33 18.48 -25.49
N VAL A 138 -28.46 18.39 -24.81
CA VAL A 138 -29.00 17.11 -24.35
C VAL A 138 -29.77 16.51 -25.53
N ALA A 139 -29.15 15.56 -26.22
CA ALA A 139 -29.69 15.06 -27.48
C ALA A 139 -30.74 13.96 -27.31
N ALA A 140 -30.74 13.25 -26.19
CA ALA A 140 -31.67 12.12 -26.04
C ALA A 140 -31.81 11.75 -24.57
N LEU A 141 -33.02 11.32 -24.21
CA LEU A 141 -33.31 10.75 -22.91
C LEU A 141 -33.65 9.28 -23.11
N VAL A 142 -32.82 8.39 -22.57
CA VAL A 142 -33.02 6.96 -22.67
C VAL A 142 -33.59 6.47 -21.35
N VAL A 143 -34.86 6.07 -21.36
CA VAL A 143 -35.55 5.57 -20.18
C VAL A 143 -35.61 4.05 -20.25
N ASP A 144 -35.41 3.41 -19.11
CA ASP A 144 -35.51 1.96 -19.04
C ASP A 144 -36.97 1.54 -19.26
N LEU A 145 -37.22 0.23 -19.26
CA LEU A 145 -38.54 -0.24 -19.66
C LEU A 145 -39.64 0.16 -18.68
N PHE A 146 -39.28 0.55 -17.46
CA PHE A 146 -40.24 0.97 -16.44
C PHE A 146 -39.99 2.39 -15.99
N ALA A 147 -39.56 3.24 -16.92
CA ALA A 147 -39.31 4.66 -16.66
C ALA A 147 -40.00 5.54 -17.69
N THR A 148 -41.11 5.05 -18.28
CA THR A 148 -41.78 5.81 -19.32
C THR A 148 -42.30 7.14 -18.79
N ASP A 149 -42.59 7.22 -17.49
CA ASP A 149 -43.06 8.48 -16.92
C ASP A 149 -42.03 9.59 -17.10
N ALA A 150 -40.76 9.23 -17.27
CA ALA A 150 -39.73 10.21 -17.56
C ALA A 150 -39.78 10.74 -18.98
N ILE A 151 -40.52 10.08 -19.87
CA ILE A 151 -40.66 10.59 -21.24
C ILE A 151 -41.35 11.95 -21.25
N ASP A 152 -42.26 12.18 -20.30
CA ASP A 152 -42.93 13.48 -20.25
C ASP A 152 -41.93 14.62 -20.10
N VAL A 153 -40.89 14.41 -19.30
CA VAL A 153 -39.87 15.44 -19.13
C VAL A 153 -39.15 15.70 -20.45
N ALA A 154 -38.77 14.63 -21.15
CA ALA A 154 -38.07 14.79 -22.42
C ALA A 154 -38.93 15.52 -23.45
N LEU A 155 -40.23 15.22 -23.48
CA LEU A 155 -41.11 15.86 -24.45
C LEU A 155 -41.26 17.34 -24.18
N GLU A 156 -41.37 17.73 -22.90
CA GLU A 156 -41.49 19.14 -22.58
C GLU A 156 -40.23 19.91 -22.95
N LEU A 157 -39.06 19.27 -22.83
CA LEU A 157 -37.78 19.91 -23.09
C LEU A 157 -37.25 19.65 -24.50
N GLY A 158 -38.10 19.15 -25.40
CA GLY A 158 -37.68 18.94 -26.78
C GLY A 158 -36.55 17.95 -26.96
N ILE A 159 -36.41 16.99 -26.05
CA ILE A 159 -35.37 15.97 -26.12
C ILE A 159 -35.98 14.69 -26.67
N ARG A 160 -35.23 14.02 -27.54
CA ARG A 160 -35.72 12.79 -28.16
C ARG A 160 -35.87 11.69 -27.12
N PRO A 161 -37.08 11.22 -26.82
CA PRO A 161 -37.22 10.14 -25.84
C PRO A 161 -37.07 8.77 -26.48
N PHE A 162 -36.11 7.99 -25.99
CA PHE A 162 -35.92 6.61 -26.42
C PHE A 162 -36.10 5.68 -25.22
N ILE A 163 -36.57 4.47 -25.50
CA ILE A 163 -36.77 3.43 -24.50
C ILE A 163 -35.77 2.31 -24.75
N PHE A 164 -35.03 1.94 -23.71
CA PHE A 164 -34.12 0.80 -23.77
C PHE A 164 -34.82 -0.40 -23.15
N PHE A 165 -34.93 -1.49 -23.91
CA PHE A 165 -35.61 -2.70 -23.45
C PHE A 165 -34.56 -3.77 -23.17
N PRO A 166 -34.18 -4.02 -21.91
CA PRO A 166 -33.13 -4.99 -21.63
C PRO A 166 -33.65 -6.41 -21.56
N SER A 167 -34.60 -6.75 -22.43
CA SER A 167 -35.24 -8.06 -22.39
C SER A 167 -35.48 -8.50 -23.84
N THR A 168 -36.33 -9.51 -24.01
CA THR A 168 -36.50 -10.14 -25.31
C THR A 168 -37.43 -9.33 -26.20
N ALA A 169 -37.22 -9.47 -27.52
CA ALA A 169 -38.18 -8.91 -28.48
C ALA A 169 -39.55 -9.52 -28.29
N MET A 170 -39.62 -10.77 -27.80
CA MET A 170 -40.89 -11.40 -27.50
C MET A 170 -41.63 -10.63 -26.41
N THR A 171 -40.93 -10.32 -25.31
CA THR A 171 -41.56 -9.59 -24.22
C THR A 171 -41.90 -8.17 -24.63
N LEU A 172 -41.08 -7.54 -25.46
CA LEU A 172 -41.43 -6.22 -25.99
C LEU A 172 -42.72 -6.29 -26.78
N SER A 173 -42.87 -7.30 -27.63
CA SER A 173 -44.13 -7.49 -28.34
C SER A 173 -45.28 -7.67 -27.35
N PHE A 174 -45.01 -8.33 -26.23
CA PHE A 174 -46.05 -8.50 -25.21
C PHE A 174 -46.46 -7.16 -24.62
N PHE A 175 -45.50 -6.27 -24.36
CA PHE A 175 -45.83 -4.95 -23.85
C PHE A 175 -46.72 -4.21 -24.84
N LEU A 176 -46.30 -4.15 -26.11
CA LEU A 176 -47.06 -3.39 -27.10
C LEU A 176 -48.44 -4.01 -27.32
N HIS A 177 -48.59 -5.30 -27.10
CA HIS A 177 -49.87 -5.99 -27.24
C HIS A 177 -50.66 -6.03 -25.95
N LEU A 178 -50.08 -5.60 -24.82
CA LEU A 178 -50.77 -5.74 -23.54
C LEU A 178 -52.07 -4.93 -23.51
N GLU A 179 -52.08 -3.76 -24.16
CA GLU A 179 -53.28 -2.94 -24.18
C GLU A 179 -54.43 -3.71 -24.83
N LYS A 180 -54.17 -4.35 -25.97
CA LYS A 180 -55.21 -5.12 -26.63
C LYS A 180 -55.56 -6.37 -25.85
N LEU A 181 -54.56 -7.02 -25.24
CA LEU A 181 -54.81 -8.22 -24.46
C LEU A 181 -55.67 -7.92 -23.25
N ASP A 182 -55.62 -6.68 -22.74
CA ASP A 182 -56.44 -6.30 -21.60
C ASP A 182 -57.87 -6.02 -22.03
N GLU A 183 -58.06 -5.45 -23.23
CA GLU A 183 -59.40 -5.13 -23.71
C GLU A 183 -60.17 -6.35 -24.17
N THR A 184 -59.50 -7.48 -24.40
CA THR A 184 -60.15 -8.68 -24.90
C THR A 184 -60.25 -9.81 -23.89
N VAL A 185 -59.40 -9.83 -22.86
CA VAL A 185 -59.44 -10.85 -21.82
C VAL A 185 -59.78 -10.16 -20.50
N SER A 186 -60.75 -10.71 -19.78
CA SER A 186 -61.21 -10.13 -18.53
C SER A 186 -60.75 -10.89 -17.28
N CYS A 187 -60.50 -12.19 -17.40
CA CYS A 187 -60.15 -13.01 -16.25
C CYS A 187 -58.64 -12.98 -15.99
N GLU A 188 -58.23 -13.62 -14.90
CA GLU A 188 -56.81 -13.80 -14.64
C GLU A 188 -56.18 -14.63 -15.76
N PHE A 189 -54.94 -14.30 -16.10
CA PHE A 189 -54.32 -14.93 -17.26
C PHE A 189 -54.04 -16.41 -17.02
N ALA A 190 -53.68 -16.79 -15.79
CA ALA A 190 -53.44 -18.18 -15.48
C ALA A 190 -54.69 -19.05 -15.59
N GLU A 191 -55.86 -18.44 -15.71
CA GLU A 191 -57.12 -19.17 -15.85
C GLU A 191 -57.47 -19.46 -17.30
N LEU A 192 -56.58 -19.14 -18.24
CA LEU A 192 -56.86 -19.37 -19.66
C LEU A 192 -56.57 -20.82 -20.03
N SER A 193 -57.42 -21.38 -20.89
CA SER A 193 -57.21 -22.73 -21.39
C SER A 193 -56.22 -22.73 -22.55
N ASP A 194 -56.41 -21.81 -23.52
CA ASP A 194 -55.50 -21.71 -24.65
C ASP A 194 -54.36 -20.75 -24.33
N PRO A 195 -53.21 -20.91 -24.99
CA PRO A 195 -52.10 -19.98 -24.76
C PRO A 195 -52.37 -18.63 -25.40
N VAL A 196 -51.69 -17.62 -24.87
CA VAL A 196 -51.85 -16.26 -25.39
C VAL A 196 -51.06 -16.14 -26.69
N GLN A 197 -51.69 -15.58 -27.72
CA GLN A 197 -51.08 -15.42 -29.03
C GLN A 197 -50.62 -13.97 -29.17
N ILE A 198 -49.32 -13.74 -28.97
CA ILE A 198 -48.75 -12.41 -29.09
C ILE A 198 -48.31 -12.23 -30.55
N PRO A 199 -48.50 -11.05 -31.14
CA PRO A 199 -48.09 -10.87 -32.55
C PRO A 199 -46.63 -11.22 -32.80
N GLY A 200 -46.40 -12.15 -33.71
CA GLY A 200 -45.06 -12.53 -34.11
C GLY A 200 -44.34 -13.48 -33.18
N CYS A 201 -44.93 -13.84 -32.05
CA CYS A 201 -44.29 -14.71 -31.06
C CYS A 201 -44.91 -16.09 -31.09
N ILE A 202 -44.37 -16.99 -30.26
CA ILE A 202 -44.92 -18.34 -30.12
C ILE A 202 -45.92 -18.32 -28.98
N PRO A 203 -46.91 -19.20 -28.97
CA PRO A 203 -47.89 -19.19 -27.87
C PRO A 203 -47.23 -19.33 -26.51
N VAL A 204 -47.80 -18.65 -25.53
CA VAL A 204 -47.37 -18.76 -24.14
C VAL A 204 -48.63 -18.93 -23.29
N HIS A 205 -48.61 -19.93 -22.41
CA HIS A 205 -49.72 -20.11 -21.48
C HIS A 205 -49.77 -18.98 -20.48
N GLY A 206 -50.98 -18.67 -20.02
CA GLY A 206 -51.15 -17.55 -19.10
C GLY A 206 -50.31 -17.67 -17.85
N LYS A 207 -50.07 -18.90 -17.39
CA LYS A 207 -49.29 -19.09 -16.18
C LYS A 207 -47.83 -18.73 -16.36
N ASP A 208 -47.33 -18.70 -17.60
CA ASP A 208 -45.94 -18.37 -17.89
C ASP A 208 -45.75 -16.92 -18.29
N LEU A 209 -46.82 -16.13 -18.37
CA LEU A 209 -46.66 -14.70 -18.65
C LEU A 209 -45.85 -14.04 -17.55
N ILE A 210 -45.33 -12.85 -17.85
CA ILE A 210 -44.44 -12.18 -16.91
C ILE A 210 -45.14 -11.98 -15.58
N ASP A 211 -44.35 -11.91 -14.51
CA ASP A 211 -44.90 -11.85 -13.16
C ASP A 211 -45.93 -10.74 -12.96
N PRO A 212 -45.67 -9.49 -13.36
CA PRO A 212 -46.61 -8.41 -13.00
C PRO A 212 -48.02 -8.59 -13.54
N VAL A 213 -48.24 -9.45 -14.55
CA VAL A 213 -49.59 -9.67 -15.05
C VAL A 213 -50.29 -10.83 -14.37
N GLN A 214 -49.61 -11.58 -13.50
CA GLN A 214 -50.22 -12.73 -12.86
C GLN A 214 -51.25 -12.35 -11.80
N ASP A 215 -51.36 -11.07 -11.45
CA ASP A 215 -52.37 -10.60 -10.51
C ASP A 215 -52.85 -9.25 -11.01
N ARG A 216 -54.02 -9.24 -11.67
CA ARG A 216 -54.56 -8.02 -12.26
C ARG A 216 -55.19 -7.09 -11.24
N LYS A 217 -55.35 -7.54 -9.99
CA LYS A 217 -55.82 -6.66 -8.92
C LYS A 217 -54.68 -5.91 -8.25
N ASN A 218 -53.43 -6.34 -8.46
CA ASN A 218 -52.28 -5.68 -7.87
C ASN A 218 -51.91 -4.42 -8.63
N ASP A 219 -51.37 -3.43 -7.90
CA ASP A 219 -50.90 -2.21 -8.53
C ASP A 219 -49.82 -2.47 -9.57
N ALA A 220 -49.13 -3.61 -9.50
CA ALA A 220 -48.09 -3.92 -10.47
C ALA A 220 -48.66 -4.04 -11.87
N TYR A 221 -49.86 -4.62 -12.00
CA TYR A 221 -50.46 -4.77 -13.31
C TYR A 221 -50.97 -3.44 -13.86
N LYS A 222 -51.53 -2.60 -12.99
CA LYS A 222 -51.96 -1.28 -13.44
C LYS A 222 -50.77 -0.45 -13.90
N TRP A 223 -49.65 -0.55 -13.19
CA TRP A 223 -48.44 0.15 -13.62
C TRP A 223 -47.91 -0.41 -14.92
N LEU A 224 -47.87 -1.74 -15.05
CA LEU A 224 -47.39 -2.35 -16.29
C LEU A 224 -48.21 -1.88 -17.48
N LEU A 225 -49.54 -1.84 -17.32
CA LEU A 225 -50.38 -1.30 -18.38
C LEU A 225 -50.06 0.16 -18.65
N HIS A 226 -49.87 0.94 -17.57
CA HIS A 226 -49.55 2.36 -17.72
C HIS A 226 -48.34 2.56 -18.64
N HIS A 227 -47.25 1.84 -18.37
CA HIS A 227 -46.04 2.01 -19.17
C HIS A 227 -46.26 1.55 -20.61
N SER A 228 -46.89 0.38 -20.79
CA SER A 228 -47.03 -0.17 -22.14
C SER A 228 -47.75 0.81 -23.05
N LYS A 229 -48.75 1.52 -22.54
CA LYS A 229 -49.47 2.48 -23.35
C LYS A 229 -48.61 3.69 -23.71
N ARG A 230 -47.51 3.90 -22.98
CA ARG A 230 -46.67 5.07 -23.16
C ARG A 230 -45.45 4.79 -24.04
N TYR A 231 -45.26 3.56 -24.50
CA TYR A 231 -44.16 3.26 -25.41
C TYR A 231 -44.27 4.02 -26.71
N LYS A 232 -45.51 4.32 -27.14
CA LYS A 232 -45.70 5.05 -28.38
C LYS A 232 -45.18 6.49 -28.30
N LEU A 233 -44.92 6.99 -27.09
CA LEU A 233 -44.42 8.34 -26.94
C LEU A 233 -42.93 8.45 -27.30
N ALA A 234 -42.22 7.33 -27.39
CA ALA A 234 -40.80 7.34 -27.67
C ALA A 234 -40.54 7.35 -29.16
N GLU A 235 -39.52 8.10 -29.58
CA GLU A 235 -39.10 8.07 -30.98
C GLU A 235 -38.52 6.73 -31.38
N GLY A 236 -38.18 5.87 -30.41
CA GLY A 236 -37.65 4.57 -30.72
C GLY A 236 -37.43 3.69 -29.51
N VAL A 237 -37.60 2.38 -29.69
CA VAL A 237 -37.32 1.40 -28.65
C VAL A 237 -36.05 0.65 -29.04
N ILE A 238 -35.09 0.64 -28.14
CA ILE A 238 -33.84 -0.08 -28.32
C ILE A 238 -33.94 -1.38 -27.54
N VAL A 239 -34.04 -2.50 -28.26
CA VAL A 239 -34.24 -3.82 -27.66
C VAL A 239 -32.95 -4.61 -27.78
N ASN A 240 -32.55 -5.24 -26.66
CA ASN A 240 -31.30 -5.99 -26.60
C ASN A 240 -31.53 -7.41 -27.14
N SER A 241 -31.75 -7.48 -28.45
CA SER A 241 -31.98 -8.74 -29.15
C SER A 241 -31.67 -8.52 -30.62
N PHE A 242 -31.73 -9.59 -31.40
CA PHE A 242 -31.45 -9.50 -32.83
C PHE A 242 -32.29 -10.53 -33.58
N GLU A 243 -32.36 -10.35 -34.91
CA GLU A 243 -33.28 -11.14 -35.72
C GLU A 243 -32.89 -12.62 -35.72
N GLY A 244 -31.60 -12.93 -35.81
CA GLY A 244 -31.17 -14.32 -35.79
C GLY A 244 -31.64 -15.06 -34.55
N LEU A 245 -31.89 -14.34 -33.47
CA LEU A 245 -32.31 -14.97 -32.21
C LEU A 245 -33.82 -14.99 -32.05
N GLU A 246 -34.53 -14.00 -32.59
CA GLU A 246 -35.99 -13.90 -32.49
C GLU A 246 -36.53 -13.40 -33.83
N GLY A 247 -36.55 -14.29 -34.83
CA GLY A 247 -36.98 -13.89 -36.16
C GLY A 247 -38.41 -13.37 -36.17
N GLY A 248 -39.32 -14.13 -35.57
CA GLY A 248 -40.72 -13.79 -35.58
C GLY A 248 -41.01 -12.44 -34.94
N PRO A 249 -40.70 -12.31 -33.65
CA PRO A 249 -41.00 -11.05 -32.95
C PRO A 249 -40.31 -9.85 -33.56
N ILE A 250 -39.04 -9.98 -33.96
CA ILE A 250 -38.29 -8.84 -34.47
C ILE A 250 -38.93 -8.32 -35.75
N ARG A 251 -39.22 -9.23 -36.69
CA ARG A 251 -39.84 -8.82 -37.95
C ARG A 251 -41.21 -8.18 -37.73
N GLU A 252 -41.95 -8.64 -36.72
CA GLU A 252 -43.23 -8.02 -36.42
C GLU A 252 -43.04 -6.64 -35.79
N LEU A 253 -42.00 -6.48 -34.97
CA LEU A 253 -41.75 -5.18 -34.36
C LEU A 253 -41.29 -4.16 -35.40
N LEU A 254 -40.45 -4.60 -36.34
CA LEU A 254 -39.97 -3.71 -37.39
C LEU A 254 -41.07 -3.32 -38.38
N HIS A 255 -42.23 -3.96 -38.32
CA HIS A 255 -43.35 -3.63 -39.20
C HIS A 255 -43.86 -2.24 -38.86
N PRO A 256 -43.72 -1.25 -39.74
CA PRO A 256 -44.17 0.11 -39.39
C PRO A 256 -45.68 0.17 -39.21
N GLU A 257 -46.10 0.68 -38.07
CA GLU A 257 -47.52 0.91 -37.78
C GLU A 257 -47.66 2.26 -37.10
N PRO A 258 -48.77 2.96 -37.32
CA PRO A 258 -49.04 4.19 -36.56
C PRO A 258 -49.35 3.86 -35.10
N GLY A 259 -48.82 4.66 -34.20
CA GLY A 259 -48.98 4.43 -32.78
C GLY A 259 -48.01 3.42 -32.20
N LYS A 260 -47.10 2.88 -33.01
CA LYS A 260 -46.07 1.97 -32.55
C LYS A 260 -44.71 2.58 -32.86
N PRO A 261 -43.79 2.65 -31.91
CA PRO A 261 -42.50 3.30 -32.17
C PRO A 261 -41.57 2.42 -32.99
N ARG A 262 -40.57 3.08 -33.57
CA ARG A 262 -39.54 2.36 -34.31
C ARG A 262 -38.68 1.56 -33.33
N VAL A 263 -38.27 0.36 -33.75
CA VAL A 263 -37.50 -0.55 -32.91
C VAL A 263 -36.11 -0.71 -33.50
N TYR A 264 -35.11 -0.75 -32.62
CA TYR A 264 -33.70 -0.82 -33.03
C TYR A 264 -33.05 -2.02 -32.33
N PRO A 265 -33.03 -3.18 -32.98
CA PRO A 265 -32.37 -4.35 -32.39
C PRO A 265 -30.86 -4.18 -32.36
N VAL A 266 -30.29 -4.11 -31.16
CA VAL A 266 -28.87 -3.87 -30.97
C VAL A 266 -28.18 -5.02 -30.23
N GLY A 267 -28.86 -6.14 -30.04
CA GLY A 267 -28.31 -7.24 -29.29
C GLY A 267 -27.36 -8.08 -30.10
N PRO A 268 -26.59 -8.94 -29.41
CA PRO A 268 -26.58 -9.11 -27.96
C PRO A 268 -25.58 -8.19 -27.26
N LEU A 269 -26.06 -7.40 -26.31
CA LEU A 269 -25.22 -6.51 -25.52
C LEU A 269 -24.89 -7.19 -24.21
N ILE A 270 -23.64 -7.62 -24.06
CA ILE A 270 -23.16 -8.27 -22.85
C ILE A 270 -21.78 -7.70 -22.52
N GLN A 271 -21.43 -7.78 -21.24
CA GLN A 271 -20.09 -7.37 -20.85
C GLN A 271 -19.05 -8.29 -21.48
N ALA A 272 -17.81 -7.83 -21.48
CA ALA A 272 -16.72 -8.67 -21.89
C ALA A 272 -16.19 -9.42 -20.68
N GLY A 273 -15.46 -10.50 -20.94
CA GLY A 273 -14.82 -11.26 -19.89
C GLY A 273 -13.57 -10.55 -19.40
N SER A 274 -12.80 -11.27 -18.60
CA SER A 274 -11.49 -10.79 -18.21
C SER A 274 -10.46 -10.96 -19.34
N CYS A 275 -10.94 -11.16 -20.56
CA CYS A 275 -10.05 -11.28 -21.71
C CYS A 275 -9.23 -10.00 -21.89
N GLU A 276 -9.89 -8.84 -21.79
CA GLU A 276 -9.19 -7.57 -21.84
C GLU A 276 -9.66 -6.59 -20.77
N LYS A 277 -10.30 -7.08 -19.70
CA LYS A 277 -10.77 -6.23 -18.62
C LYS A 277 -9.89 -6.44 -17.40
N GLY A 278 -8.67 -5.91 -17.48
CA GLY A 278 -7.71 -5.98 -16.40
C GLY A 278 -6.85 -7.23 -16.48
N ALA A 279 -5.69 -7.16 -15.82
CA ALA A 279 -4.77 -8.28 -15.72
C ALA A 279 -4.77 -8.79 -14.29
N ALA A 280 -4.96 -10.09 -14.12
CA ALA A 280 -5.01 -10.69 -12.79
C ALA A 280 -4.64 -12.16 -12.89
N ALA A 281 -4.48 -12.79 -11.73
CA ALA A 281 -4.18 -14.21 -11.65
C ALA A 281 -5.42 -15.03 -11.96
N ARG A 282 -5.19 -16.22 -12.53
CA ARG A 282 -6.29 -17.10 -12.93
C ARG A 282 -7.06 -17.57 -11.71
N PRO A 283 -8.39 -17.36 -11.64
CA PRO A 283 -9.14 -17.88 -10.49
C PRO A 283 -9.02 -19.39 -10.39
N GLU A 284 -9.18 -19.90 -9.17
CA GLU A 284 -9.07 -21.34 -8.95
C GLU A 284 -10.11 -22.10 -9.77
N CYS A 285 -11.34 -21.59 -9.83
CA CYS A 285 -12.40 -22.30 -10.53
C CYS A 285 -12.08 -22.44 -12.02
N LEU A 286 -11.42 -21.44 -12.62
CA LEU A 286 -11.05 -21.57 -14.02
C LEU A 286 -9.94 -22.60 -14.21
N LYS A 287 -8.97 -22.63 -13.28
CA LYS A 287 -7.95 -23.69 -13.33
C LYS A 287 -8.58 -25.07 -13.23
N TRP A 288 -9.61 -25.20 -12.39
CA TRP A 288 -10.31 -26.47 -12.30
C TRP A 288 -10.91 -26.87 -13.63
N LEU A 289 -11.50 -25.90 -14.35
CA LEU A 289 -12.08 -26.20 -15.66
C LEU A 289 -11.02 -26.62 -16.67
N ASP A 290 -9.79 -26.12 -16.52
CA ASP A 290 -8.74 -26.44 -17.49
C ASP A 290 -8.47 -27.94 -17.54
N GLN A 291 -8.55 -28.61 -16.39
CA GLN A 291 -8.25 -30.04 -16.32
C GLN A 291 -9.42 -30.90 -16.77
N GLN A 292 -10.64 -30.36 -16.77
CA GLN A 292 -11.79 -31.15 -17.19
C GLN A 292 -11.86 -31.25 -18.70
N PRO A 293 -12.57 -32.25 -19.24
CA PRO A 293 -12.65 -32.39 -20.71
C PRO A 293 -13.45 -31.27 -21.37
N ARG A 294 -13.59 -31.37 -22.68
CA ARG A 294 -14.26 -30.33 -23.47
C ARG A 294 -15.77 -30.47 -23.35
N GLY A 295 -16.44 -29.36 -23.02
CA GLY A 295 -17.89 -29.36 -22.94
C GLY A 295 -18.45 -30.42 -22.02
N SER A 296 -17.86 -30.60 -20.85
CA SER A 296 -18.26 -31.64 -19.92
C SER A 296 -18.73 -31.12 -18.57
N VAL A 297 -18.55 -29.84 -18.27
CA VAL A 297 -18.93 -29.27 -16.98
C VAL A 297 -20.24 -28.52 -17.13
N LEU A 298 -21.14 -28.73 -16.17
CA LEU A 298 -22.42 -28.03 -16.14
C LEU A 298 -22.30 -26.88 -15.14
N PHE A 299 -22.39 -25.65 -15.63
CA PHE A 299 -22.31 -24.48 -14.77
C PHE A 299 -23.71 -24.14 -14.25
N VAL A 300 -23.85 -24.12 -12.93
CA VAL A 300 -25.13 -23.88 -12.26
C VAL A 300 -25.01 -22.55 -11.53
N ASN A 301 -25.87 -21.59 -11.90
CA ASN A 301 -25.85 -20.27 -11.29
C ASN A 301 -27.18 -19.59 -11.56
N PHE A 302 -27.89 -19.21 -10.51
CA PHE A 302 -29.17 -18.52 -10.62
C PHE A 302 -29.02 -17.00 -10.52
N GLY A 303 -27.80 -16.49 -10.37
CA GLY A 303 -27.56 -15.06 -10.32
C GLY A 303 -27.99 -14.44 -9.00
N SER A 304 -27.50 -13.22 -8.74
CA SER A 304 -27.91 -12.50 -7.53
C SER A 304 -29.42 -12.33 -7.51
N GLY A 305 -30.01 -12.55 -6.35
CA GLY A 305 -31.45 -12.53 -6.21
C GLY A 305 -32.15 -13.80 -6.67
N GLY A 306 -31.40 -14.81 -7.11
CA GLY A 306 -31.98 -16.08 -7.48
C GLY A 306 -31.82 -17.12 -6.38
N VAL A 307 -32.50 -16.89 -5.27
CA VAL A 307 -32.38 -17.76 -4.10
C VAL A 307 -33.45 -18.84 -4.17
N LEU A 308 -33.09 -20.03 -3.69
CA LEU A 308 -33.99 -21.17 -3.64
C LEU A 308 -34.39 -21.47 -2.20
N SER A 309 -35.48 -22.22 -2.05
CA SER A 309 -35.89 -22.70 -0.74
C SER A 309 -34.99 -23.85 -0.31
N THR A 310 -34.89 -24.06 1.00
CA THR A 310 -34.06 -25.14 1.52
C THR A 310 -34.44 -26.47 0.90
N GLU A 311 -35.74 -26.70 0.68
CA GLU A 311 -36.17 -27.94 0.04
C GLU A 311 -35.79 -27.97 -1.44
N GLN A 312 -35.98 -26.85 -2.14
CA GLN A 312 -35.63 -26.82 -3.56
C GLN A 312 -34.12 -26.99 -3.75
N GLN A 313 -33.33 -26.36 -2.88
CA GLN A 313 -31.88 -26.53 -2.97
C GLN A 313 -31.46 -27.96 -2.66
N ASN A 314 -32.15 -28.62 -1.73
CA ASN A 314 -31.82 -30.00 -1.41
C ASN A 314 -32.05 -30.92 -2.61
N GLU A 315 -33.15 -30.71 -3.34
CA GLU A 315 -33.42 -31.52 -4.52
C GLU A 315 -32.30 -31.38 -5.53
N LEU A 316 -31.87 -30.15 -5.80
CA LEU A 316 -30.77 -29.94 -6.74
C LEU A 316 -29.47 -30.55 -6.20
N ALA A 317 -29.23 -30.41 -4.90
CA ALA A 317 -28.01 -30.97 -4.33
C ALA A 317 -28.02 -32.49 -4.36
N GLY A 318 -29.20 -33.11 -4.26
CA GLY A 318 -29.26 -34.55 -4.29
C GLY A 318 -28.95 -35.13 -5.66
N VAL A 319 -29.44 -34.48 -6.72
CA VAL A 319 -29.18 -34.97 -8.07
C VAL A 319 -27.69 -34.84 -8.40
N LEU A 320 -27.10 -33.69 -8.07
CA LEU A 320 -25.68 -33.50 -8.35
C LEU A 320 -24.83 -34.46 -7.51
N ALA A 321 -25.28 -34.80 -6.31
CA ALA A 321 -24.52 -35.70 -5.46
C ALA A 321 -24.46 -37.10 -6.06
N HIS A 322 -25.58 -37.58 -6.61
CA HIS A 322 -25.68 -38.94 -7.11
C HIS A 322 -25.49 -39.03 -8.62
N SER A 323 -25.29 -37.91 -9.30
CA SER A 323 -25.02 -37.92 -10.74
C SER A 323 -23.54 -38.12 -11.01
N GLN A 324 -23.23 -38.58 -12.22
CA GLN A 324 -21.86 -38.67 -12.69
C GLN A 324 -21.47 -37.45 -13.53
N GLN A 325 -22.27 -36.40 -13.50
CA GLN A 325 -22.04 -35.21 -14.31
C GLN A 325 -21.12 -34.25 -13.56
N ARG A 326 -20.20 -33.65 -14.31
CA ARG A 326 -19.32 -32.63 -13.74
C ARG A 326 -20.07 -31.30 -13.66
N PHE A 327 -19.99 -30.64 -12.51
CA PHE A 327 -20.75 -29.43 -12.28
C PHE A 327 -19.90 -28.39 -11.57
N LEU A 328 -20.20 -27.13 -11.86
CA LEU A 328 -19.61 -25.97 -11.18
C LEU A 328 -20.79 -25.15 -10.67
N TRP A 329 -21.04 -25.23 -9.37
CA TRP A 329 -22.30 -24.74 -8.78
C TRP A 329 -22.01 -23.52 -7.90
N VAL A 330 -22.65 -22.41 -8.22
CA VAL A 330 -22.62 -21.21 -7.39
C VAL A 330 -23.79 -21.28 -6.42
N VAL A 331 -23.48 -21.38 -5.13
CA VAL A 331 -24.48 -21.61 -4.10
C VAL A 331 -24.70 -20.34 -3.30
N ARG A 332 -25.95 -20.12 -2.89
CA ARG A 332 -26.34 -19.01 -2.04
C ARG A 332 -27.22 -19.54 -0.91
N PRO A 333 -27.26 -18.87 0.22
CA PRO A 333 -28.08 -19.34 1.34
C PRO A 333 -29.54 -19.35 0.97
N PRO A 334 -30.28 -20.41 1.30
CA PRO A 334 -31.72 -20.44 1.00
C PRO A 334 -32.49 -19.42 1.84
N ASN A 335 -33.76 -19.24 1.47
CA ASN A 335 -34.67 -18.38 2.20
C ASN A 335 -35.51 -19.14 3.20
N ASP A 336 -35.14 -20.38 3.52
CA ASP A 336 -35.89 -21.21 4.45
C ASP A 336 -37.31 -21.45 3.95
N PRO A 352 -22.72 -20.81 2.82
CA PRO A 352 -23.82 -21.67 2.38
C PRO A 352 -23.39 -23.10 2.04
N LEU A 353 -22.10 -23.30 1.80
CA LEU A 353 -21.61 -24.64 1.49
C LEU A 353 -21.66 -25.58 2.69
N LYS A 354 -22.02 -25.07 3.87
CA LYS A 354 -22.28 -25.91 5.04
C LYS A 354 -23.75 -26.22 5.20
N LEU A 355 -24.63 -25.50 4.51
CA LEU A 355 -26.05 -25.80 4.50
C LEU A 355 -26.41 -26.88 3.47
N LEU A 356 -25.41 -27.46 2.80
CA LEU A 356 -25.62 -28.52 1.85
C LEU A 356 -25.85 -29.84 2.58
N PRO A 357 -26.46 -30.83 1.92
CA PRO A 357 -26.78 -32.09 2.62
C PRO A 357 -25.53 -32.73 3.22
N GLU A 358 -25.78 -33.80 3.98
CA GLU A 358 -24.71 -34.47 4.70
C GLU A 358 -23.69 -35.05 3.74
N GLY A 359 -22.42 -34.72 3.97
CA GLY A 359 -21.34 -35.25 3.15
C GLY A 359 -21.47 -34.96 1.67
N PHE A 360 -22.15 -33.86 1.32
CA PHE A 360 -22.28 -33.51 -0.09
C PHE A 360 -20.93 -33.24 -0.73
N LEU A 361 -20.06 -32.49 -0.05
CA LEU A 361 -18.73 -32.20 -0.58
C LEU A 361 -17.89 -33.45 -0.69
N GLU A 362 -18.21 -34.50 0.07
CA GLU A 362 -17.47 -35.75 -0.02
C GLU A 362 -17.88 -36.54 -1.26
N GLN A 363 -19.17 -36.53 -1.61
CA GLN A 363 -19.61 -37.24 -2.81
C GLN A 363 -19.19 -36.51 -4.09
N THR A 364 -18.96 -35.20 -4.03
CA THR A 364 -18.67 -34.43 -5.23
C THR A 364 -17.36 -33.68 -5.11
N ALA A 365 -16.26 -34.41 -4.95
CA ALA A 365 -14.96 -33.79 -4.72
C ALA A 365 -14.34 -33.28 -6.03
N GLY A 366 -13.86 -34.21 -6.86
CA GLY A 366 -13.27 -33.84 -8.13
C GLY A 366 -14.24 -33.80 -9.29
N ARG A 367 -15.43 -34.34 -9.11
CA ARG A 367 -16.45 -34.28 -10.14
C ARG A 367 -17.08 -32.89 -10.21
N GLY A 368 -17.29 -32.28 -9.04
CA GLY A 368 -17.91 -30.97 -8.98
C GLY A 368 -17.14 -30.05 -8.06
N LEU A 369 -17.41 -28.75 -8.22
CA LEU A 369 -16.74 -27.71 -7.46
C LEU A 369 -17.79 -26.68 -7.04
N VAL A 370 -17.98 -26.52 -5.74
CA VAL A 370 -18.96 -25.58 -5.21
C VAL A 370 -18.30 -24.24 -4.97
N LEU A 371 -18.95 -23.17 -5.43
CA LEU A 371 -18.50 -21.81 -5.22
C LEU A 371 -19.54 -21.02 -4.43
N PRO A 372 -19.13 -20.21 -3.45
CA PRO A 372 -20.11 -19.48 -2.65
C PRO A 372 -20.47 -18.12 -3.21
N MET A 373 -21.76 -17.87 -3.41
CA MET A 373 -22.30 -16.55 -3.70
C MET A 373 -21.98 -16.04 -5.10
N TRP A 374 -20.71 -16.01 -5.48
CA TRP A 374 -20.30 -15.33 -6.71
C TRP A 374 -19.34 -16.20 -7.51
N ALA A 375 -19.31 -15.94 -8.82
CA ALA A 375 -18.39 -16.62 -9.73
C ALA A 375 -18.24 -15.76 -10.98
N PRO A 376 -17.08 -15.84 -11.66
CA PRO A 376 -16.92 -15.08 -12.90
C PRO A 376 -17.69 -15.71 -14.05
N GLN A 377 -18.97 -15.34 -14.17
CA GLN A 377 -19.88 -16.05 -15.07
C GLN A 377 -19.38 -16.06 -16.51
N ILE A 378 -18.91 -14.92 -17.01
CA ILE A 378 -18.54 -14.85 -18.42
C ILE A 378 -17.29 -15.67 -18.68
N ASP A 379 -16.31 -15.61 -17.78
CA ASP A 379 -15.12 -16.42 -17.96
C ASP A 379 -15.44 -17.92 -17.90
N VAL A 380 -16.43 -18.30 -17.11
CA VAL A 380 -16.84 -19.70 -17.07
C VAL A 380 -17.50 -20.10 -18.38
N LEU A 381 -18.48 -19.30 -18.84
CA LEU A 381 -19.19 -19.63 -20.06
C LEU A 381 -18.26 -19.65 -21.27
N SER A 382 -17.20 -18.84 -21.26
CA SER A 382 -16.28 -18.81 -22.37
C SER A 382 -15.28 -19.96 -22.34
N HIS A 383 -15.15 -20.63 -21.20
CA HIS A 383 -14.24 -21.78 -21.10
C HIS A 383 -14.75 -22.91 -21.98
N GLU A 384 -13.83 -23.66 -22.59
CA GLU A 384 -14.22 -24.75 -23.47
C GLU A 384 -14.82 -25.92 -22.69
N SER A 385 -14.44 -26.07 -21.42
CA SER A 385 -14.90 -27.20 -20.61
C SER A 385 -16.35 -27.05 -20.15
N THR A 386 -16.93 -25.86 -20.27
CA THR A 386 -18.33 -25.66 -19.91
C THR A 386 -19.21 -26.17 -21.05
N GLY A 387 -20.08 -27.13 -20.75
CA GLY A 387 -20.92 -27.72 -21.77
C GLY A 387 -22.40 -27.40 -21.58
N GLY A 388 -22.76 -26.89 -20.41
CA GLY A 388 -24.14 -26.56 -20.13
C GLY A 388 -24.24 -25.49 -19.07
N PHE A 389 -25.40 -24.85 -19.02
CA PHE A 389 -25.62 -23.71 -18.14
C PHE A 389 -27.03 -23.80 -17.55
N LEU A 390 -27.11 -24.05 -16.25
CA LEU A 390 -28.37 -24.07 -15.52
C LEU A 390 -28.58 -22.68 -14.94
N THR A 391 -29.45 -21.89 -15.56
CA THR A 391 -29.62 -20.48 -15.23
C THR A 391 -31.09 -20.19 -14.96
N HIS A 392 -31.34 -19.03 -14.37
CA HIS A 392 -32.69 -18.57 -14.12
C HIS A 392 -33.30 -17.87 -15.33
N CYS A 393 -32.57 -17.79 -16.44
CA CYS A 393 -33.02 -17.20 -17.69
C CYS A 393 -33.12 -15.68 -17.63
N GLY A 394 -32.41 -15.05 -16.70
CA GLY A 394 -32.22 -13.61 -16.82
C GLY A 394 -31.59 -13.29 -18.16
N TRP A 395 -32.11 -12.25 -18.81
CA TRP A 395 -31.75 -12.04 -20.21
C TRP A 395 -30.27 -11.74 -20.38
N ASN A 396 -29.64 -11.10 -19.39
CA ASN A 396 -28.19 -10.91 -19.49
C ASN A 396 -27.45 -12.25 -19.42
N SER A 397 -27.81 -13.10 -18.46
CA SER A 397 -27.18 -14.41 -18.37
C SER A 397 -27.48 -15.25 -19.61
N THR A 398 -28.72 -15.17 -20.10
CA THR A 398 -29.09 -15.91 -21.31
C THR A 398 -28.22 -15.49 -22.49
N LEU A 399 -28.07 -14.17 -22.68
CA LEU A 399 -27.30 -13.69 -23.83
C LEU A 399 -25.83 -14.06 -23.71
N GLU A 400 -25.28 -13.97 -22.50
CA GLU A 400 -23.89 -14.37 -22.31
C GLU A 400 -23.70 -15.85 -22.64
N SER A 401 -24.75 -16.66 -22.45
CA SER A 401 -24.65 -18.08 -22.78
C SER A 401 -24.84 -18.31 -24.28
N VAL A 402 -25.74 -17.56 -24.91
CA VAL A 402 -25.90 -17.65 -26.36
C VAL A 402 -24.63 -17.18 -27.05
N PHE A 403 -24.01 -16.12 -26.55
CA PHE A 403 -22.85 -15.55 -27.22
C PHE A 403 -21.69 -16.53 -27.25
N HIS A 404 -21.58 -17.39 -26.24
CA HIS A 404 -20.51 -18.39 -26.18
C HIS A 404 -21.01 -19.80 -26.51
N GLY A 405 -22.22 -19.92 -27.03
CA GLY A 405 -22.73 -21.19 -27.51
C GLY A 405 -22.82 -22.27 -26.46
N VAL A 406 -23.42 -21.96 -25.31
CA VAL A 406 -23.56 -22.90 -24.20
C VAL A 406 -25.04 -23.25 -24.06
N PRO A 407 -25.45 -24.50 -24.28
CA PRO A 407 -26.86 -24.84 -24.13
C PRO A 407 -27.32 -24.66 -22.70
N LEU A 408 -28.62 -24.45 -22.54
CA LEU A 408 -29.20 -24.03 -21.28
C LEU A 408 -30.11 -25.08 -20.66
N ILE A 409 -30.16 -25.05 -19.34
CA ILE A 409 -31.25 -25.62 -18.56
C ILE A 409 -32.08 -24.43 -18.08
N THR A 410 -33.23 -24.24 -18.68
CA THR A 410 -34.06 -23.06 -18.41
C THR A 410 -34.81 -23.28 -17.11
N TRP A 411 -34.43 -22.55 -16.06
CA TRP A 411 -34.99 -22.68 -14.72
C TRP A 411 -35.51 -21.32 -14.30
N PRO A 412 -36.56 -20.83 -14.95
CA PRO A 412 -37.03 -19.46 -14.68
C PRO A 412 -37.54 -19.31 -13.26
N LEU A 413 -37.50 -18.07 -12.77
CA LEU A 413 -37.86 -17.77 -11.40
C LEU A 413 -38.86 -16.61 -11.31
N TYR A 414 -38.48 -15.45 -11.82
CA TYR A 414 -39.28 -14.24 -11.64
C TYR A 414 -39.18 -13.36 -12.88
N ALA A 415 -39.89 -12.24 -12.85
CA ALA A 415 -39.87 -11.23 -13.92
C ALA A 415 -40.34 -11.92 -15.20
N GLU A 416 -39.61 -11.80 -16.32
CA GLU A 416 -40.01 -12.38 -17.59
C GLU A 416 -39.24 -13.65 -17.92
N GLN A 417 -38.62 -14.28 -16.93
CA GLN A 417 -37.77 -15.44 -17.20
C GLN A 417 -38.56 -16.63 -17.71
N LYS A 418 -39.79 -16.81 -17.24
CA LYS A 418 -40.60 -17.93 -17.73
C LYS A 418 -40.90 -17.78 -19.21
N MET A 419 -41.18 -16.55 -19.65
CA MET A 419 -41.36 -16.31 -21.08
C MET A 419 -40.05 -16.51 -21.83
N ASN A 420 -38.91 -16.20 -21.21
CA ASN A 420 -37.63 -16.48 -21.85
C ASN A 420 -37.36 -17.97 -21.92
N ALA A 421 -37.81 -18.74 -20.92
CA ALA A 421 -37.62 -20.18 -20.96
C ALA A 421 -38.46 -20.81 -22.08
N VAL A 422 -39.70 -20.35 -22.24
CA VAL A 422 -40.55 -20.87 -23.30
C VAL A 422 -39.94 -20.58 -24.66
N MET A 423 -39.42 -19.36 -24.86
CA MET A 423 -38.86 -18.99 -26.15
C MET A 423 -37.57 -19.75 -26.44
N LEU A 424 -36.81 -20.12 -25.41
CA LEU A 424 -35.54 -20.80 -25.62
C LEU A 424 -35.74 -22.29 -25.87
N THR A 425 -36.53 -22.94 -25.02
CA THR A 425 -36.67 -24.39 -25.08
C THR A 425 -37.62 -24.82 -26.18
N GLU A 426 -38.78 -24.17 -26.30
CA GLU A 426 -39.78 -24.55 -27.28
C GLU A 426 -39.69 -23.74 -28.58
N GLY A 427 -39.11 -22.54 -28.54
CA GLY A 427 -38.99 -21.72 -29.72
C GLY A 427 -37.70 -21.94 -30.48
N LEU A 428 -36.57 -21.71 -29.81
CA LEU A 428 -35.26 -21.88 -30.42
C LEU A 428 -34.71 -23.28 -30.26
N ARG A 429 -35.25 -24.07 -29.32
CA ARG A 429 -34.78 -25.43 -29.08
C ARG A 429 -33.28 -25.44 -28.75
N VAL A 430 -32.89 -24.57 -27.83
CA VAL A 430 -31.51 -24.49 -27.35
C VAL A 430 -31.41 -24.83 -25.87
N GLY A 431 -32.47 -25.35 -25.27
CA GLY A 431 -32.44 -25.70 -23.87
C GLY A 431 -33.52 -26.69 -23.51
N LEU A 432 -33.52 -27.10 -22.24
CA LEU A 432 -34.52 -27.98 -21.69
C LEU A 432 -35.07 -27.34 -20.41
N ARG A 433 -36.38 -27.48 -20.20
CA ARG A 433 -37.05 -26.87 -19.06
C ARG A 433 -37.55 -27.94 -18.12
N PRO A 434 -37.04 -28.04 -16.89
CA PRO A 434 -37.64 -28.98 -15.93
C PRO A 434 -39.03 -28.51 -15.52
N SER A 435 -39.95 -29.47 -15.39
CA SER A 435 -41.33 -29.16 -15.06
C SER A 435 -41.49 -28.95 -13.56
N VAL A 436 -42.11 -27.84 -13.19
CA VAL A 436 -42.37 -27.54 -11.79
C VAL A 436 -43.60 -28.29 -11.31
N GLY A 437 -43.56 -28.71 -10.04
CA GLY A 437 -44.71 -29.37 -9.43
C GLY A 437 -45.74 -28.36 -8.95
N LYS A 438 -46.88 -28.89 -8.51
CA LYS A 438 -47.95 -28.03 -8.00
C LYS A 438 -47.56 -27.32 -6.71
N ASP A 439 -46.53 -27.79 -6.01
CA ASP A 439 -46.06 -27.13 -4.80
C ASP A 439 -44.91 -26.16 -5.08
N GLY A 440 -44.70 -25.79 -6.34
CA GLY A 440 -43.63 -24.88 -6.69
C GLY A 440 -42.24 -25.48 -6.67
N ILE A 441 -42.10 -26.72 -6.25
CA ILE A 441 -40.80 -27.37 -6.16
C ILE A 441 -40.52 -28.10 -7.47
N ILE A 442 -39.29 -28.00 -7.94
CA ILE A 442 -38.81 -28.77 -9.09
C ILE A 442 -38.08 -29.99 -8.54
N ARG A 443 -38.67 -31.16 -8.73
CA ARG A 443 -38.15 -32.36 -8.11
C ARG A 443 -36.90 -32.85 -8.82
N GLY A 444 -36.12 -33.68 -8.12
CA GLY A 444 -34.88 -34.18 -8.68
C GLY A 444 -35.07 -34.99 -9.95
N ALA A 445 -36.21 -35.66 -10.08
CA ALA A 445 -36.48 -36.42 -11.30
C ALA A 445 -36.43 -35.52 -12.52
N GLU A 446 -36.97 -34.31 -12.42
CA GLU A 446 -36.91 -33.38 -13.56
C GLU A 446 -35.51 -32.80 -13.72
N ILE A 447 -34.86 -32.44 -12.60
CA ILE A 447 -33.51 -31.89 -12.68
C ILE A 447 -32.58 -32.88 -13.37
N ALA A 448 -32.59 -34.13 -12.91
CA ALA A 448 -31.74 -35.15 -13.52
C ALA A 448 -32.14 -35.44 -14.95
N ARG A 449 -33.44 -35.38 -15.26
CA ARG A 449 -33.90 -35.65 -16.62
C ARG A 449 -33.30 -34.66 -17.60
N VAL A 450 -33.47 -33.36 -17.33
CA VAL A 450 -32.99 -32.36 -18.28
C VAL A 450 -31.47 -32.37 -18.35
N ILE A 451 -30.79 -32.51 -17.22
CA ILE A 451 -29.34 -32.60 -17.23
C ILE A 451 -28.89 -33.78 -18.08
N GLY A 452 -29.54 -34.94 -17.91
CA GLY A 452 -29.17 -36.10 -18.70
C GLY A 452 -29.40 -35.89 -20.19
N GLU A 453 -30.59 -35.45 -20.56
CA GLU A 453 -30.90 -35.26 -21.97
C GLU A 453 -30.01 -34.20 -22.63
N LEU A 454 -29.45 -33.29 -21.82
CA LEU A 454 -28.65 -32.19 -22.38
C LEU A 454 -27.20 -32.62 -22.61
N MET A 455 -26.52 -33.05 -21.54
CA MET A 455 -25.10 -33.37 -21.67
C MET A 455 -24.90 -34.62 -22.50
N GLU A 456 -25.75 -35.62 -22.32
CA GLU A 456 -25.74 -36.83 -23.13
C GLU A 456 -26.98 -36.82 -24.04
N GLY A 457 -27.35 -37.99 -24.56
CA GLY A 457 -28.53 -38.09 -25.40
C GLY A 457 -28.39 -37.43 -26.75
N GLU A 458 -29.38 -37.62 -27.62
CA GLU A 458 -29.35 -37.03 -28.95
C GLU A 458 -30.09 -35.70 -29.06
N GLU A 459 -31.02 -35.41 -28.16
CA GLU A 459 -31.61 -34.06 -28.17
C GLU A 459 -30.60 -33.05 -27.67
N GLY A 460 -29.80 -33.41 -26.67
CA GLY A 460 -28.71 -32.56 -26.26
C GLY A 460 -27.63 -32.43 -27.31
N LYS A 461 -27.60 -33.35 -28.28
CA LYS A 461 -26.69 -33.22 -29.40
C LYS A 461 -27.23 -32.22 -30.42
N ARG A 462 -28.55 -32.26 -30.65
CA ARG A 462 -29.17 -31.27 -31.53
C ARG A 462 -29.27 -29.92 -30.84
N ILE A 463 -29.49 -29.91 -29.53
CA ILE A 463 -29.58 -28.64 -28.80
C ILE A 463 -28.24 -27.92 -28.85
N ARG A 464 -27.14 -28.66 -28.80
CA ARG A 464 -25.84 -28.00 -28.86
C ARG A 464 -25.56 -27.46 -30.26
N SER A 465 -25.80 -28.28 -31.29
CA SER A 465 -25.56 -27.83 -32.66
C SER A 465 -26.37 -26.58 -32.97
N LYS A 466 -27.64 -26.57 -32.57
CA LYS A 466 -28.47 -25.39 -32.79
C LYS A 466 -27.91 -24.19 -32.03
N MET A 467 -27.40 -24.42 -30.82
CA MET A 467 -26.86 -23.32 -30.03
C MET A 467 -25.59 -22.75 -30.65
N GLN A 468 -24.82 -23.58 -31.36
CA GLN A 468 -23.64 -23.06 -32.06
C GLN A 468 -24.06 -22.14 -33.21
N GLU A 469 -25.17 -22.45 -33.89
CA GLU A 469 -25.65 -21.58 -34.95
C GLU A 469 -25.96 -20.19 -34.40
N LEU A 470 -26.57 -20.12 -33.21
CA LEU A 470 -26.85 -18.81 -32.62
C LEU A 470 -25.58 -18.11 -32.19
N LYS A 471 -24.61 -18.86 -31.67
CA LYS A 471 -23.31 -18.26 -31.32
C LYS A 471 -22.71 -17.57 -32.52
N ARG A 472 -22.59 -18.28 -33.65
CA ARG A 472 -22.03 -17.67 -34.85
C ARG A 472 -22.88 -16.47 -35.30
N ALA A 473 -24.20 -16.57 -35.14
CA ALA A 473 -25.06 -15.45 -35.49
C ALA A 473 -24.86 -14.27 -34.55
N ALA A 474 -24.62 -14.55 -33.26
CA ALA A 474 -24.44 -13.47 -32.29
C ALA A 474 -23.21 -12.63 -32.63
N SER A 475 -22.08 -13.29 -32.90
CA SER A 475 -20.89 -12.56 -33.31
C SER A 475 -21.08 -11.89 -34.66
N ALA A 476 -22.01 -12.39 -35.49
CA ALA A 476 -22.23 -11.81 -36.80
C ALA A 476 -22.89 -10.45 -36.70
N VAL A 477 -24.00 -10.36 -35.96
CA VAL A 477 -24.73 -9.10 -35.85
C VAL A 477 -23.93 -8.03 -35.13
N LEU A 478 -22.82 -8.39 -34.49
CA LEU A 478 -21.97 -7.43 -33.79
C LEU A 478 -20.73 -7.07 -34.58
N SER A 479 -20.59 -7.57 -35.80
CA SER A 479 -19.45 -7.29 -36.65
C SER A 479 -19.65 -5.98 -37.41
N LYS A 480 -18.64 -5.61 -38.20
CA LYS A 480 -18.77 -4.43 -39.05
C LYS A 480 -19.84 -4.60 -40.11
N ASP A 481 -20.20 -5.85 -40.45
CA ASP A 481 -21.30 -6.14 -41.34
C ASP A 481 -22.54 -6.59 -40.59
N GLY A 482 -22.64 -6.27 -39.30
CA GLY A 482 -23.71 -6.80 -38.48
C GLY A 482 -24.99 -5.99 -38.57
N SER A 483 -26.11 -6.66 -38.30
CA SER A 483 -27.40 -5.98 -38.27
C SER A 483 -27.51 -5.06 -37.07
N SER A 484 -26.91 -5.44 -35.94
CA SER A 484 -26.99 -4.63 -34.73
C SER A 484 -25.98 -3.49 -34.74
N THR A 485 -24.85 -3.66 -35.42
CA THR A 485 -23.92 -2.54 -35.56
C THR A 485 -24.57 -1.39 -36.31
N ARG A 486 -25.40 -1.71 -37.30
CA ARG A 486 -26.16 -0.69 -38.02
C ARG A 486 -27.18 -0.03 -37.10
N ALA A 487 -27.91 -0.82 -36.33
CA ALA A 487 -28.92 -0.27 -35.43
C ALA A 487 -28.35 0.79 -34.50
N LEU A 488 -27.19 0.52 -33.90
CA LEU A 488 -26.53 1.53 -33.08
C LEU A 488 -26.17 2.75 -33.91
N GLU A 489 -25.59 2.53 -35.09
CA GLU A 489 -25.22 3.65 -35.95
C GLU A 489 -26.41 4.52 -36.27
N GLU A 490 -27.55 3.91 -36.61
CA GLU A 490 -28.73 4.68 -36.96
C GLU A 490 -29.27 5.45 -35.74
N VAL A 491 -29.27 4.83 -34.56
CA VAL A 491 -29.73 5.51 -33.36
C VAL A 491 -28.83 6.71 -33.05
N ALA A 492 -27.52 6.55 -33.25
CA ALA A 492 -26.60 7.64 -33.00
C ALA A 492 -26.86 8.80 -33.95
N LYS A 493 -27.09 8.51 -35.23
CA LYS A 493 -27.34 9.55 -36.21
C LYS A 493 -28.61 10.32 -35.86
N ILE A 494 -29.65 9.61 -35.40
CA ILE A 494 -30.88 10.27 -34.98
C ILE A 494 -30.61 11.23 -33.82
N TRP A 495 -29.79 10.80 -32.86
CA TRP A 495 -29.45 11.68 -31.74
C TRP A 495 -28.68 12.91 -32.22
N GLU A 496 -27.95 12.78 -33.33
CA GLU A 496 -27.19 13.89 -33.91
C GLU A 496 -27.99 14.67 -34.94
N SER A 497 -29.15 14.16 -35.37
CA SER A 497 -29.90 14.79 -36.44
C SER A 497 -30.35 16.19 -36.03
N LYS A 498 -30.82 16.94 -37.03
CA LYS A 498 -31.22 18.34 -36.85
C LYS A 498 -30.04 19.15 -36.31
N THR B 32 8.61 28.31 6.06
CA THR B 32 8.33 28.38 7.48
C THR B 32 7.18 29.33 7.76
N ALA B 33 5.95 28.82 7.67
CA ALA B 33 4.77 29.61 7.97
C ALA B 33 4.40 29.48 9.45
N PRO B 34 3.65 30.43 9.98
CA PRO B 34 3.17 30.29 11.35
C PRO B 34 2.26 29.06 11.44
N PRO B 35 2.38 28.26 12.49
CA PRO B 35 1.53 27.08 12.60
C PRO B 35 0.14 27.45 13.11
N PRO B 36 -0.90 27.14 12.34
CA PRO B 36 -2.26 27.31 12.88
C PRO B 36 -2.47 26.41 14.08
N HIS B 37 -3.36 26.84 14.98
CA HIS B 37 -3.61 26.12 16.21
C HIS B 37 -4.84 25.23 16.06
N VAL B 38 -4.85 24.14 16.82
CA VAL B 38 -5.95 23.18 16.81
C VAL B 38 -6.22 22.76 18.24
N ILE B 39 -7.48 22.84 18.66
CA ILE B 39 -7.90 22.43 20.00
C ILE B 39 -8.55 21.06 19.91
N ILE B 40 -8.12 20.14 20.78
CA ILE B 40 -8.67 18.80 20.85
C ILE B 40 -9.43 18.65 22.16
N VAL B 41 -10.63 18.08 22.07
CA VAL B 41 -11.48 17.86 23.23
C VAL B 41 -11.72 16.35 23.36
N PRO B 42 -10.95 15.67 24.21
CA PRO B 42 -11.15 14.23 24.39
C PRO B 42 -12.36 13.93 25.26
N SER B 43 -12.89 12.72 25.07
CA SER B 43 -14.08 12.27 25.81
C SER B 43 -13.73 11.35 26.97
N ALA B 44 -13.16 10.18 26.69
CA ALA B 44 -12.99 9.15 27.69
C ALA B 44 -11.54 9.14 28.21
N GLY B 45 -11.11 8.01 28.77
CA GLY B 45 -9.84 7.93 29.46
C GLY B 45 -8.65 7.75 28.53
N MET B 46 -7.65 7.01 29.02
CA MET B 46 -6.41 6.85 28.28
C MET B 46 -6.65 6.20 26.92
N GLY B 47 -7.68 5.37 26.79
CA GLY B 47 -7.94 4.70 25.54
C GLY B 47 -8.21 5.65 24.39
N HIS B 48 -8.61 6.88 24.68
CA HIS B 48 -8.89 7.87 23.64
C HIS B 48 -7.75 8.87 23.46
N LEU B 49 -6.92 9.08 24.49
CA LEU B 49 -5.79 9.98 24.35
C LEU B 49 -4.73 9.41 23.42
N ILE B 50 -4.54 8.09 23.43
CA ILE B 50 -3.51 7.44 22.61
C ILE B 50 -3.77 7.73 21.14
N PRO B 51 -4.91 7.33 20.57
CA PRO B 51 -5.13 7.62 19.15
C PRO B 51 -5.19 9.10 18.83
N LEU B 52 -5.79 9.91 19.71
CA LEU B 52 -5.80 11.35 19.49
C LEU B 52 -4.37 11.90 19.41
N ALA B 53 -3.50 11.46 20.32
CA ALA B 53 -2.13 11.93 20.30
C ALA B 53 -1.42 11.51 19.02
N GLU B 54 -1.60 10.26 18.59
CA GLU B 54 -1.01 9.81 17.35
C GLU B 54 -1.55 10.60 16.16
N PHE B 55 -2.84 10.93 16.20
CA PHE B 55 -3.42 11.76 15.15
C PHE B 55 -2.73 13.12 15.09
N ALA B 56 -2.56 13.76 16.24
CA ALA B 56 -1.92 15.06 16.27
C ALA B 56 -0.42 14.95 15.95
N LYS B 57 0.24 13.92 16.46
CA LYS B 57 1.67 13.76 16.22
C LYS B 57 1.98 13.59 14.74
N ARG B 58 1.03 13.05 13.96
CA ARG B 58 1.26 12.85 12.54
C ARG B 58 1.00 14.11 11.72
N LEU B 59 0.37 15.13 12.30
CA LEU B 59 0.17 16.40 11.62
C LEU B 59 1.19 17.46 12.05
N LEU B 60 2.19 17.08 12.85
CA LEU B 60 3.22 18.02 13.27
C LEU B 60 4.28 18.15 12.17
N PRO B 61 4.97 19.30 12.10
CA PRO B 61 4.76 20.52 12.89
C PRO B 61 3.89 21.56 12.17
N ARG B 62 3.08 21.12 11.21
CA ARG B 62 2.22 22.05 10.48
C ARG B 62 1.27 22.78 11.42
N PHE B 63 0.93 22.16 12.56
CA PHE B 63 0.01 22.75 13.50
C PHE B 63 0.57 22.59 14.91
N THR B 64 0.10 23.45 15.81
CA THR B 64 0.27 23.28 17.24
C THR B 64 -1.08 22.84 17.81
N PHE B 65 -1.02 22.06 18.89
CA PHE B 65 -2.21 21.46 19.46
C PHE B 65 -2.30 21.75 20.95
N THR B 66 -3.52 21.70 21.47
CA THR B 66 -3.76 21.82 22.89
C THR B 66 -4.90 20.89 23.28
N PHE B 67 -4.63 19.96 24.18
CA PHE B 67 -5.65 19.09 24.73
C PHE B 67 -6.44 19.89 25.76
N ALA B 68 -7.66 20.29 25.40
CA ALA B 68 -8.60 20.88 26.35
C ALA B 68 -9.36 19.72 26.97
N VAL B 69 -8.88 19.26 28.13
CA VAL B 69 -9.36 18.03 28.75
C VAL B 69 -10.38 18.40 29.82
N PRO B 70 -11.67 18.12 29.63
CA PRO B 70 -12.62 18.30 30.74
C PRO B 70 -12.34 17.32 31.85
N THR B 71 -12.63 17.76 33.08
CA THR B 71 -12.38 16.94 34.26
C THR B 71 -13.57 17.03 35.21
N SER B 72 -13.84 15.92 35.88
CA SER B 72 -14.78 15.88 36.99
C SER B 72 -14.08 15.60 38.31
N GLY B 73 -12.77 15.82 38.37
CA GLY B 73 -11.97 15.52 39.53
C GLY B 73 -10.49 15.59 39.21
N PRO B 74 -9.65 15.23 40.17
CA PRO B 74 -8.20 15.28 39.94
C PRO B 74 -7.80 14.40 38.78
N PRO B 75 -7.13 14.95 37.76
CA PRO B 75 -6.66 14.11 36.65
C PRO B 75 -5.70 13.03 37.16
N SER B 76 -5.83 11.84 36.59
CA SER B 76 -4.98 10.73 37.00
C SER B 76 -3.53 10.99 36.61
N SER B 77 -2.61 10.47 37.42
CA SER B 77 -1.19 10.64 37.12
C SER B 77 -0.81 9.98 35.81
N SER B 78 -1.54 8.93 35.41
CA SER B 78 -1.30 8.32 34.11
C SER B 78 -1.64 9.28 32.98
N GLN B 79 -2.80 9.94 33.08
CA GLN B 79 -3.16 10.93 32.07
C GLN B 79 -2.13 12.06 32.02
N ARG B 80 -1.72 12.55 33.19
CA ARG B 80 -0.76 13.65 33.25
C ARG B 80 0.57 13.22 32.62
N ASP B 81 1.10 12.08 33.05
CA ASP B 81 2.41 11.64 32.57
C ASP B 81 2.40 11.38 31.07
N PHE B 82 1.29 10.84 30.54
CA PHE B 82 1.24 10.55 29.11
C PHE B 82 1.21 11.83 28.29
N LEU B 83 0.30 12.75 28.62
CA LEU B 83 0.16 13.95 27.81
C LEU B 83 1.41 14.83 27.87
N SER B 84 2.09 14.86 29.01
CA SER B 84 3.31 15.64 29.12
C SER B 84 4.49 15.00 28.40
N SER B 85 4.35 13.76 27.93
CA SER B 85 5.41 13.09 27.18
C SER B 85 5.28 13.27 25.67
N LEU B 86 4.21 13.91 25.21
CA LEU B 86 4.03 14.16 23.79
C LEU B 86 4.99 15.26 23.35
N PRO B 87 5.18 15.43 22.06
CA PRO B 87 6.00 16.56 21.57
C PRO B 87 5.48 17.89 22.09
N ALA B 88 6.36 18.89 22.06
CA ALA B 88 6.02 20.19 22.63
C ALA B 88 4.87 20.85 21.88
N SER B 89 4.74 20.59 20.58
CA SER B 89 3.66 21.18 19.81
C SER B 89 2.29 20.72 20.30
N ILE B 90 2.21 19.72 21.17
CA ILE B 90 0.95 19.23 21.68
C ILE B 90 0.85 19.57 23.17
N ASP B 91 0.29 20.73 23.48
CA ASP B 91 0.12 21.14 24.87
C ASP B 91 -1.13 20.49 25.45
N THR B 92 -1.27 20.63 26.77
CA THR B 92 -2.41 20.08 27.50
C THR B 92 -2.96 21.12 28.46
N SER B 93 -4.29 21.21 28.51
CA SER B 93 -4.97 22.15 29.41
C SER B 93 -6.13 21.41 30.07
N PHE B 94 -5.94 21.04 31.34
CA PHE B 94 -7.00 20.40 32.11
C PHE B 94 -7.98 21.46 32.57
N LEU B 95 -9.17 21.48 31.96
CA LEU B 95 -10.15 22.50 32.29
C LEU B 95 -10.54 22.37 33.77
N PRO B 96 -10.90 23.48 34.41
CA PRO B 96 -11.37 23.41 35.80
C PRO B 96 -12.46 22.35 35.97
N GLU B 97 -12.31 21.52 36.99
CA GLU B 97 -13.22 20.39 37.17
C GLU B 97 -14.64 20.88 37.43
N VAL B 98 -15.60 20.06 37.02
CA VAL B 98 -17.01 20.35 37.19
C VAL B 98 -17.58 19.38 38.22
N ASP B 99 -18.81 19.65 38.65
CA ASP B 99 -19.47 18.88 39.70
C ASP B 99 -20.46 17.92 39.06
N LEU B 100 -20.18 16.62 39.15
CA LEU B 100 -21.06 15.59 38.63
C LEU B 100 -21.74 14.80 39.76
N SER B 101 -21.70 15.32 40.99
CA SER B 101 -22.30 14.62 42.12
C SER B 101 -23.82 14.62 42.06
N ASP B 102 -24.42 15.57 41.35
CA ASP B 102 -25.87 15.59 41.22
C ASP B 102 -26.39 14.54 40.25
N ALA B 103 -25.51 13.91 39.49
CA ALA B 103 -25.90 12.81 38.62
C ALA B 103 -26.06 11.54 39.45
N PRO B 104 -26.90 10.61 38.99
CA PRO B 104 -27.08 9.35 39.75
C PRO B 104 -25.73 8.67 39.99
N SER B 105 -25.61 8.06 41.17
CA SER B 105 -24.40 7.31 41.49
C SER B 105 -24.21 6.12 40.57
N ASP B 106 -25.28 5.63 39.95
CA ASP B 106 -25.23 4.52 39.01
C ASP B 106 -25.31 4.99 37.56
N ALA B 107 -25.01 6.26 37.31
CA ALA B 107 -25.05 6.78 35.94
C ALA B 107 -23.96 6.14 35.10
N GLN B 108 -24.29 5.82 33.85
CA GLN B 108 -23.31 5.23 32.96
C GLN B 108 -22.26 6.28 32.56
N ILE B 109 -21.15 5.78 32.02
CA ILE B 109 -20.01 6.66 31.73
C ILE B 109 -20.33 7.61 30.60
N GLU B 110 -21.15 7.19 29.63
CA GLU B 110 -21.48 8.08 28.51
C GLU B 110 -22.24 9.30 29.01
N THR B 111 -23.13 9.12 29.99
CA THR B 111 -23.83 10.27 30.56
C THR B 111 -22.86 11.19 31.29
N LEU B 112 -21.95 10.62 32.07
CA LEU B 112 -21.01 11.46 32.83
C LEU B 112 -20.09 12.25 31.91
N MET B 113 -19.59 11.61 30.85
CA MET B 113 -18.69 12.32 29.95
C MET B 113 -19.41 13.45 29.23
N SER B 114 -20.66 13.22 28.82
CA SER B 114 -21.41 14.26 28.13
C SER B 114 -21.70 15.44 29.07
N LEU B 115 -22.12 15.14 30.30
CA LEU B 115 -22.30 16.21 31.29
C LEU B 115 -20.98 16.92 31.55
N MET B 116 -19.87 16.19 31.49
CA MET B 116 -18.56 16.80 31.76
C MET B 116 -18.19 17.79 30.66
N VAL B 117 -18.49 17.47 29.40
CA VAL B 117 -18.16 18.37 28.31
C VAL B 117 -19.05 19.60 28.34
N VAL B 118 -20.36 19.39 28.49
CA VAL B 118 -21.30 20.52 28.46
C VAL B 118 -20.98 21.53 29.56
N ARG B 119 -20.70 21.03 30.76
CA ARG B 119 -20.42 21.91 31.88
C ARG B 119 -19.00 22.46 31.87
N SER B 120 -18.20 22.12 30.86
CA SER B 120 -16.86 22.67 30.71
C SER B 120 -16.76 23.64 29.54
N LEU B 121 -17.83 23.86 28.80
CA LEU B 121 -17.77 24.77 27.66
C LEU B 121 -17.33 26.17 28.05
N PRO B 122 -17.85 26.78 29.13
CA PRO B 122 -17.31 28.09 29.53
C PRO B 122 -15.81 28.07 29.74
N SER B 123 -15.28 27.00 30.34
CA SER B 123 -13.83 26.87 30.48
C SER B 123 -13.16 26.78 29.12
N LEU B 124 -13.73 25.98 28.21
CA LEU B 124 -13.18 25.87 26.87
C LEU B 124 -13.23 27.21 26.13
N ARG B 125 -14.37 27.90 26.22
CA ARG B 125 -14.48 29.22 25.61
C ARG B 125 -13.35 30.14 26.06
N ASP B 126 -13.04 30.12 27.37
CA ASP B 126 -11.95 30.95 27.86
C ASP B 126 -10.61 30.49 27.29
N LEU B 127 -10.41 29.17 27.19
CA LEU B 127 -9.16 28.65 26.65
C LEU B 127 -8.95 29.10 25.21
N ILE B 128 -9.99 28.98 24.38
CA ILE B 128 -9.86 29.41 22.99
C ILE B 128 -9.69 30.92 22.91
N ALA B 129 -10.35 31.67 23.81
CA ALA B 129 -10.25 33.11 23.76
C ALA B 129 -8.84 33.58 24.07
N SER B 130 -8.07 32.79 24.81
CA SER B 130 -6.69 33.15 25.11
C SER B 130 -5.78 32.94 23.91
N TYR B 131 -6.04 31.90 23.11
CA TYR B 131 -5.25 31.69 21.90
C TYR B 131 -5.62 32.69 20.82
N SER B 132 -6.92 32.96 20.64
CA SER B 132 -7.34 33.92 19.62
C SER B 132 -6.87 35.34 19.98
N ALA B 133 -6.92 35.69 21.27
CA ALA B 133 -6.54 37.03 21.69
C ALA B 133 -5.09 37.35 21.36
N SER B 134 -4.24 36.34 21.23
CA SER B 134 -2.83 36.54 20.94
C SER B 134 -2.53 36.64 19.45
N GLY B 135 -3.56 36.64 18.60
CA GLY B 135 -3.36 36.68 17.17
C GLY B 135 -3.20 35.32 16.52
N ARG B 136 -3.30 34.24 17.29
CA ARG B 136 -3.18 32.89 16.75
C ARG B 136 -4.47 32.50 16.05
N ARG B 137 -4.34 31.83 14.91
CA ARG B 137 -5.50 31.32 14.17
C ARG B 137 -5.81 29.91 14.68
N VAL B 138 -6.97 29.75 15.32
CA VAL B 138 -7.46 28.44 15.71
C VAL B 138 -8.12 27.82 14.49
N ALA B 139 -7.42 26.92 13.82
CA ALA B 139 -7.85 26.43 12.51
C ALA B 139 -8.87 25.31 12.60
N ALA B 140 -8.96 24.60 13.72
CA ALA B 140 -9.85 23.45 13.81
C ALA B 140 -10.09 23.10 15.26
N LEU B 141 -11.31 22.65 15.54
CA LEU B 141 -11.68 22.07 16.82
C LEU B 141 -12.00 20.60 16.59
N VAL B 142 -11.19 19.71 17.17
CA VAL B 142 -11.38 18.28 17.04
C VAL B 142 -12.01 17.78 18.32
N VAL B 143 -13.26 17.36 18.24
CA VAL B 143 -14.01 16.85 19.39
C VAL B 143 -14.08 15.34 19.29
N ASP B 144 -13.96 14.67 20.44
CA ASP B 144 -14.09 13.22 20.49
C ASP B 144 -15.53 12.81 20.20
N LEU B 145 -15.78 11.50 20.22
CA LEU B 145 -17.07 10.98 19.80
C LEU B 145 -18.22 11.36 20.72
N PHE B 146 -17.93 11.72 21.98
CA PHE B 146 -18.96 12.08 22.94
C PHE B 146 -18.76 13.50 23.47
N ALA B 147 -18.26 14.39 22.61
CA ALA B 147 -18.06 15.80 22.96
C ALA B 147 -18.67 16.71 21.90
N THR B 148 -19.69 16.22 21.20
CA THR B 148 -20.26 16.97 20.09
C THR B 148 -20.83 18.32 20.54
N ASP B 149 -21.26 18.43 21.80
CA ASP B 149 -21.79 19.70 22.28
C ASP B 149 -20.75 20.81 22.19
N ALA B 150 -19.47 20.49 22.12
CA ALA B 150 -18.44 21.50 21.93
C ALA B 150 -18.42 22.04 20.51
N ILE B 151 -19.12 21.40 19.57
CA ILE B 151 -19.19 21.91 18.21
C ILE B 151 -19.85 23.29 18.19
N ASP B 152 -20.79 23.53 19.12
CA ASP B 152 -21.45 24.83 19.18
C ASP B 152 -20.43 25.95 19.37
N VAL B 153 -19.41 25.71 20.19
CA VAL B 153 -18.38 26.73 20.40
C VAL B 153 -17.62 26.98 19.11
N ALA B 154 -17.24 25.91 18.39
CA ALA B 154 -16.51 26.08 17.14
C ALA B 154 -17.35 26.85 16.12
N LEU B 155 -18.65 26.59 16.07
CA LEU B 155 -19.50 27.25 15.09
C LEU B 155 -19.62 28.75 15.39
N GLU B 156 -19.72 29.11 16.67
CA GLU B 156 -19.83 30.52 17.03
C GLU B 156 -18.53 31.27 16.71
N LEU B 157 -17.39 30.62 16.87
CA LEU B 157 -16.09 31.27 16.73
C LEU B 157 -15.48 31.10 15.35
N GLY B 158 -16.27 30.65 14.37
CA GLY B 158 -15.75 30.49 13.02
C GLY B 158 -14.64 29.47 12.92
N ILE B 159 -14.62 28.49 13.81
CA ILE B 159 -13.61 27.44 13.83
C ILE B 159 -14.21 26.19 13.19
N ARG B 160 -13.42 25.51 12.38
CA ARG B 160 -13.87 24.31 11.70
C ARG B 160 -14.09 23.19 12.71
N PRO B 161 -15.31 22.69 12.92
CA PRO B 161 -15.50 21.57 13.85
C PRO B 161 -15.30 20.23 13.16
N PHE B 162 -14.36 19.44 13.65
CA PHE B 162 -14.15 18.08 13.20
C PHE B 162 -14.37 17.14 14.37
N ILE B 163 -14.84 15.93 14.05
CA ILE B 163 -15.08 14.89 15.06
C ILE B 163 -14.08 13.78 14.82
N PHE B 164 -13.39 13.39 15.88
CA PHE B 164 -12.48 12.23 15.85
C PHE B 164 -13.21 11.04 16.46
N PHE B 165 -13.32 9.95 15.69
CA PHE B 165 -14.00 8.74 16.13
C PHE B 165 -12.95 7.67 16.40
N PRO B 166 -12.60 7.42 17.66
CA PRO B 166 -11.53 6.44 17.95
C PRO B 166 -12.03 5.01 17.99
N SER B 167 -12.94 4.65 17.10
CA SER B 167 -13.51 3.30 17.08
C SER B 167 -13.68 2.89 15.61
N THR B 168 -14.47 1.85 15.38
CA THR B 168 -14.58 1.26 14.05
C THR B 168 -15.54 2.06 13.18
N ALA B 169 -15.29 1.99 11.86
CA ALA B 169 -16.26 2.54 10.91
C ALA B 169 -17.60 1.85 11.05
N MET B 170 -17.61 0.60 11.51
CA MET B 170 -18.86 -0.09 11.77
C MET B 170 -19.67 0.64 12.83
N THR B 171 -19.02 0.98 13.95
CA THR B 171 -19.73 1.71 15.01
C THR B 171 -20.06 3.12 14.55
N LEU B 172 -19.19 3.74 13.75
CA LEU B 172 -19.51 5.05 13.19
C LEU B 172 -20.73 4.96 12.29
N SER B 173 -20.78 3.95 11.42
CA SER B 173 -21.97 3.73 10.62
C SER B 173 -23.19 3.53 11.51
N PHE B 174 -23.00 2.85 12.64
CA PHE B 174 -24.10 2.67 13.58
C PHE B 174 -24.56 4.00 14.16
N PHE B 175 -23.61 4.87 14.49
CA PHE B 175 -23.97 6.19 15.02
C PHE B 175 -24.78 6.97 13.98
N LEU B 176 -24.28 7.06 12.75
CA LEU B 176 -24.98 7.83 11.72
C LEU B 176 -26.34 7.22 11.40
N HIS B 177 -26.49 5.91 11.57
CA HIS B 177 -27.75 5.23 11.34
C HIS B 177 -28.63 5.18 12.59
N LEU B 178 -28.11 5.66 13.73
CA LEU B 178 -28.84 5.54 14.99
C LEU B 178 -30.18 6.26 14.94
N GLU B 179 -30.24 7.41 14.27
CA GLU B 179 -31.48 8.15 14.19
C GLU B 179 -32.56 7.35 13.48
N LYS B 180 -32.23 6.76 12.33
CA LYS B 180 -33.21 5.98 11.59
C LYS B 180 -33.55 4.69 12.32
N LEU B 181 -32.56 4.04 12.95
CA LEU B 181 -32.83 2.81 13.67
C LEU B 181 -33.71 3.06 14.89
N ASP B 182 -33.69 4.28 15.44
CA ASP B 182 -34.52 4.59 16.60
C ASP B 182 -35.98 4.82 16.24
N GLU B 183 -36.23 5.45 15.09
CA GLU B 183 -37.59 5.73 14.67
C GLU B 183 -38.31 4.48 14.14
N THR B 184 -37.58 3.40 13.88
CA THR B 184 -38.16 2.19 13.31
C THR B 184 -38.27 1.05 14.32
N VAL B 185 -37.48 1.08 15.39
CA VAL B 185 -37.52 0.06 16.44
C VAL B 185 -38.01 0.73 17.72
N SER B 186 -39.02 0.12 18.35
CA SER B 186 -39.62 0.68 19.56
C SER B 186 -39.22 -0.07 20.83
N CYS B 187 -38.88 -1.35 20.72
CA CYS B 187 -38.56 -2.16 21.89
C CYS B 187 -37.07 -2.07 22.22
N GLU B 188 -36.70 -2.68 23.35
CA GLU B 188 -35.31 -2.78 23.71
C GLU B 188 -34.55 -3.58 22.65
N PHE B 189 -33.29 -3.21 22.43
CA PHE B 189 -32.53 -3.86 21.36
C PHE B 189 -32.22 -5.32 21.71
N ALA B 190 -32.01 -5.62 22.98
CA ALA B 190 -31.80 -7.01 23.39
C ALA B 190 -33.05 -7.85 23.19
N GLU B 191 -34.21 -7.25 22.93
CA GLU B 191 -35.45 -7.96 22.69
C GLU B 191 -35.65 -8.28 21.20
N LEU B 192 -34.69 -7.97 20.35
CA LEU B 192 -34.82 -8.23 18.93
C LEU B 192 -34.45 -9.69 18.62
N SER B 193 -35.24 -10.31 17.74
CA SER B 193 -34.97 -11.67 17.30
C SER B 193 -33.97 -11.73 16.15
N ASP B 194 -34.18 -10.89 15.13
CA ASP B 194 -33.29 -10.84 13.97
C ASP B 194 -32.17 -9.83 14.20
N PRO B 195 -31.04 -10.00 13.52
CA PRO B 195 -29.94 -9.05 13.69
C PRO B 195 -30.23 -7.70 13.02
N VAL B 196 -29.58 -6.67 13.54
CA VAL B 196 -29.72 -5.32 13.00
C VAL B 196 -28.85 -5.19 11.76
N GLN B 197 -29.41 -4.61 10.70
CA GLN B 197 -28.71 -4.44 9.43
C GLN B 197 -28.27 -2.98 9.32
N ILE B 198 -26.99 -2.73 9.56
CA ILE B 198 -26.43 -1.38 9.48
C ILE B 198 -25.99 -1.15 8.04
N PRO B 199 -26.22 0.03 7.46
CA PRO B 199 -25.80 0.27 6.07
C PRO B 199 -24.32 0.00 5.86
N GLY B 200 -24.02 -0.91 4.94
CA GLY B 200 -22.66 -1.22 4.57
C GLY B 200 -21.93 -2.14 5.51
N CYS B 201 -22.54 -2.52 6.64
CA CYS B 201 -21.91 -3.36 7.63
C CYS B 201 -22.52 -4.76 7.59
N ILE B 202 -22.00 -5.62 8.46
CA ILE B 202 -22.49 -6.99 8.59
C ILE B 202 -23.56 -7.03 9.67
N PRO B 203 -24.52 -7.96 9.62
CA PRO B 203 -25.55 -8.01 10.65
C PRO B 203 -24.97 -8.18 12.05
N VAL B 204 -25.64 -7.55 13.01
CA VAL B 204 -25.29 -7.67 14.43
C VAL B 204 -26.58 -7.90 15.22
N HIS B 205 -26.55 -8.87 16.12
CA HIS B 205 -27.68 -9.07 17.02
C HIS B 205 -27.80 -7.91 17.99
N GLY B 206 -29.03 -7.61 18.40
CA GLY B 206 -29.26 -6.48 19.26
C GLY B 206 -28.51 -6.55 20.58
N LYS B 207 -28.28 -7.75 21.10
CA LYS B 207 -27.61 -7.89 22.39
C LYS B 207 -26.13 -7.52 22.31
N ASP B 208 -25.54 -7.51 21.13
CA ASP B 208 -24.12 -7.19 20.96
C ASP B 208 -23.88 -5.73 20.59
N LEU B 209 -24.93 -4.93 20.44
CA LEU B 209 -24.73 -3.51 20.19
C LEU B 209 -24.04 -2.86 21.39
N ILE B 210 -23.52 -1.65 21.16
CA ILE B 210 -22.72 -0.97 22.17
C ILE B 210 -23.54 -0.83 23.47
N ASP B 211 -22.82 -0.72 24.58
CA ASP B 211 -23.46 -0.71 25.90
C ASP B 211 -24.57 0.32 26.04
N PRO B 212 -24.39 1.59 25.69
CA PRO B 212 -25.41 2.60 26.04
C PRO B 212 -26.77 2.38 25.41
N VAL B 213 -26.88 1.54 24.37
CA VAL B 213 -28.18 1.31 23.74
C VAL B 213 -28.96 0.15 24.34
N GLN B 214 -28.35 -0.61 25.26
CA GLN B 214 -29.03 -1.75 25.85
C GLN B 214 -30.10 -1.35 26.85
N ASP B 215 -30.21 -0.07 27.18
CA ASP B 215 -31.25 0.44 28.07
C ASP B 215 -31.67 1.81 27.52
N ARG B 216 -32.80 1.84 26.81
CA ARG B 216 -33.26 3.06 26.15
C ARG B 216 -33.93 4.03 27.12
N LYS B 217 -34.18 3.62 28.36
CA LYS B 217 -34.69 4.52 29.38
C LYS B 217 -33.58 5.24 30.14
N ASN B 218 -32.34 4.79 30.01
CA ASN B 218 -31.22 5.44 30.68
C ASN B 218 -30.84 6.71 29.93
N ASP B 219 -30.39 7.72 30.68
CA ASP B 219 -29.93 8.94 30.05
C ASP B 219 -28.77 8.70 29.10
N ALA B 220 -28.05 7.58 29.26
CA ALA B 220 -26.92 7.30 28.37
C ALA B 220 -27.37 7.13 26.93
N TYR B 221 -28.54 6.51 26.72
CA TYR B 221 -29.02 6.31 25.35
C TYR B 221 -29.51 7.63 24.75
N LYS B 222 -30.17 8.46 25.55
CA LYS B 222 -30.59 9.77 25.06
C LYS B 222 -29.38 10.62 24.69
N TRP B 223 -28.30 10.51 25.48
CA TRP B 223 -27.07 11.22 25.14
C TRP B 223 -26.45 10.67 23.86
N LEU B 224 -26.42 9.35 23.70
CA LEU B 224 -25.91 8.76 22.47
C LEU B 224 -26.69 9.26 21.27
N LEU B 225 -28.02 9.32 21.39
CA LEU B 225 -28.83 9.89 20.32
C LEU B 225 -28.48 11.36 20.11
N HIS B 226 -28.30 12.11 21.20
CA HIS B 226 -27.96 13.52 21.10
C HIS B 226 -26.71 13.72 20.24
N HIS B 227 -25.64 12.98 20.54
CA HIS B 227 -24.39 13.15 19.82
C HIS B 227 -24.53 12.68 18.37
N SER B 228 -25.14 11.52 18.16
CA SER B 228 -25.18 10.93 16.82
C SER B 228 -25.85 11.87 15.83
N LYS B 229 -26.90 12.57 16.24
CA LYS B 229 -27.58 13.49 15.33
C LYS B 229 -26.74 14.72 15.02
N ARG B 230 -25.72 15.00 15.81
CA ARG B 230 -24.93 16.21 15.66
C ARG B 230 -23.67 16.00 14.81
N TYR B 231 -23.43 14.78 14.33
CA TYR B 231 -22.27 14.53 13.49
C TYR B 231 -22.35 15.34 12.20
N LYS B 232 -23.56 15.64 11.72
CA LYS B 232 -23.72 16.41 10.50
C LYS B 232 -23.21 17.84 10.64
N LEU B 233 -23.01 18.32 11.88
CA LEU B 233 -22.49 19.66 12.11
C LEU B 233 -20.99 19.75 11.88
N ALA B 234 -20.30 18.61 11.78
CA ALA B 234 -18.86 18.61 11.60
C ALA B 234 -18.51 18.72 10.12
N GLU B 235 -17.47 19.49 9.83
CA GLU B 235 -16.95 19.54 8.46
C GLU B 235 -16.35 18.21 8.05
N GLY B 236 -16.09 17.32 8.99
CA GLY B 236 -15.55 16.02 8.69
C GLY B 236 -15.43 15.16 9.93
N VAL B 237 -15.60 13.84 9.77
CA VAL B 237 -15.42 12.87 10.84
C VAL B 237 -14.12 12.12 10.57
N ILE B 238 -13.23 12.11 11.55
CA ILE B 238 -11.96 11.41 11.43
C ILE B 238 -12.10 10.09 12.18
N VAL B 239 -12.15 8.99 11.41
CA VAL B 239 -12.38 7.65 11.96
C VAL B 239 -11.07 6.89 11.91
N ASN B 240 -10.73 6.23 13.02
CA ASN B 240 -9.46 5.52 13.14
C ASN B 240 -9.60 4.09 12.58
N SER B 241 -9.71 4.02 11.25
CA SER B 241 -9.81 2.76 10.55
C SER B 241 -9.42 3.01 9.10
N PHE B 242 -9.40 1.94 8.30
CA PHE B 242 -9.04 2.06 6.89
C PHE B 242 -9.84 1.03 6.08
N GLU B 243 -9.82 1.22 4.77
CA GLU B 243 -10.71 0.45 3.89
C GLU B 243 -10.38 -1.04 3.91
N GLY B 244 -9.10 -1.40 3.89
CA GLY B 244 -8.71 -2.80 3.93
C GLY B 244 -9.25 -3.54 5.14
N LEU B 245 -9.56 -2.83 6.23
CA LEU B 245 -10.01 -3.47 7.45
C LEU B 245 -11.53 -3.53 7.55
N GLU B 246 -12.24 -2.56 6.96
CA GLU B 246 -13.71 -2.51 6.98
C GLU B 246 -14.15 -2.04 5.59
N GLY B 247 -14.07 -2.95 4.62
CA GLY B 247 -14.38 -2.58 3.24
C GLY B 247 -15.81 -2.09 3.08
N GLY B 248 -16.77 -2.86 3.61
CA GLY B 248 -18.17 -2.52 3.47
C GLY B 248 -18.50 -1.18 4.08
N PRO B 249 -18.31 -1.05 5.39
CA PRO B 249 -18.69 0.21 6.06
C PRO B 249 -17.94 1.41 5.53
N ILE B 250 -16.64 1.29 5.25
CA ILE B 250 -15.86 2.44 4.81
C ILE B 250 -16.37 2.96 3.47
N ARG B 251 -16.56 2.06 2.51
CA ARG B 251 -17.06 2.49 1.21
C ARG B 251 -18.48 3.04 1.32
N GLU B 252 -19.27 2.52 2.26
CA GLU B 252 -20.61 3.05 2.48
C GLU B 252 -20.55 4.43 3.13
N LEU B 253 -19.58 4.64 4.02
CA LEU B 253 -19.44 5.95 4.66
C LEU B 253 -18.91 6.99 3.68
N LEU B 254 -17.94 6.60 2.84
CA LEU B 254 -17.36 7.54 1.88
C LEU B 254 -18.35 7.92 0.78
N HIS B 255 -19.46 7.23 0.67
CA HIS B 255 -20.51 7.56 -0.28
C HIS B 255 -21.19 8.87 0.12
N PRO B 256 -21.05 9.96 -0.64
CA PRO B 256 -21.65 11.23 -0.23
C PRO B 256 -23.17 11.16 -0.20
N GLU B 257 -23.75 11.58 0.92
CA GLU B 257 -25.19 11.67 1.10
C GLU B 257 -25.54 13.01 1.70
N PRO B 258 -26.72 13.54 1.41
CA PRO B 258 -27.15 14.78 2.08
C PRO B 258 -27.43 14.52 3.55
N GLY B 259 -26.99 15.45 4.39
CA GLY B 259 -27.14 15.32 5.82
C GLY B 259 -26.10 14.44 6.49
N LYS B 260 -25.12 13.94 5.75
CA LYS B 260 -24.06 13.10 6.29
C LYS B 260 -22.71 13.78 6.12
N PRO B 261 -21.87 13.85 7.16
CA PRO B 261 -20.59 14.54 7.03
C PRO B 261 -19.57 13.70 6.28
N ARG B 262 -18.55 14.40 5.77
CA ARG B 262 -17.45 13.74 5.09
C ARG B 262 -16.62 12.94 6.10
N VAL B 263 -16.15 11.78 5.67
CA VAL B 263 -15.42 10.85 6.53
C VAL B 263 -13.99 10.72 6.01
N TYR B 264 -13.04 10.67 6.94
CA TYR B 264 -11.61 10.62 6.63
C TYR B 264 -10.99 9.42 7.34
N PRO B 265 -10.92 8.27 6.69
CA PRO B 265 -10.26 7.12 7.32
C PRO B 265 -8.76 7.32 7.42
N VAL B 266 -8.25 7.41 8.66
CA VAL B 266 -6.85 7.68 8.90
C VAL B 266 -6.17 6.58 9.71
N GLY B 267 -6.85 5.46 9.90
CA GLY B 267 -6.31 4.38 10.72
C GLY B 267 -5.34 3.52 9.96
N PRO B 268 -4.59 2.68 10.71
CA PRO B 268 -4.60 2.56 12.17
C PRO B 268 -3.61 3.48 12.87
N LEU B 269 -4.10 4.29 13.81
CA LEU B 269 -3.27 5.20 14.59
C LEU B 269 -2.93 4.51 15.90
N ILE B 270 -1.67 4.06 16.04
CA ILE B 270 -1.22 3.36 17.23
C ILE B 270 0.17 3.85 17.61
N GLN B 271 0.50 3.66 18.90
CA GLN B 271 1.82 4.00 19.40
C GLN B 271 2.88 3.12 18.76
N ALA B 272 4.13 3.57 18.83
CA ALA B 272 5.29 2.79 18.45
C ALA B 272 5.84 2.04 19.66
N GLY B 273 6.70 1.05 19.39
CA GLY B 273 7.34 0.31 20.45
C GLY B 273 8.51 1.08 21.06
N SER B 274 9.22 0.38 21.96
CA SER B 274 10.45 0.90 22.56
C SER B 274 11.63 0.69 21.61
N CYS B 275 11.56 1.39 20.48
CA CYS B 275 12.63 1.34 19.48
C CYS B 275 12.79 2.71 18.83
N GLU B 276 11.67 3.36 18.52
CA GLU B 276 11.68 4.72 18.00
C GLU B 276 11.58 5.76 19.11
N LYS B 277 11.84 5.36 20.36
CA LYS B 277 11.82 6.27 21.49
C LYS B 277 13.24 6.45 21.97
N GLY B 278 13.70 5.66 22.94
CA GLY B 278 15.07 5.77 23.42
C GLY B 278 15.65 4.41 23.74
N ALA B 279 16.98 4.36 23.77
CA ALA B 279 17.68 3.15 24.11
C ALA B 279 17.35 2.71 25.54
N ALA B 280 17.05 1.42 25.71
CA ALA B 280 16.70 0.90 27.01
C ALA B 280 17.12 -0.55 27.10
N ALA B 281 17.09 -1.10 28.30
CA ALA B 281 17.40 -2.50 28.51
C ALA B 281 16.20 -3.35 28.11
N ARG B 282 16.49 -4.54 27.59
CA ARG B 282 15.40 -5.40 27.13
C ARG B 282 14.56 -5.86 28.33
N PRO B 283 13.25 -5.63 28.32
CA PRO B 283 12.42 -6.07 29.44
C PRO B 283 12.50 -7.57 29.69
N GLU B 284 12.16 -7.97 30.92
CA GLU B 284 12.25 -9.37 31.30
C GLU B 284 11.40 -10.25 30.39
N CYS B 285 10.18 -9.81 30.09
CA CYS B 285 9.26 -10.65 29.31
C CYS B 285 9.76 -10.86 27.89
N LEU B 286 10.39 -9.85 27.29
CA LEU B 286 10.92 -10.02 25.93
C LEU B 286 12.10 -10.98 25.90
N LYS B 287 12.95 -10.92 26.94
CA LYS B 287 14.02 -11.92 27.04
C LYS B 287 13.43 -13.33 27.09
N TRP B 288 12.33 -13.50 27.84
CA TRP B 288 11.66 -14.79 27.87
C TRP B 288 11.10 -15.15 26.50
N LEU B 289 10.51 -14.18 25.80
CA LEU B 289 9.94 -14.45 24.48
C LEU B 289 11.01 -14.84 23.48
N ASP B 290 12.24 -14.34 23.64
CA ASP B 290 13.31 -14.68 22.70
C ASP B 290 13.56 -16.18 22.69
N GLN B 291 13.44 -16.83 23.85
CA GLN B 291 13.73 -18.26 23.95
C GLN B 291 12.58 -19.13 23.45
N GLN B 292 11.37 -18.60 23.39
CA GLN B 292 10.22 -19.40 22.96
C GLN B 292 10.18 -19.52 21.44
N PRO B 293 9.47 -20.53 20.92
CA PRO B 293 9.40 -20.70 19.46
C PRO B 293 8.63 -19.59 18.76
N ARG B 294 8.51 -19.71 17.44
CA ARG B 294 7.89 -18.66 16.63
C ARG B 294 6.37 -18.78 16.69
N GLY B 295 5.71 -17.67 17.00
CA GLY B 295 4.25 -17.65 17.00
C GLY B 295 3.62 -18.70 17.87
N SER B 296 4.16 -18.90 19.07
CA SER B 296 3.69 -19.94 19.97
C SER B 296 3.18 -19.44 21.31
N VAL B 297 3.37 -18.16 21.63
CA VAL B 297 2.98 -17.61 22.92
C VAL B 297 1.65 -16.86 22.77
N LEU B 298 0.75 -17.09 23.71
CA LEU B 298 -0.54 -16.41 23.77
C LEU B 298 -0.45 -15.27 24.78
N PHE B 299 -0.55 -14.04 24.31
CA PHE B 299 -0.51 -12.86 25.17
C PHE B 299 -1.92 -12.57 25.67
N VAL B 300 -2.09 -12.58 27.00
CA VAL B 300 -3.38 -12.35 27.63
C VAL B 300 -3.31 -11.03 28.39
N ASN B 301 -4.18 -10.10 28.01
CA ASN B 301 -4.19 -8.78 28.64
C ASN B 301 -5.54 -8.13 28.33
N PHE B 302 -6.28 -7.80 29.37
CA PHE B 302 -7.57 -7.15 29.23
C PHE B 302 -7.49 -5.63 29.39
N GLY B 303 -6.30 -5.10 29.61
CA GLY B 303 -6.11 -3.66 29.69
C GLY B 303 -6.62 -3.05 30.98
N SER B 304 -6.15 -1.84 31.30
CA SER B 304 -6.65 -1.13 32.46
C SER B 304 -8.15 -0.95 32.36
N GLY B 305 -8.85 -1.17 33.47
CA GLY B 305 -10.30 -1.19 33.46
C GLY B 305 -10.90 -2.47 32.93
N GLY B 306 -10.09 -3.44 32.55
CA GLY B 306 -10.56 -4.75 32.14
C GLY B 306 -10.40 -5.77 33.24
N VAL B 307 -11.16 -5.60 34.30
CA VAL B 307 -11.05 -6.45 35.49
C VAL B 307 -12.01 -7.62 35.35
N LEU B 308 -11.61 -8.76 35.89
CA LEU B 308 -12.42 -9.98 35.89
C LEU B 308 -12.92 -10.25 37.31
N SER B 309 -13.99 -11.03 37.39
CA SER B 309 -14.47 -11.47 38.69
C SER B 309 -13.58 -12.59 39.23
N THR B 310 -13.58 -12.74 40.55
CA THR B 310 -12.77 -13.79 41.17
C THR B 310 -13.11 -15.15 40.56
N GLU B 311 -14.38 -15.38 40.25
CA GLU B 311 -14.78 -16.63 39.61
C GLU B 311 -14.30 -16.68 38.16
N GLN B 312 -14.47 -15.58 37.42
CA GLN B 312 -14.04 -15.55 36.03
C GLN B 312 -12.53 -15.67 35.91
N GLN B 313 -11.79 -15.02 36.79
CA GLN B 313 -10.33 -15.13 36.77
C GLN B 313 -9.90 -16.56 37.10
N ASN B 314 -10.62 -17.22 38.00
CA ASN B 314 -10.29 -18.60 38.33
C ASN B 314 -10.45 -19.51 37.12
N GLU B 315 -11.52 -19.30 36.34
CA GLU B 315 -11.73 -20.11 35.14
C GLU B 315 -10.58 -19.96 34.16
N LEU B 316 -10.16 -18.72 33.89
CA LEU B 316 -9.06 -18.50 32.96
C LEU B 316 -7.77 -19.09 33.50
N ALA B 317 -7.53 -18.95 34.81
CA ALA B 317 -6.31 -19.50 35.39
C ALA B 317 -6.29 -21.03 35.36
N GLY B 318 -7.46 -21.66 35.47
CA GLY B 318 -7.50 -23.11 35.46
C GLY B 318 -7.20 -23.70 34.10
N VAL B 319 -7.69 -23.07 33.03
CA VAL B 319 -7.44 -23.58 31.68
C VAL B 319 -5.96 -23.45 31.34
N LEU B 320 -5.36 -22.29 31.63
CA LEU B 320 -3.95 -22.10 31.32
C LEU B 320 -3.07 -23.04 32.12
N ALA B 321 -3.48 -23.40 33.34
CA ALA B 321 -2.66 -24.27 34.17
C ALA B 321 -2.55 -25.67 33.58
N HIS B 322 -3.67 -26.22 33.10
CA HIS B 322 -3.70 -27.61 32.63
C HIS B 322 -3.59 -27.72 31.10
N SER B 323 -3.48 -26.60 30.40
CA SER B 323 -3.29 -26.62 28.96
C SER B 323 -1.81 -26.77 28.63
N GLN B 324 -1.53 -27.19 27.40
CA GLN B 324 -0.17 -27.27 26.91
C GLN B 324 0.28 -26.00 26.19
N GLN B 325 -0.50 -24.93 26.29
CA GLN B 325 -0.22 -23.69 25.57
C GLN B 325 0.69 -22.77 26.37
N ARG B 326 1.64 -22.16 25.66
CA ARG B 326 2.50 -21.14 26.27
C ARG B 326 1.75 -19.82 26.32
N PHE B 327 1.80 -19.14 27.47
CA PHE B 327 1.03 -17.92 27.65
C PHE B 327 1.86 -16.87 28.37
N LEU B 328 1.55 -15.61 28.06
CA LEU B 328 2.12 -14.44 28.74
C LEU B 328 0.94 -13.61 29.24
N TRP B 329 0.68 -13.67 30.54
CA TRP B 329 -0.57 -13.18 31.11
C TRP B 329 -0.31 -11.94 31.97
N VAL B 330 -1.00 -10.85 31.65
CA VAL B 330 -1.02 -9.66 32.49
C VAL B 330 -2.21 -9.79 33.44
N VAL B 331 -1.92 -9.90 34.74
CA VAL B 331 -2.93 -10.22 35.75
C VAL B 331 -3.25 -8.97 36.55
N ARG B 332 -4.52 -8.84 36.92
CA ARG B 332 -5.01 -7.74 37.75
C ARG B 332 -5.89 -8.29 38.87
N PRO B 333 -5.98 -7.58 39.99
CA PRO B 333 -6.83 -8.04 41.09
C PRO B 333 -8.29 -8.08 40.68
N PRO B 334 -9.04 -9.12 41.07
CA PRO B 334 -10.47 -9.17 40.71
C PRO B 334 -11.27 -8.08 41.41
N ASN B 335 -12.51 -7.93 40.96
CA ASN B 335 -13.44 -6.96 41.52
C ASN B 335 -14.35 -7.67 42.53
N ASP B 336 -15.66 -7.58 42.41
CA ASP B 336 -16.57 -8.22 43.35
C ASP B 336 -16.53 -9.74 43.21
N PRO B 352 -1.37 -9.60 42.44
CA PRO B 352 -2.48 -10.47 42.03
C PRO B 352 -2.06 -11.93 41.89
N LEU B 353 -0.76 -12.16 41.76
CA LEU B 353 -0.22 -13.50 41.63
C LEU B 353 -0.31 -14.31 42.91
N LYS B 354 -0.76 -13.72 44.01
CA LYS B 354 -1.04 -14.47 45.23
C LYS B 354 -2.50 -14.86 45.37
N LEU B 355 -3.39 -14.22 44.61
CA LEU B 355 -4.80 -14.60 44.56
C LEU B 355 -5.08 -15.70 43.54
N LEU B 356 -4.04 -16.24 42.90
CA LEU B 356 -4.21 -17.30 41.91
C LEU B 356 -4.43 -18.65 42.59
N PRO B 357 -5.01 -19.62 41.88
CA PRO B 357 -5.32 -20.92 42.50
C PRO B 357 -4.11 -21.62 43.10
N GLU B 358 -4.37 -22.77 43.75
CA GLU B 358 -3.32 -23.49 44.45
C GLU B 358 -2.22 -23.94 43.49
N GLY B 359 -0.98 -23.60 43.84
CA GLY B 359 0.17 -24.06 43.08
C GLY B 359 0.13 -23.72 41.60
N PHE B 360 -0.60 -22.66 41.22
CA PHE B 360 -0.66 -22.28 39.81
C PHE B 360 0.72 -21.97 39.28
N LEU B 361 1.54 -21.26 40.06
CA LEU B 361 2.90 -20.96 39.64
C LEU B 361 3.74 -22.23 39.50
N GLU B 362 3.37 -23.30 40.21
CA GLU B 362 4.06 -24.57 40.06
C GLU B 362 3.62 -25.30 38.79
N GLN B 363 2.34 -25.23 38.44
CA GLN B 363 1.82 -25.92 37.28
C GLN B 363 2.29 -25.29 35.96
N THR B 364 2.65 -24.01 35.97
CA THR B 364 3.01 -23.28 34.76
C THR B 364 4.39 -22.66 34.98
N ALA B 365 5.42 -23.50 35.05
CA ALA B 365 6.75 -23.02 35.43
C ALA B 365 7.40 -22.24 34.28
N GLY B 366 7.90 -22.95 33.27
CA GLY B 366 8.52 -22.30 32.13
C GLY B 366 7.57 -22.11 30.96
N ARG B 367 6.39 -22.72 31.03
CA ARG B 367 5.43 -22.63 29.94
C ARG B 367 4.78 -21.25 29.90
N GLY B 368 4.49 -20.67 31.07
CA GLY B 368 3.83 -19.39 31.12
C GLY B 368 4.54 -18.44 32.06
N LEU B 369 4.24 -17.15 31.88
CA LEU B 369 4.87 -16.08 32.63
C LEU B 369 3.81 -15.06 33.02
N VAL B 370 3.60 -14.89 34.33
CA VAL B 370 2.61 -13.96 34.84
C VAL B 370 3.27 -12.62 35.07
N LEU B 371 2.62 -11.55 34.59
CA LEU B 371 3.07 -10.19 34.81
C LEU B 371 1.99 -9.40 35.54
N PRO B 372 2.35 -8.61 36.55
CA PRO B 372 1.32 -7.89 37.31
C PRO B 372 0.97 -6.53 36.72
N MET B 373 -0.33 -6.32 36.49
CA MET B 373 -0.88 -5.01 36.18
C MET B 373 -0.52 -4.51 34.78
N TRP B 374 0.76 -4.46 34.46
CA TRP B 374 1.21 -3.79 33.24
C TRP B 374 2.23 -4.64 32.50
N ALA B 375 2.30 -4.42 31.18
CA ALA B 375 3.28 -5.05 30.32
C ALA B 375 3.43 -4.22 29.05
N PRO B 376 4.59 -4.25 28.39
CA PRO B 376 4.75 -3.49 27.13
C PRO B 376 4.00 -4.15 25.98
N GLN B 377 2.72 -3.82 25.84
CA GLN B 377 1.84 -4.57 24.94
C GLN B 377 2.36 -4.55 23.50
N ILE B 378 2.79 -3.40 23.01
CA ILE B 378 3.17 -3.30 21.60
C ILE B 378 4.44 -4.10 21.33
N ASP B 379 5.42 -4.03 22.23
CA ASP B 379 6.63 -4.82 22.05
C ASP B 379 6.33 -6.31 22.11
N VAL B 380 5.34 -6.71 22.91
CA VAL B 380 4.95 -8.12 22.98
C VAL B 380 4.31 -8.55 21.67
N LEU B 381 3.33 -7.77 21.20
CA LEU B 381 2.63 -8.13 19.96
C LEU B 381 3.59 -8.17 18.77
N SER B 382 4.64 -7.33 18.80
CA SER B 382 5.58 -7.29 17.69
C SER B 382 6.59 -8.43 17.74
N HIS B 383 6.75 -9.09 18.87
CA HIS B 383 7.70 -10.19 18.97
C HIS B 383 7.29 -11.34 18.07
N GLU B 384 8.28 -12.02 17.49
CA GLU B 384 7.99 -13.13 16.59
C GLU B 384 7.39 -14.31 17.32
N SER B 385 7.68 -14.44 18.63
CA SER B 385 7.21 -15.58 19.40
C SER B 385 5.75 -15.45 19.81
N THR B 386 5.15 -14.27 19.71
CA THR B 386 3.75 -14.08 20.05
C THR B 386 2.87 -14.55 18.90
N GLY B 387 2.00 -15.51 19.16
CA GLY B 387 1.16 -16.08 18.13
C GLY B 387 -0.32 -15.79 18.30
N GLY B 388 -0.72 -15.32 19.48
CA GLY B 388 -2.11 -15.06 19.75
C GLY B 388 -2.28 -13.99 20.81
N PHE B 389 -3.48 -13.41 20.85
CA PHE B 389 -3.78 -12.28 21.73
C PHE B 389 -5.18 -12.46 22.28
N LEU B 390 -5.28 -12.73 23.58
CA LEU B 390 -6.58 -12.81 24.27
C LEU B 390 -6.85 -11.45 24.88
N THR B 391 -7.70 -10.67 24.23
CA THR B 391 -7.90 -9.27 24.57
C THR B 391 -9.39 -8.98 24.74
N HIS B 392 -9.67 -7.81 25.32
CA HIS B 392 -11.03 -7.33 25.51
C HIS B 392 -11.60 -6.65 24.27
N CYS B 393 -10.84 -6.61 23.18
CA CYS B 393 -11.26 -6.04 21.91
C CYS B 393 -11.36 -4.53 21.95
N GLY B 394 -10.68 -3.89 22.89
CA GLY B 394 -10.52 -2.45 22.80
C GLY B 394 -9.91 -2.08 21.47
N TRP B 395 -10.44 -1.05 20.81
CA TRP B 395 -10.03 -0.79 19.43
C TRP B 395 -8.55 -0.45 19.36
N ASN B 396 -7.99 0.14 20.41
CA ASN B 396 -6.55 0.40 20.44
C ASN B 396 -5.77 -0.91 20.45
N SER B 397 -6.15 -1.84 21.33
CA SER B 397 -5.49 -3.13 21.37
C SER B 397 -5.69 -3.90 20.07
N THR B 398 -6.91 -3.83 19.51
CA THR B 398 -7.18 -4.53 18.27
C THR B 398 -6.28 -4.03 17.13
N LEU B 399 -6.15 -2.71 17.01
CA LEU B 399 -5.35 -2.15 15.92
C LEU B 399 -3.87 -2.47 16.10
N GLU B 400 -3.37 -2.42 17.34
CA GLU B 400 -1.99 -2.82 17.59
C GLU B 400 -1.77 -4.29 17.24
N SER B 401 -2.80 -5.12 17.37
CA SER B 401 -2.67 -6.53 17.05
C SER B 401 -2.79 -6.78 15.54
N VAL B 402 -3.69 -6.06 14.87
CA VAL B 402 -3.78 -6.17 13.42
C VAL B 402 -2.49 -5.69 12.77
N PHE B 403 -1.92 -4.60 13.31
CA PHE B 403 -0.72 -4.03 12.70
C PHE B 403 0.45 -4.99 12.74
N HIS B 404 0.52 -5.86 13.75
CA HIS B 404 1.58 -6.85 13.87
C HIS B 404 1.12 -8.25 13.50
N GLY B 405 -0.07 -8.39 12.92
CA GLY B 405 -0.54 -9.66 12.43
C GLY B 405 -0.66 -10.73 13.49
N VAL B 406 -1.29 -10.39 14.61
CA VAL B 406 -1.44 -11.32 15.73
C VAL B 406 -2.93 -11.66 15.85
N PRO B 407 -3.32 -12.93 15.63
CA PRO B 407 -4.74 -13.27 15.76
C PRO B 407 -5.24 -13.11 17.18
N LEU B 408 -6.55 -12.92 17.32
CA LEU B 408 -7.16 -12.52 18.57
C LEU B 408 -8.06 -13.62 19.13
N ILE B 409 -8.19 -13.63 20.45
CA ILE B 409 -9.31 -14.27 21.12
C ILE B 409 -10.21 -13.14 21.60
N THR B 410 -11.34 -12.95 20.94
CA THR B 410 -12.22 -11.81 21.19
C THR B 410 -13.04 -12.06 22.45
N TRP B 411 -12.71 -11.33 23.52
CA TRP B 411 -13.35 -11.47 24.83
C TRP B 411 -13.89 -10.10 25.23
N PRO B 412 -14.92 -9.62 24.51
CA PRO B 412 -15.41 -8.26 24.77
C PRO B 412 -16.00 -8.11 26.16
N LEU B 413 -15.99 -6.87 26.65
CA LEU B 413 -16.45 -6.58 28.00
C LEU B 413 -17.44 -5.42 28.05
N TYR B 414 -17.04 -4.24 27.56
CA TYR B 414 -17.84 -3.04 27.71
C TYR B 414 -17.70 -2.16 26.49
N ALA B 415 -18.41 -1.03 26.51
CA ALA B 415 -18.34 0.00 25.45
C ALA B 415 -18.77 -0.64 24.14
N GLU B 416 -18.00 -0.50 23.05
CA GLU B 416 -18.36 -1.04 21.75
C GLU B 416 -17.56 -2.29 21.40
N GLN B 417 -16.97 -2.94 22.40
CA GLN B 417 -16.11 -4.10 22.15
C GLN B 417 -16.89 -5.29 21.61
N LYS B 418 -18.15 -5.45 22.04
CA LYS B 418 -18.95 -6.56 21.53
C LYS B 418 -19.20 -6.42 20.03
N MET B 419 -19.45 -5.20 19.56
CA MET B 419 -19.55 -4.99 18.11
C MET B 419 -18.20 -5.19 17.43
N ASN B 420 -17.10 -4.86 18.11
CA ASN B 420 -15.78 -5.12 17.56
C ASN B 420 -15.51 -6.61 17.48
N ALA B 421 -16.03 -7.39 18.43
CA ALA B 421 -15.85 -8.84 18.38
C ALA B 421 -16.59 -9.44 17.20
N VAL B 422 -17.81 -8.97 16.93
CA VAL B 422 -18.58 -9.49 15.81
C VAL B 422 -17.85 -9.21 14.50
N MET B 423 -17.34 -7.99 14.34
CA MET B 423 -16.67 -7.62 13.10
C MET B 423 -15.36 -8.39 12.92
N LEU B 424 -14.73 -8.78 14.03
CA LEU B 424 -13.45 -9.48 13.94
C LEU B 424 -13.65 -10.97 13.66
N THR B 425 -14.52 -11.63 14.44
CA THR B 425 -14.66 -13.08 14.33
C THR B 425 -15.55 -13.48 13.16
N GLU B 426 -16.69 -12.81 13.00
CA GLU B 426 -17.63 -13.16 11.94
C GLU B 426 -17.45 -12.34 10.67
N GLY B 427 -16.84 -11.16 10.76
CA GLY B 427 -16.63 -10.34 9.59
C GLY B 427 -15.31 -10.61 8.90
N LEU B 428 -14.21 -10.42 9.63
CA LEU B 428 -12.88 -10.64 9.08
C LEU B 428 -12.35 -12.05 9.32
N ARG B 429 -12.90 -12.79 10.27
CA ARG B 429 -12.40 -14.11 10.63
C ARG B 429 -10.91 -14.05 10.96
N VAL B 430 -10.56 -13.11 11.83
CA VAL B 430 -9.21 -12.98 12.36
C VAL B 430 -9.16 -13.26 13.85
N GLY B 431 -10.24 -13.78 14.41
CA GLY B 431 -10.28 -14.11 15.83
C GLY B 431 -11.38 -15.10 16.11
N LEU B 432 -11.44 -15.54 17.37
CA LEU B 432 -12.47 -16.45 17.85
C LEU B 432 -13.08 -15.87 19.11
N ARG B 433 -14.39 -16.05 19.26
CA ARG B 433 -15.10 -15.49 20.40
C ARG B 433 -15.61 -16.60 21.31
N PRO B 434 -15.12 -16.72 22.54
CA PRO B 434 -15.74 -17.68 23.47
C PRO B 434 -17.11 -17.20 23.89
N SER B 435 -18.05 -18.14 23.98
CA SER B 435 -19.43 -17.80 24.29
C SER B 435 -19.59 -17.60 25.79
N VAL B 436 -20.21 -16.49 26.17
CA VAL B 436 -20.48 -16.18 27.57
C VAL B 436 -21.72 -16.94 28.01
N GLY B 437 -21.72 -17.37 29.27
CA GLY B 437 -22.88 -18.05 29.81
C GLY B 437 -23.96 -17.08 30.24
N LYS B 438 -25.12 -17.66 30.60
CA LYS B 438 -26.24 -16.85 31.04
C LYS B 438 -25.96 -16.11 32.35
N ASP B 439 -24.95 -16.56 33.10
CA ASP B 439 -24.55 -15.90 34.35
C ASP B 439 -23.43 -14.89 34.15
N GLY B 440 -23.16 -14.49 32.90
CA GLY B 440 -22.12 -13.53 32.61
C GLY B 440 -20.70 -14.08 32.66
N ILE B 441 -20.52 -15.32 33.05
CA ILE B 441 -19.20 -15.93 33.15
C ILE B 441 -18.89 -16.64 31.84
N ILE B 442 -17.65 -16.52 31.38
CA ILE B 442 -17.13 -17.29 30.26
C ILE B 442 -16.38 -18.47 30.87
N ARG B 443 -16.94 -19.67 30.73
CA ARG B 443 -16.40 -20.83 31.41
C ARG B 443 -15.13 -21.33 30.74
N GLY B 444 -14.34 -22.10 31.50
CA GLY B 444 -13.08 -22.60 30.99
C GLY B 444 -13.22 -23.48 29.78
N ALA B 445 -14.34 -24.20 29.65
CA ALA B 445 -14.55 -25.03 28.47
C ALA B 445 -14.47 -24.20 27.20
N GLU B 446 -15.06 -22.99 27.23
CA GLU B 446 -14.98 -22.11 26.07
C GLU B 446 -13.60 -21.50 25.92
N ILE B 447 -12.97 -21.14 27.05
CA ILE B 447 -11.63 -20.58 26.99
C ILE B 447 -10.68 -21.55 26.30
N ALA B 448 -10.69 -22.81 26.74
CA ALA B 448 -9.81 -23.81 26.15
C ALA B 448 -10.16 -24.09 24.70
N ARG B 449 -11.45 -24.04 24.35
CA ARG B 449 -11.85 -24.29 22.96
C ARG B 449 -11.21 -23.28 22.03
N VAL B 450 -11.38 -21.99 22.33
CA VAL B 450 -10.90 -20.95 21.43
C VAL B 450 -9.37 -20.96 21.37
N ILE B 451 -8.71 -21.13 22.51
CA ILE B 451 -7.25 -21.20 22.52
C ILE B 451 -6.77 -22.35 21.64
N GLY B 452 -7.40 -23.51 21.76
CA GLY B 452 -7.00 -24.65 20.95
C GLY B 452 -7.22 -24.40 19.47
N GLU B 453 -8.42 -23.92 19.11
CA GLU B 453 -8.73 -23.68 17.71
C GLU B 453 -7.84 -22.60 17.10
N LEU B 454 -7.29 -21.70 17.90
CA LEU B 454 -6.50 -20.60 17.38
C LEU B 454 -5.03 -20.99 17.19
N MET B 455 -4.36 -21.37 18.27
CA MET B 455 -2.94 -21.68 18.18
C MET B 455 -2.70 -22.99 17.43
N GLU B 456 -3.55 -23.98 17.67
CA GLU B 456 -3.53 -25.25 16.97
C GLU B 456 -4.74 -25.33 16.06
N GLY B 457 -5.11 -26.54 15.65
CA GLY B 457 -6.27 -26.74 14.81
C GLY B 457 -6.04 -26.20 13.41
N GLU B 458 -6.97 -26.46 12.51
CA GLU B 458 -6.84 -26.01 11.13
C GLU B 458 -7.56 -24.69 10.88
N GLU B 459 -8.54 -24.34 11.72
CA GLU B 459 -9.18 -23.03 11.60
C GLU B 459 -8.24 -21.91 12.02
N GLY B 460 -7.41 -22.15 13.04
CA GLY B 460 -6.42 -21.18 13.43
C GLY B 460 -5.34 -20.95 12.40
N LYS B 461 -5.20 -21.86 11.43
CA LYS B 461 -4.23 -21.67 10.35
C LYS B 461 -4.77 -20.72 9.29
N ARG B 462 -6.07 -20.78 8.99
CA ARG B 462 -6.65 -19.79 8.09
C ARG B 462 -6.80 -18.43 8.77
N ILE B 463 -7.10 -18.42 10.07
CA ILE B 463 -7.26 -17.16 10.78
C ILE B 463 -5.95 -16.38 10.79
N ARG B 464 -4.83 -17.09 10.90
CA ARG B 464 -3.53 -16.42 10.91
C ARG B 464 -3.20 -15.86 9.53
N SER B 465 -3.41 -16.66 8.47
CA SER B 465 -3.12 -16.17 7.13
C SER B 465 -3.92 -14.92 6.81
N LYS B 466 -5.22 -14.91 7.16
CA LYS B 466 -6.03 -13.71 6.95
C LYS B 466 -5.49 -12.54 7.75
N MET B 467 -5.03 -12.78 8.98
CA MET B 467 -4.52 -11.69 9.81
C MET B 467 -3.22 -11.13 9.23
N GLN B 468 -2.41 -11.97 8.58
CA GLN B 468 -1.22 -11.45 7.93
C GLN B 468 -1.57 -10.58 6.74
N GLU B 469 -2.65 -10.91 6.02
CA GLU B 469 -3.10 -10.05 4.92
C GLU B 469 -3.42 -8.65 5.42
N LEU B 470 -4.05 -8.55 6.59
CA LEU B 470 -4.36 -7.23 7.15
C LEU B 470 -3.09 -6.53 7.62
N LYS B 471 -2.13 -7.27 8.18
CA LYS B 471 -0.87 -6.68 8.58
C LYS B 471 -0.21 -5.94 7.42
N ARG B 472 -0.04 -6.63 6.29
CA ARG B 472 0.56 -6.00 5.13
C ARG B 472 -0.29 -4.82 4.64
N ALA B 473 -1.62 -4.96 4.75
CA ALA B 473 -2.49 -3.85 4.37
C ALA B 473 -2.36 -2.69 5.35
N ALA B 474 -2.16 -2.99 6.64
CA ALA B 474 -2.03 -1.94 7.64
C ALA B 474 -0.79 -1.10 7.39
N SER B 475 0.35 -1.75 7.17
CA SER B 475 1.57 -1.03 6.83
C SER B 475 1.47 -0.33 5.49
N ALA B 476 0.58 -0.78 4.60
CA ALA B 476 0.45 -0.16 3.29
C ALA B 476 -0.19 1.22 3.39
N VAL B 477 -1.36 1.30 4.03
CA VAL B 477 -2.06 2.57 4.15
C VAL B 477 -1.32 3.60 5.00
N LEU B 478 -0.29 3.17 5.73
CA LEU B 478 0.48 4.05 6.59
C LEU B 478 1.82 4.45 5.99
N SER B 479 2.07 4.12 4.74
CA SER B 479 3.34 4.47 4.11
C SER B 479 3.28 5.91 3.61
N LYS B 480 4.39 6.39 3.05
CA LYS B 480 4.42 7.74 2.52
C LYS B 480 3.48 7.91 1.33
N ASP B 481 3.17 6.83 0.62
CA ASP B 481 2.18 6.82 -0.44
C ASP B 481 0.88 6.13 -0.02
N GLY B 482 0.61 6.09 1.29
CA GLY B 482 -0.49 5.30 1.79
C GLY B 482 -1.84 5.98 1.65
N SER B 483 -2.88 5.15 1.66
CA SER B 483 -4.24 5.68 1.54
C SER B 483 -4.65 6.45 2.79
N SER B 484 -4.20 6.02 3.96
CA SER B 484 -4.57 6.72 5.19
C SER B 484 -3.70 7.93 5.45
N THR B 485 -2.45 7.93 4.97
CA THR B 485 -1.59 9.08 5.16
C THR B 485 -2.16 10.32 4.49
N ARG B 486 -2.79 10.16 3.32
CA ARG B 486 -3.36 11.31 2.64
C ARG B 486 -4.57 11.87 3.38
N ALA B 487 -5.44 11.00 3.87
CA ALA B 487 -6.62 11.47 4.60
C ALA B 487 -6.18 12.49 5.66
N LEU B 488 -5.09 12.20 6.36
CA LEU B 488 -4.49 13.20 7.23
C LEU B 488 -4.07 14.42 6.43
N GLU B 489 -3.43 14.20 5.27
CA GLU B 489 -2.97 15.31 4.44
C GLU B 489 -4.14 16.19 4.02
N GLU B 490 -5.24 15.58 3.57
CA GLU B 490 -6.39 16.38 3.15
C GLU B 490 -7.02 17.12 4.32
N VAL B 491 -7.09 16.46 5.48
CA VAL B 491 -7.61 17.14 6.67
C VAL B 491 -6.75 18.35 7.01
N ALA B 492 -5.44 18.23 6.80
CA ALA B 492 -4.54 19.34 7.08
C ALA B 492 -4.84 20.53 6.18
N LYS B 493 -4.99 20.28 4.87
CA LYS B 493 -5.29 21.39 3.95
C LYS B 493 -6.64 22.03 4.28
N ILE B 494 -7.63 21.22 4.64
CA ILE B 494 -8.92 21.79 5.04
C ILE B 494 -8.73 22.75 6.20
N TRP B 495 -7.89 22.38 7.16
CA TRP B 495 -7.61 23.25 8.28
C TRP B 495 -6.87 24.52 7.84
N GLU B 496 -6.10 24.43 6.77
CA GLU B 496 -5.38 25.59 6.24
C GLU B 496 -6.17 26.36 5.17
N SER B 497 -7.27 25.81 4.68
CA SER B 497 -8.00 26.45 3.60
C SER B 497 -8.57 27.79 4.06
N LYS B 498 -9.02 28.58 3.10
CA LYS B 498 -9.50 29.94 3.35
C LYS B 498 -8.43 30.80 4.04
N THR C 31 0.64 29.72 28.58
CA THR C 31 1.33 30.22 27.38
C THR C 31 0.61 29.77 26.12
N THR C 32 0.30 30.75 25.27
CA THR C 32 -0.38 30.51 24.00
C THR C 32 0.58 30.49 22.81
N ALA C 33 1.88 30.67 23.06
CA ALA C 33 2.85 30.71 21.98
C ALA C 33 3.24 29.31 21.54
N PRO C 34 3.78 29.16 20.34
CA PRO C 34 4.32 27.87 19.91
C PRO C 34 5.55 27.51 20.73
N PRO C 35 5.97 26.25 20.70
CA PRO C 35 7.14 25.86 21.50
C PRO C 35 8.39 26.52 20.98
N PRO C 36 9.39 26.76 21.84
CA PRO C 36 10.63 27.38 21.37
C PRO C 36 11.36 26.49 20.38
N HIS C 37 12.10 27.12 19.48
CA HIS C 37 12.83 26.41 18.45
C HIS C 37 14.32 26.38 18.77
N VAL C 38 14.99 25.33 18.30
CA VAL C 38 16.43 25.15 18.49
C VAL C 38 17.03 24.71 17.16
N ILE C 39 18.11 25.36 16.76
CA ILE C 39 18.81 25.05 15.51
C ILE C 39 20.08 24.30 15.86
N ILE C 40 20.33 23.20 15.15
CA ILE C 40 21.50 22.36 15.35
C ILE C 40 22.40 22.49 14.13
N VAL C 41 23.68 22.73 14.37
CA VAL C 41 24.68 22.81 13.31
C VAL C 41 25.66 21.66 13.51
N PRO C 42 25.51 20.58 12.76
CA PRO C 42 26.40 19.42 12.94
C PRO C 42 27.69 19.58 12.13
N SER C 43 28.66 18.75 12.50
CA SER C 43 29.89 18.66 11.71
C SER C 43 29.67 17.64 10.59
N ALA C 44 30.54 17.70 9.58
CA ALA C 44 30.40 16.87 8.40
C ALA C 44 29.96 15.45 8.68
N GLY C 45 30.60 14.78 9.63
CA GLY C 45 30.48 13.33 9.70
C GLY C 45 29.10 12.85 10.09
N MET C 46 28.82 11.59 9.73
CA MET C 46 27.61 10.90 10.15
C MET C 46 27.68 10.46 11.60
N GLY C 47 28.89 10.28 12.14
CA GLY C 47 29.05 9.92 13.53
C GLY C 47 28.62 11.00 14.50
N HIS C 48 28.36 12.21 14.02
CA HIS C 48 27.88 13.28 14.88
C HIS C 48 26.37 13.49 14.77
N LEU C 49 25.77 13.14 13.62
CA LEU C 49 24.32 13.30 13.47
C LEU C 49 23.57 12.37 14.40
N ILE C 50 24.04 11.14 14.56
CA ILE C 50 23.38 10.15 15.40
C ILE C 50 23.20 10.67 16.82
N PRO C 51 24.29 10.97 17.55
CA PRO C 51 24.12 11.45 18.93
C PRO C 51 23.36 12.76 19.01
N LEU C 52 23.53 13.66 18.04
CA LEU C 52 22.78 14.90 18.03
C LEU C 52 21.27 14.63 17.94
N ALA C 53 20.89 13.64 17.13
CA ALA C 53 19.47 13.32 17.00
C ALA C 53 18.92 12.74 18.30
N GLU C 54 19.70 11.91 19.00
CA GLU C 54 19.24 11.37 20.28
C GLU C 54 19.14 12.47 21.32
N PHE C 55 20.07 13.43 21.31
CA PHE C 55 19.94 14.58 22.18
C PHE C 55 18.65 15.34 21.90
N ALA C 56 18.41 15.65 20.63
CA ALA C 56 17.18 16.35 20.26
C ALA C 56 15.94 15.54 20.62
N LYS C 57 15.96 14.23 20.34
CA LYS C 57 14.79 13.40 20.63
C LYS C 57 14.46 13.41 22.11
N ARG C 58 15.47 13.46 22.98
CA ARG C 58 15.25 13.45 24.41
C ARG C 58 14.79 14.81 24.94
N LEU C 59 14.87 15.86 24.12
CA LEU C 59 14.35 17.18 24.47
C LEU C 59 13.15 17.56 23.61
N LEU C 60 12.47 16.58 23.03
CA LEU C 60 11.37 16.85 22.10
C LEU C 60 10.11 17.31 22.82
N PRO C 61 9.82 16.82 24.03
CA PRO C 61 8.63 17.31 24.74
C PRO C 61 8.70 18.78 25.12
N ARG C 62 9.77 19.49 24.77
CA ARG C 62 9.92 20.89 25.15
C ARG C 62 10.44 21.80 24.04
N PHE C 63 10.95 21.25 22.94
CA PHE C 63 11.45 22.08 21.84
C PHE C 63 11.19 21.38 20.52
N THR C 64 11.11 22.18 19.46
CA THR C 64 11.24 21.69 18.10
C THR C 64 12.67 21.94 17.63
N PHE C 65 13.08 21.18 16.62
CA PHE C 65 14.46 21.22 16.15
C PHE C 65 14.51 21.32 14.64
N THR C 66 15.64 21.77 14.14
CA THR C 66 15.90 21.80 12.69
C THR C 66 17.39 21.65 12.48
N PHE C 67 17.80 20.56 11.84
CA PHE C 67 19.21 20.32 11.54
C PHE C 67 19.61 21.23 10.38
N ALA C 68 20.32 22.32 10.70
CA ALA C 68 20.91 23.19 9.69
C ALA C 68 22.25 22.59 9.30
N VAL C 69 22.23 21.75 8.27
CA VAL C 69 23.38 20.91 7.92
C VAL C 69 24.19 21.63 6.86
N PRO C 70 25.43 22.04 7.15
CA PRO C 70 26.30 22.54 6.08
C PRO C 70 26.74 21.40 5.17
N THR C 71 26.90 21.72 3.89
CA THR C 71 27.34 20.76 2.90
C THR C 71 28.34 21.41 1.97
N SER C 72 29.25 20.60 1.43
CA SER C 72 30.19 21.01 0.41
C SER C 72 29.92 20.33 -0.92
N GLY C 73 28.71 19.82 -1.10
CA GLY C 73 28.33 19.09 -2.29
C GLY C 73 26.93 18.52 -2.13
N PRO C 74 26.47 17.77 -3.12
CA PRO C 74 25.15 17.15 -3.02
C PRO C 74 25.07 16.25 -1.80
N PRO C 75 24.08 16.47 -0.93
CA PRO C 75 23.97 15.64 0.28
C PRO C 75 23.85 14.16 -0.08
N SER C 76 24.61 13.33 0.65
CA SER C 76 24.59 11.90 0.40
C SER C 76 23.20 11.33 0.72
N SER C 77 22.86 10.24 0.03
CA SER C 77 21.57 9.59 0.25
C SER C 77 21.47 8.99 1.64
N SER C 78 22.59 8.64 2.26
CA SER C 78 22.54 8.07 3.60
C SER C 78 22.16 9.11 4.65
N GLN C 79 22.69 10.32 4.53
CA GLN C 79 22.35 11.38 5.48
C GLN C 79 20.90 11.82 5.28
N ARG C 80 20.47 11.94 4.03
CA ARG C 80 19.07 12.28 3.76
C ARG C 80 18.13 11.25 4.38
N ASP C 81 18.43 9.96 4.21
CA ASP C 81 17.54 8.93 4.70
C ASP C 81 17.45 8.94 6.22
N PHE C 82 18.55 9.26 6.90
CA PHE C 82 18.57 9.19 8.36
C PHE C 82 17.76 10.34 8.97
N LEU C 83 17.98 11.56 8.49
CA LEU C 83 17.31 12.72 9.10
C LEU C 83 15.83 12.74 8.78
N SER C 84 15.42 12.24 7.62
CA SER C 84 14.01 12.20 7.29
C SER C 84 13.26 11.14 8.09
N SER C 85 13.97 10.18 8.67
CA SER C 85 13.36 9.16 9.51
C SER C 85 13.21 9.61 10.96
N LEU C 86 13.65 10.82 11.29
CA LEU C 86 13.46 11.35 12.63
C LEU C 86 12.01 11.79 12.83
N PRO C 87 11.58 11.95 14.08
CA PRO C 87 10.22 12.46 14.33
C PRO C 87 9.92 13.75 13.59
N ALA C 88 8.64 14.04 13.38
CA ALA C 88 8.26 15.18 12.56
C ALA C 88 8.72 16.50 13.17
N SER C 89 8.76 16.59 14.51
CA SER C 89 9.16 17.83 15.16
C SER C 89 10.62 18.20 14.90
N ILE C 90 11.41 17.29 14.30
CA ILE C 90 12.80 17.57 13.98
C ILE C 90 12.90 17.74 12.47
N ASP C 91 12.80 18.98 12.00
CA ASP C 91 12.91 19.28 10.58
C ASP C 91 14.36 19.21 10.13
N THR C 92 14.55 19.28 8.82
CA THR C 92 15.88 19.25 8.22
C THR C 92 15.98 20.33 7.15
N SER C 93 17.13 20.99 7.10
CA SER C 93 17.40 22.04 6.12
C SER C 93 18.85 21.93 5.70
N PHE C 94 19.09 21.36 4.52
CA PHE C 94 20.42 21.27 3.95
C PHE C 94 20.79 22.62 3.36
N LEU C 95 21.78 23.29 3.95
CA LEU C 95 22.15 24.61 3.48
C LEU C 95 22.82 24.50 2.11
N PRO C 96 22.70 25.54 1.28
CA PRO C 96 23.34 25.50 -0.04
C PRO C 96 24.81 25.11 0.05
N GLU C 97 25.24 24.24 -0.86
CA GLU C 97 26.59 23.74 -0.83
C GLU C 97 27.59 24.87 -0.99
N VAL C 98 28.81 24.64 -0.52
CA VAL C 98 29.91 25.58 -0.65
C VAL C 98 30.98 24.93 -1.52
N ASP C 99 31.95 25.74 -1.92
CA ASP C 99 33.05 25.29 -2.78
C ASP C 99 34.30 25.17 -1.93
N LEU C 100 34.83 23.94 -1.83
CA LEU C 100 36.06 23.68 -1.10
C LEU C 100 37.20 23.27 -2.03
N SER C 101 37.09 23.57 -3.32
CA SER C 101 38.13 23.19 -4.27
C SER C 101 39.38 24.04 -4.10
N ASP C 102 39.24 25.22 -3.50
CA ASP C 102 40.40 26.09 -3.27
C ASP C 102 41.23 25.66 -2.08
N ALA C 103 40.75 24.70 -1.29
CA ALA C 103 41.53 24.19 -0.17
C ALA C 103 42.57 23.19 -0.67
N PRO C 104 43.68 23.03 0.04
CA PRO C 104 44.69 22.06 -0.39
C PRO C 104 44.07 20.66 -0.53
N SER C 105 44.63 19.90 -1.47
CA SER C 105 44.15 18.54 -1.69
C SER C 105 44.48 17.62 -0.53
N ASP C 106 45.44 18.00 0.32
CA ASP C 106 45.82 17.22 1.48
C ASP C 106 45.26 17.79 2.78
N ALA C 107 44.25 18.65 2.69
CA ALA C 107 43.67 19.26 3.88
C ALA C 107 43.03 18.20 4.76
N GLN C 108 43.37 18.22 6.05
CA GLN C 108 42.82 17.26 6.98
C GLN C 108 41.33 17.50 7.18
N ILE C 109 40.65 16.51 7.76
CA ILE C 109 39.20 16.60 7.90
C ILE C 109 38.82 17.73 8.84
N GLU C 110 39.64 18.01 9.85
CA GLU C 110 39.33 19.11 10.76
C GLU C 110 39.38 20.45 10.04
N THR C 111 40.25 20.58 9.03
CA THR C 111 40.32 21.83 8.27
C THR C 111 39.14 21.96 7.33
N LEU C 112 38.76 20.89 6.63
CA LEU C 112 37.65 20.96 5.70
C LEU C 112 36.34 21.26 6.42
N MET C 113 36.13 20.62 7.58
CA MET C 113 34.91 20.86 8.33
C MET C 113 34.81 22.31 8.78
N SER C 114 35.92 22.89 9.21
CA SER C 114 35.90 24.28 9.67
C SER C 114 35.62 25.24 8.52
N LEU C 115 36.19 24.98 7.35
CA LEU C 115 35.91 25.81 6.18
C LEU C 115 34.47 25.64 5.72
N MET C 116 33.90 24.44 5.89
CA MET C 116 32.54 24.20 5.46
C MET C 116 31.55 25.02 6.29
N VAL C 117 31.77 25.09 7.61
CA VAL C 117 30.87 25.82 8.49
C VAL C 117 30.95 27.32 8.22
N VAL C 118 32.17 27.84 8.05
CA VAL C 118 32.33 29.28 7.86
C VAL C 118 31.66 29.73 6.57
N ARG C 119 31.83 28.96 5.50
CA ARG C 119 31.27 29.33 4.21
C ARG C 119 29.78 29.02 4.10
N SER C 120 29.17 28.46 5.14
CA SER C 120 27.73 28.24 5.18
C SER C 120 27.01 29.23 6.09
N LEU C 121 27.75 30.09 6.80
CA LEU C 121 27.12 31.02 7.72
C LEU C 121 26.07 31.91 7.06
N PRO C 122 26.31 32.49 5.86
CA PRO C 122 25.25 33.32 5.25
C PRO C 122 23.93 32.59 5.07
N SER C 123 23.96 31.34 4.61
CA SER C 123 22.73 30.59 4.46
C SER C 123 22.11 30.30 5.82
N LEU C 124 22.92 29.88 6.79
CA LEU C 124 22.41 29.67 8.14
C LEU C 124 21.73 30.94 8.66
N ARG C 125 22.40 32.08 8.49
CA ARG C 125 21.82 33.35 8.92
C ARG C 125 20.47 33.57 8.26
N ASP C 126 20.35 33.22 6.97
CA ASP C 126 19.07 33.36 6.28
C ASP C 126 18.05 32.35 6.79
N LEU C 127 18.51 31.16 7.20
CA LEU C 127 17.59 30.18 7.76
C LEU C 127 17.01 30.67 9.08
N ILE C 128 17.85 31.24 9.95
CA ILE C 128 17.35 31.75 11.22
C ILE C 128 16.46 32.96 10.98
N ALA C 129 16.76 33.73 9.92
CA ALA C 129 15.92 34.88 9.58
C ALA C 129 14.48 34.45 9.36
N SER C 130 14.28 33.36 8.63
CA SER C 130 12.92 32.93 8.28
C SER C 130 12.11 32.54 9.50
N TYR C 131 12.74 32.15 10.60
CA TYR C 131 11.98 31.66 11.75
C TYR C 131 11.37 32.77 12.57
N SER C 132 11.80 34.02 12.38
CA SER C 132 11.14 35.13 13.06
C SER C 132 9.82 35.45 12.38
N ALA C 133 9.74 35.23 11.06
CA ALA C 133 8.46 35.37 10.38
C ALA C 133 7.42 34.46 11.01
N SER C 134 7.78 33.20 11.23
CA SER C 134 6.93 32.28 11.95
C SER C 134 6.84 32.67 13.44
N GLY C 135 5.98 31.95 14.16
CA GLY C 135 5.78 32.22 15.57
C GLY C 135 6.74 31.56 16.53
N ARG C 136 7.73 30.83 16.07
CA ARG C 136 8.62 30.10 16.96
C ARG C 136 9.83 30.96 17.36
N ARG C 137 10.18 30.89 18.64
CA ARG C 137 11.30 31.63 19.21
C ARG C 137 12.54 30.74 19.21
N VAL C 138 13.57 31.14 18.45
CA VAL C 138 14.82 30.39 18.40
C VAL C 138 15.51 30.56 19.75
N ALA C 139 15.36 29.57 20.63
CA ALA C 139 15.81 29.70 22.01
C ALA C 139 17.28 29.40 22.20
N ALA C 140 17.90 28.65 21.28
CA ALA C 140 19.30 28.28 21.46
C ALA C 140 19.87 27.82 20.12
N LEU C 141 21.18 28.02 19.96
CA LEU C 141 21.91 27.52 18.80
C LEU C 141 22.91 26.48 19.29
N VAL C 142 22.70 25.23 18.89
CA VAL C 142 23.55 24.12 19.30
C VAL C 142 24.52 23.84 18.17
N VAL C 143 25.81 24.11 18.41
CA VAL C 143 26.86 23.90 17.43
C VAL C 143 27.70 22.70 17.85
N ASP C 144 28.20 21.96 16.86
CA ASP C 144 29.02 20.80 17.14
C ASP C 144 30.39 21.25 17.64
N LEU C 145 31.28 20.29 17.89
CA LEU C 145 32.57 20.60 18.49
C LEU C 145 33.48 21.37 17.55
N PHE C 146 33.27 21.29 16.23
CA PHE C 146 34.07 21.99 15.24
C PHE C 146 33.20 22.92 14.41
N ALA C 147 32.25 23.58 15.06
CA ALA C 147 31.39 24.57 14.41
C ALA C 147 31.30 25.83 15.26
N THR C 148 32.39 26.18 15.94
CA THR C 148 32.36 27.30 16.87
C THR C 148 32.14 28.62 16.14
N ASP C 149 32.57 28.72 14.88
CA ASP C 149 32.39 29.95 14.13
C ASP C 149 30.92 30.29 13.91
N ALA C 150 30.01 29.33 14.12
CA ALA C 150 28.59 29.61 14.07
C ALA C 150 28.09 30.28 15.34
N ILE C 151 28.88 30.25 16.42
CA ILE C 151 28.49 30.95 17.63
C ILE C 151 28.34 32.44 17.36
N ASP C 152 29.08 32.97 16.39
CA ASP C 152 28.96 34.39 16.06
C ASP C 152 27.54 34.75 15.67
N VAL C 153 26.87 33.90 14.90
CA VAL C 153 25.52 34.22 14.45
C VAL C 153 24.56 34.23 15.64
N ALA C 154 24.73 33.29 16.57
CA ALA C 154 23.89 33.25 17.76
C ALA C 154 24.07 34.52 18.58
N LEU C 155 25.32 34.92 18.80
CA LEU C 155 25.58 36.17 19.53
C LEU C 155 25.04 37.37 18.75
N GLU C 156 25.14 37.34 17.43
CA GLU C 156 24.67 38.46 16.62
C GLU C 156 23.16 38.64 16.76
N LEU C 157 22.42 37.54 16.86
CA LEU C 157 20.96 37.57 16.89
C LEU C 157 20.40 37.31 18.29
N GLY C 158 21.23 37.45 19.33
CA GLY C 158 20.77 37.29 20.69
C GLY C 158 20.28 35.90 21.04
N ILE C 159 20.75 34.88 20.33
CA ILE C 159 20.37 33.50 20.59
C ILE C 159 21.41 32.85 21.49
N ARG C 160 20.95 32.01 22.41
CA ARG C 160 21.87 31.36 23.34
C ARG C 160 22.78 30.40 22.57
N PRO C 161 24.10 30.58 22.59
CA PRO C 161 24.99 29.63 21.91
C PRO C 161 25.42 28.50 22.82
N PHE C 162 25.19 27.26 22.40
CA PHE C 162 25.62 26.09 23.14
C PHE C 162 26.43 25.19 22.22
N ILE C 163 27.33 24.40 22.83
CA ILE C 163 28.20 23.49 22.10
C ILE C 163 27.86 22.07 22.50
N PHE C 164 27.74 21.18 21.52
CA PHE C 164 27.56 19.76 21.76
C PHE C 164 28.88 19.04 21.46
N PHE C 165 29.39 18.30 22.44
CA PHE C 165 30.66 17.60 22.32
C PHE C 165 30.41 16.11 22.23
N PRO C 166 30.47 15.49 21.04
CA PRO C 166 30.18 14.05 20.94
C PRO C 166 31.38 13.17 21.22
N SER C 167 32.24 13.59 22.14
CA SER C 167 33.43 12.84 22.49
C SER C 167 33.55 12.77 24.01
N THR C 168 34.74 12.43 24.50
CA THR C 168 34.94 12.19 25.92
C THR C 168 35.13 13.50 26.67
N ALA C 169 34.81 13.47 27.96
CA ALA C 169 35.17 14.57 28.83
C ALA C 169 36.68 14.72 28.94
N MET C 170 37.41 13.62 28.74
CA MET C 170 38.88 13.70 28.69
C MET C 170 39.33 14.57 27.52
N THR C 171 38.77 14.31 26.33
CA THR C 171 39.13 15.13 25.18
C THR C 171 38.59 16.54 25.29
N LEU C 172 37.42 16.71 25.91
CA LEU C 172 36.90 18.06 26.12
C LEU C 172 37.81 18.86 27.02
N SER C 173 38.31 18.25 28.11
CA SER C 173 39.31 18.91 28.93
C SER C 173 40.55 19.21 28.12
N PHE C 174 40.92 18.31 27.21
CA PHE C 174 42.07 18.54 26.34
C PHE C 174 41.87 19.78 25.47
N PHE C 175 40.66 19.97 24.94
CA PHE C 175 40.38 21.18 24.17
C PHE C 175 40.58 22.42 25.02
N LEU C 176 39.93 22.47 26.20
CA LEU C 176 40.02 23.64 27.04
C LEU C 176 41.44 23.90 27.52
N HIS C 177 42.24 22.84 27.65
CA HIS C 177 43.63 22.97 28.09
C HIS C 177 44.59 23.22 26.93
N LEU C 178 44.10 23.23 25.69
CA LEU C 178 45.00 23.39 24.55
C LEU C 178 45.64 24.77 24.53
N GLU C 179 44.91 25.80 24.97
CA GLU C 179 45.48 27.14 24.99
C GLU C 179 46.68 27.21 25.94
N LYS C 180 46.55 26.59 27.12
CA LYS C 180 47.66 26.59 28.06
C LYS C 180 48.77 25.66 27.60
N LEU C 181 48.42 24.50 27.03
CA LEU C 181 49.42 23.55 26.58
C LEU C 181 50.21 24.07 25.38
N ASP C 182 49.64 25.00 24.62
CA ASP C 182 50.36 25.55 23.47
C ASP C 182 51.37 26.60 23.89
N GLU C 183 51.04 27.41 24.91
CA GLU C 183 51.91 28.48 25.35
C GLU C 183 53.09 28.00 26.19
N THR C 184 53.08 26.75 26.63
CA THR C 184 54.15 26.22 27.47
C THR C 184 55.00 25.16 26.79
N VAL C 185 54.60 24.66 25.62
CA VAL C 185 55.36 23.67 24.87
C VAL C 185 55.70 24.25 23.51
N SER C 186 56.95 24.08 23.09
CA SER C 186 57.46 24.63 21.83
C SER C 186 57.70 23.58 20.77
N CYS C 187 58.03 22.35 21.17
CA CYS C 187 58.31 21.28 20.21
C CYS C 187 57.03 20.55 19.85
N GLU C 188 57.15 19.57 18.96
CA GLU C 188 56.01 18.72 18.63
C GLU C 188 55.63 17.88 19.84
N PHE C 189 54.34 17.54 19.92
CA PHE C 189 53.85 16.84 21.11
C PHE C 189 54.44 15.45 21.23
N ALA C 190 54.59 14.74 20.10
CA ALA C 190 55.22 13.42 20.13
C ALA C 190 56.70 13.50 20.52
N GLU C 191 57.30 14.68 20.49
CA GLU C 191 58.69 14.87 20.89
C GLU C 191 58.84 15.16 22.39
N LEU C 192 57.76 15.05 23.14
CA LEU C 192 57.82 15.27 24.58
C LEU C 192 58.35 14.02 25.29
N SER C 193 59.28 14.22 26.21
CA SER C 193 59.80 13.09 26.99
C SER C 193 58.76 12.59 27.98
N ASP C 194 58.07 13.50 28.69
CA ASP C 194 57.10 13.16 29.70
C ASP C 194 55.67 13.31 29.17
N PRO C 195 54.73 12.52 29.69
CA PRO C 195 53.36 12.59 29.19
C PRO C 195 52.68 13.90 29.56
N VAL C 196 51.68 14.26 28.76
CA VAL C 196 50.90 15.48 28.98
C VAL C 196 49.88 15.21 30.07
N GLN C 197 49.79 16.10 31.05
CA GLN C 197 48.83 15.98 32.15
C GLN C 197 47.67 16.94 31.86
N ILE C 198 46.53 16.39 31.45
CA ILE C 198 45.33 17.19 31.22
C ILE C 198 44.59 17.34 32.55
N PRO C 199 44.03 18.51 32.88
CA PRO C 199 43.35 18.67 34.16
C PRO C 199 42.27 17.63 34.40
N GLY C 200 42.45 16.83 35.47
CA GLY C 200 41.46 15.86 35.87
C GLY C 200 41.53 14.53 35.15
N CYS C 201 42.44 14.36 34.20
CA CYS C 201 42.54 13.14 33.42
C CYS C 201 43.82 12.38 33.76
N ILE C 202 43.87 11.13 33.31
CA ILE C 202 45.05 10.30 33.49
C ILE C 202 46.11 10.77 32.49
N PRO C 203 47.40 10.59 32.77
CA PRO C 203 48.42 11.04 31.82
C PRO C 203 48.27 10.38 30.45
N VAL C 204 48.56 11.17 29.41
CA VAL C 204 48.56 10.69 28.03
C VAL C 204 49.88 11.09 27.38
N HIS C 205 50.46 10.15 26.64
CA HIS C 205 51.68 10.45 25.90
C HIS C 205 51.36 11.36 24.72
N GLY C 206 52.33 12.20 24.36
CA GLY C 206 52.12 13.12 23.25
C GLY C 206 51.76 12.40 21.96
N LYS C 207 52.33 11.23 21.73
CA LYS C 207 52.03 10.46 20.54
C LYS C 207 50.58 10.01 20.49
N ASP C 208 49.97 9.77 21.66
CA ASP C 208 48.59 9.30 21.72
C ASP C 208 47.56 10.42 21.69
N LEU C 209 47.98 11.69 21.72
CA LEU C 209 47.02 12.78 21.60
C LEU C 209 46.34 12.74 20.23
N ILE C 210 45.19 13.40 20.15
CA ILE C 210 44.35 13.34 18.97
C ILE C 210 45.16 13.69 17.73
N ASP C 211 44.65 13.31 16.56
CA ASP C 211 45.41 13.49 15.33
C ASP C 211 45.71 14.94 15.00
N PRO C 212 44.75 15.87 15.05
CA PRO C 212 45.03 17.23 14.55
C PRO C 212 46.19 17.94 15.24
N VAL C 213 46.64 17.47 16.40
CA VAL C 213 47.75 18.12 17.08
C VAL C 213 49.10 17.48 16.76
N GLN C 214 49.12 16.39 16.00
CA GLN C 214 50.37 15.71 15.67
C GLN C 214 51.19 16.44 14.63
N ASP C 215 50.67 17.53 14.06
CA ASP C 215 51.40 18.34 13.09
C ASP C 215 51.02 19.80 13.35
N ARG C 216 51.87 20.52 14.07
CA ARG C 216 51.56 21.88 14.49
C ARG C 216 51.75 22.90 13.37
N LYS C 217 52.39 22.52 12.27
CA LYS C 217 52.50 23.39 11.11
C LYS C 217 51.34 23.23 10.15
N ASN C 218 50.50 22.21 10.34
CA ASN C 218 49.36 21.97 9.49
C ASN C 218 48.21 22.90 9.87
N ASP C 219 47.36 23.21 8.88
CA ASP C 219 46.20 24.05 9.13
C ASP C 219 45.22 23.41 10.09
N ALA C 220 45.26 22.08 10.24
CA ALA C 220 44.34 21.41 11.15
C ALA C 220 44.60 21.82 12.60
N TYR C 221 45.87 21.97 12.98
CA TYR C 221 46.18 22.35 14.35
C TYR C 221 45.73 23.78 14.64
N LYS C 222 45.86 24.68 13.67
CA LYS C 222 45.45 26.06 13.88
C LYS C 222 43.93 26.18 13.98
N TRP C 223 43.19 25.34 13.25
CA TRP C 223 41.74 25.34 13.39
C TRP C 223 41.33 24.76 14.74
N LEU C 224 41.97 23.66 15.16
CA LEU C 224 41.67 23.08 16.46
C LEU C 224 41.90 24.11 17.56
N LEU C 225 43.02 24.83 17.50
CA LEU C 225 43.26 25.89 18.47
C LEU C 225 42.20 26.98 18.37
N HIS C 226 41.83 27.36 17.15
CA HIS C 226 40.82 28.40 16.97
C HIS C 226 39.52 28.03 17.67
N HIS C 227 39.08 26.78 17.56
CA HIS C 227 37.81 26.39 18.15
C HIS C 227 37.90 26.29 19.66
N SER C 228 38.99 25.71 20.18
CA SER C 228 39.11 25.52 21.61
C SER C 228 39.04 26.85 22.36
N LYS C 229 39.65 27.89 21.81
CA LYS C 229 39.62 29.20 22.47
C LYS C 229 38.24 29.84 22.41
N ARG C 230 37.36 29.35 21.54
CA ARG C 230 36.02 29.89 21.40
C ARG C 230 34.98 29.13 22.21
N TYR C 231 35.37 28.05 22.88
CA TYR C 231 34.41 27.29 23.67
C TYR C 231 33.86 28.11 24.84
N LYS C 232 34.64 29.07 25.33
CA LYS C 232 34.17 29.90 26.43
C LYS C 232 33.08 30.88 26.00
N LEU C 233 32.86 31.06 24.70
CA LEU C 233 31.81 31.93 24.21
C LEU C 233 30.42 31.31 24.31
N ALA C 234 30.33 30.01 24.58
CA ALA C 234 29.05 29.33 24.70
C ALA C 234 28.55 29.38 26.14
N GLU C 235 27.23 29.51 26.30
CA GLU C 235 26.64 29.48 27.63
C GLU C 235 26.74 28.11 28.28
N GLY C 236 27.17 27.09 27.54
CA GLY C 236 27.34 25.77 28.09
C GLY C 236 27.87 24.79 27.06
N VAL C 237 28.59 23.77 27.52
CA VAL C 237 29.11 22.72 26.66
C VAL C 237 28.42 21.43 27.05
N ILE C 238 27.74 20.81 26.09
CA ILE C 238 27.01 19.57 26.31
C ILE C 238 27.91 18.44 25.84
N VAL C 239 28.44 17.66 26.78
CA VAL C 239 29.35 16.56 26.49
C VAL C 239 28.59 15.25 26.59
N ASN C 240 28.87 14.33 25.67
CA ASN C 240 28.19 13.03 25.62
C ASN C 240 28.96 12.03 26.48
N SER C 241 28.88 12.25 27.79
CA SER C 241 29.56 11.39 28.75
C SER C 241 28.92 11.62 30.12
N PHE C 242 29.35 10.82 31.09
CA PHE C 242 28.82 10.94 32.45
C PHE C 242 29.92 10.64 33.46
N GLU C 243 29.66 11.03 34.71
CA GLU C 243 30.69 10.96 35.74
C GLU C 243 31.11 9.52 36.01
N GLY C 244 30.15 8.59 36.04
CA GLY C 244 30.48 7.20 36.28
C GLY C 244 31.47 6.63 35.29
N LEU C 245 31.59 7.24 34.11
CA LEU C 245 32.51 6.79 33.07
C LEU C 245 33.83 7.53 33.10
N GLU C 246 33.84 8.82 33.48
CA GLU C 246 35.05 9.63 33.54
C GLU C 246 34.94 10.50 34.78
N GLY C 247 35.19 9.89 35.94
CA GLY C 247 35.05 10.62 37.20
C GLY C 247 35.98 11.81 37.28
N GLY C 248 37.26 11.59 36.99
CA GLY C 248 38.25 12.63 37.07
C GLY C 248 37.92 13.80 36.15
N PRO C 249 37.87 13.54 34.84
CA PRO C 249 37.61 14.64 33.90
C PRO C 249 36.30 15.36 34.14
N ILE C 250 35.22 14.62 34.43
CA ILE C 250 33.91 15.25 34.61
C ILE C 250 33.95 16.21 35.78
N ARG C 251 34.46 15.76 36.92
CA ARG C 251 34.49 16.61 38.12
C ARG C 251 35.37 17.83 37.93
N GLU C 252 36.42 17.72 37.12
CA GLU C 252 37.25 18.88 36.83
C GLU C 252 36.50 19.89 35.97
N LEU C 253 35.71 19.41 35.00
CA LEU C 253 34.96 20.31 34.14
C LEU C 253 33.82 20.98 34.90
N LEU C 254 33.13 20.22 35.77
CA LEU C 254 32.05 20.79 36.55
C LEU C 254 32.55 21.82 37.57
N HIS C 255 33.85 21.87 37.83
CA HIS C 255 34.40 22.84 38.77
C HIS C 255 34.33 24.24 38.16
N PRO C 256 33.53 25.14 38.70
CA PRO C 256 33.42 26.47 38.08
C PRO C 256 34.74 27.23 38.13
N GLU C 257 35.18 27.71 36.97
CA GLU C 257 36.36 28.54 36.85
C GLU C 257 36.08 29.73 35.95
N PRO C 258 36.74 30.86 36.18
CA PRO C 258 36.55 32.01 35.28
C PRO C 258 37.17 31.74 33.91
N GLY C 259 36.44 32.12 32.87
CA GLY C 259 36.86 31.86 31.51
C GLY C 259 36.63 30.45 31.02
N LYS C 260 35.98 29.61 31.83
CA LYS C 260 35.65 28.25 31.46
C LYS C 260 34.13 28.09 31.44
N PRO C 261 33.56 27.51 30.40
CA PRO C 261 32.09 27.43 30.32
C PRO C 261 31.55 26.30 31.18
N ARG C 262 30.25 26.41 31.46
CA ARG C 262 29.56 25.34 32.16
C ARG C 262 29.50 24.11 31.27
N VAL C 263 29.51 22.94 31.91
CA VAL C 263 29.47 21.66 31.20
C VAL C 263 28.25 20.89 31.69
N TYR C 264 27.57 20.23 30.76
CA TYR C 264 26.34 19.48 31.05
C TYR C 264 26.51 18.06 30.51
N PRO C 265 26.98 17.14 31.35
CA PRO C 265 27.08 15.73 30.91
C PRO C 265 25.69 15.14 30.72
N VAL C 266 25.42 14.63 29.52
CA VAL C 266 24.10 14.08 29.20
C VAL C 266 24.25 12.70 28.60
N GLY C 267 25.45 12.13 28.68
CA GLY C 267 25.71 10.82 28.12
C GLY C 267 25.27 9.71 29.04
N PRO C 268 25.21 8.48 28.51
CA PRO C 268 25.52 8.12 27.12
C PRO C 268 24.31 8.19 26.19
N LEU C 269 24.38 9.04 25.17
CA LEU C 269 23.31 9.17 24.18
C LEU C 269 23.64 8.28 22.99
N ILE C 270 23.00 7.11 22.94
CA ILE C 270 23.13 6.19 21.83
C ILE C 270 21.74 5.92 21.29
N GLN C 271 21.69 5.36 20.09
CA GLN C 271 20.39 5.06 19.49
C GLN C 271 19.86 3.74 20.04
N ALA C 272 18.56 3.54 19.87
CA ALA C 272 17.90 2.34 20.38
C ALA C 272 18.06 1.20 19.39
N GLY C 273 17.68 0.01 19.83
CA GLY C 273 17.72 -1.15 18.96
C GLY C 273 16.59 -1.14 17.94
N SER C 274 16.75 -1.97 16.92
CA SER C 274 15.78 -2.03 15.84
C SER C 274 14.40 -2.43 16.35
N ARG C 282 14.67 -9.87 9.63
CA ARG C 282 15.76 -10.10 10.57
C ARG C 282 17.06 -10.39 9.83
N PRO C 283 18.06 -9.52 9.99
CA PRO C 283 19.37 -9.75 9.35
C PRO C 283 19.93 -11.13 9.68
N GLU C 284 20.32 -11.86 8.64
CA GLU C 284 20.80 -13.22 8.83
C GLU C 284 21.93 -13.27 9.86
N CYS C 285 22.77 -12.24 9.89
CA CYS C 285 23.88 -12.22 10.84
C CYS C 285 23.38 -12.35 12.27
N LEU C 286 22.22 -11.75 12.57
CA LEU C 286 21.65 -11.90 13.91
C LEU C 286 21.11 -13.30 14.12
N LYS C 287 20.58 -13.94 13.07
CA LYS C 287 20.18 -15.33 13.18
C LYS C 287 21.38 -16.21 13.54
N TRP C 288 22.53 -15.93 12.93
CA TRP C 288 23.75 -16.66 13.27
C TRP C 288 24.10 -16.49 14.73
N LEU C 289 23.89 -15.29 15.28
CA LEU C 289 24.22 -15.03 16.68
C LEU C 289 23.27 -15.77 17.62
N ASP C 290 22.03 -16.02 17.19
CA ASP C 290 21.06 -16.65 18.09
C ASP C 290 21.50 -18.04 18.50
N GLN C 291 22.15 -18.77 17.58
CA GLN C 291 22.57 -20.13 17.86
C GLN C 291 23.89 -20.21 18.63
N GLN C 292 24.66 -19.13 18.67
CA GLN C 292 25.95 -19.16 19.36
C GLN C 292 25.74 -19.16 20.87
N PRO C 293 26.76 -19.59 21.64
CA PRO C 293 26.64 -19.56 23.10
C PRO C 293 26.59 -18.15 23.67
N ARG C 294 26.65 -18.04 24.99
CA ARG C 294 26.61 -16.75 25.66
C ARG C 294 28.00 -16.13 25.68
N GLY C 295 28.10 -14.89 25.19
CA GLY C 295 29.34 -14.15 25.24
C GLY C 295 30.52 -14.89 24.64
N SER C 296 30.33 -15.45 23.44
CA SER C 296 31.36 -16.23 22.79
C SER C 296 31.77 -15.69 21.43
N VAL C 297 31.02 -14.75 20.86
CA VAL C 297 31.31 -14.20 19.54
C VAL C 297 32.05 -12.88 19.72
N LEU C 298 33.16 -12.73 18.99
CA LEU C 298 33.90 -11.48 18.97
C LEU C 298 33.42 -10.67 17.77
N PHE C 299 32.76 -9.55 18.04
CA PHE C 299 32.34 -8.65 16.97
C PHE C 299 33.52 -7.74 16.60
N VAL C 300 33.94 -7.82 15.36
CA VAL C 300 35.06 -7.03 14.84
C VAL C 300 34.48 -6.01 13.86
N ASN C 301 34.70 -4.73 14.13
CA ASN C 301 34.15 -3.67 13.29
C ASN C 301 34.89 -2.38 13.56
N PHE C 302 35.52 -1.83 12.51
CA PHE C 302 36.22 -0.55 12.61
C PHE C 302 35.34 0.62 12.16
N GLY C 303 34.13 0.36 11.70
CA GLY C 303 33.23 1.40 11.27
C GLY C 303 33.58 1.96 9.90
N SER C 304 32.57 2.55 9.25
CA SER C 304 32.79 3.17 7.95
C SER C 304 33.89 4.21 8.05
N GLY C 305 34.89 4.09 7.19
CA GLY C 305 36.07 4.92 7.27
C GLY C 305 37.18 4.33 8.12
N GLY C 306 37.00 3.14 8.65
CA GLY C 306 38.04 2.46 9.41
C GLY C 306 38.73 1.41 8.57
N VAL C 307 39.44 1.86 7.55
CA VAL C 307 40.09 0.97 6.59
C VAL C 307 41.45 0.55 7.11
N LEU C 308 41.88 -0.63 6.68
CA LEU C 308 43.19 -1.17 7.02
C LEU C 308 43.98 -1.39 5.73
N SER C 309 45.26 -1.67 5.89
CA SER C 309 46.09 -2.04 4.75
C SER C 309 45.95 -3.52 4.45
N THR C 310 46.17 -3.89 3.18
CA THR C 310 46.08 -5.30 2.81
C THR C 310 46.93 -6.16 3.74
N GLU C 311 48.09 -5.64 4.16
CA GLU C 311 48.95 -6.38 5.07
C GLU C 311 48.32 -6.52 6.45
N GLN C 312 47.83 -5.39 7.00
CA GLN C 312 47.25 -5.44 8.35
C GLN C 312 45.96 -6.24 8.37
N GLN C 313 45.18 -6.21 7.29
CA GLN C 313 43.96 -7.00 7.23
C GLN C 313 44.27 -8.49 7.16
N ASN C 314 45.36 -8.85 6.46
CA ASN C 314 45.74 -10.26 6.38
C ASN C 314 46.24 -10.77 7.73
N GLU C 315 46.95 -9.93 8.49
CA GLU C 315 47.42 -10.34 9.81
C GLU C 315 46.26 -10.64 10.75
N LEU C 316 45.24 -9.79 10.75
CA LEU C 316 44.07 -10.04 11.59
C LEU C 316 43.32 -11.27 11.11
N ALA C 317 43.18 -11.43 9.79
CA ALA C 317 42.55 -12.63 9.26
C ALA C 317 43.29 -13.88 9.73
N GLY C 318 44.63 -13.84 9.65
CA GLY C 318 45.40 -15.00 10.05
C GLY C 318 45.11 -15.44 11.46
N VAL C 319 44.97 -14.48 12.39
CA VAL C 319 44.70 -14.83 13.78
C VAL C 319 43.33 -15.47 13.91
N LEU C 320 42.31 -14.88 13.25
CA LEU C 320 40.97 -15.44 13.34
C LEU C 320 40.85 -16.78 12.62
N ALA C 321 41.68 -17.01 11.60
CA ALA C 321 41.56 -18.23 10.81
C ALA C 321 42.02 -19.45 11.60
N HIS C 322 43.05 -19.30 12.43
CA HIS C 322 43.65 -20.43 13.12
C HIS C 322 43.32 -20.46 14.60
N SER C 323 42.53 -19.52 15.10
CA SER C 323 42.03 -19.56 16.45
C SER C 323 40.67 -20.23 16.47
N GLN C 324 40.31 -20.80 17.62
CA GLN C 324 38.98 -21.38 17.82
C GLN C 324 37.96 -20.37 18.33
N GLN C 325 38.27 -19.08 18.25
CA GLN C 325 37.35 -18.05 18.73
C GLN C 325 36.32 -17.75 17.66
N ARG C 326 35.08 -17.56 18.09
CA ARG C 326 33.97 -17.24 17.19
C ARG C 326 33.95 -15.74 16.95
N PHE C 327 33.82 -15.34 15.68
CA PHE C 327 33.94 -13.93 15.33
C PHE C 327 32.84 -13.54 14.36
N LEU C 328 32.43 -12.27 14.44
CA LEU C 328 31.53 -11.63 13.48
C LEU C 328 32.28 -10.40 12.99
N TRP C 329 32.82 -10.48 11.78
CA TRP C 329 33.79 -9.52 11.27
C TRP C 329 33.17 -8.70 10.15
N VAL C 330 33.25 -7.37 10.27
CA VAL C 330 32.81 -6.45 9.24
C VAL C 330 34.04 -6.05 8.44
N VAL C 331 34.13 -6.56 7.20
CA VAL C 331 35.33 -6.41 6.39
C VAL C 331 35.10 -5.32 5.35
N ARG C 332 36.18 -4.63 5.00
CA ARG C 332 36.16 -3.55 4.03
C ARG C 332 37.37 -3.65 3.13
N PRO C 333 37.27 -3.19 1.90
CA PRO C 333 38.41 -3.27 0.96
C PRO C 333 39.58 -2.45 1.48
N PRO C 334 40.79 -3.02 1.52
CA PRO C 334 41.94 -2.25 2.03
C PRO C 334 42.18 -0.98 1.23
N ASN C 335 43.14 -0.18 1.68
CA ASN C 335 43.55 1.04 0.98
C ASN C 335 44.81 0.81 0.15
N ASP C 336 44.84 -0.30 -0.59
CA ASP C 336 45.97 -0.65 -1.43
C ASP C 336 45.51 -1.15 -2.79
N PRO C 352 34.58 -7.71 -0.38
CA PRO C 352 35.80 -7.83 0.43
C PRO C 352 36.05 -9.26 0.92
N LEU C 353 34.98 -10.04 1.04
CA LEU C 353 35.12 -11.43 1.48
C LEU C 353 35.84 -12.29 0.45
N LYS C 354 36.06 -11.79 -0.77
CA LYS C 354 36.91 -12.47 -1.74
C LYS C 354 38.33 -11.94 -1.74
N LEU C 355 38.57 -10.76 -1.16
CA LEU C 355 39.91 -10.23 -1.00
C LEU C 355 40.64 -10.81 0.22
N LEU C 356 39.98 -11.68 0.98
CA LEU C 356 40.61 -12.34 2.10
C LEU C 356 41.55 -13.44 1.60
N PRO C 357 42.49 -13.88 2.44
CA PRO C 357 43.42 -14.93 1.99
C PRO C 357 42.72 -16.17 1.48
N GLU C 358 43.49 -17.08 0.88
CA GLU C 358 42.90 -18.25 0.23
C GLU C 358 42.11 -19.08 1.22
N GLY C 359 40.88 -19.44 0.83
CA GLY C 359 40.06 -20.32 1.62
C GLY C 359 39.83 -19.84 3.04
N PHE C 360 39.83 -18.53 3.27
CA PHE C 360 39.53 -18.03 4.60
C PHE C 360 38.07 -18.27 4.96
N LEU C 361 37.17 -18.19 3.98
CA LEU C 361 35.77 -18.50 4.23
C LEU C 361 35.55 -20.00 4.43
N GLU C 362 36.38 -20.83 3.81
CA GLU C 362 36.25 -22.27 3.99
C GLU C 362 36.65 -22.68 5.39
N GLN C 363 37.75 -22.11 5.91
CA GLN C 363 38.19 -22.45 7.26
C GLN C 363 37.22 -21.93 8.31
N THR C 364 36.67 -20.74 8.10
CA THR C 364 35.73 -20.11 9.03
C THR C 364 34.32 -20.44 8.54
N ALA C 365 33.81 -21.60 8.97
CA ALA C 365 32.48 -22.04 8.57
C ALA C 365 31.48 -21.69 9.67
N GLY C 366 31.16 -22.65 10.53
CA GLY C 366 30.31 -22.37 11.66
C GLY C 366 30.96 -21.56 12.77
N ARG C 367 32.26 -21.28 12.64
CA ARG C 367 32.97 -20.56 13.69
C ARG C 367 32.81 -19.05 13.55
N GLY C 368 32.86 -18.53 12.32
CA GLY C 368 32.77 -17.10 12.10
C GLY C 368 31.88 -16.76 10.92
N LEU C 369 31.57 -15.47 10.82
CA LEU C 369 30.70 -14.95 9.77
C LEU C 369 31.24 -13.60 9.30
N VAL C 370 31.60 -13.51 8.02
CA VAL C 370 32.10 -12.28 7.44
C VAL C 370 30.93 -11.46 6.91
N LEU C 371 30.93 -10.17 7.22
CA LEU C 371 29.90 -9.26 6.75
C LEU C 371 30.54 -8.14 5.95
N PRO C 372 30.02 -7.79 4.78
CA PRO C 372 30.64 -6.71 3.99
C PRO C 372 30.09 -5.33 4.31
N MET C 373 30.98 -4.38 4.57
CA MET C 373 30.65 -2.97 4.65
C MET C 373 29.87 -2.61 5.91
N TRP C 374 28.69 -3.22 6.09
CA TRP C 374 27.75 -2.79 7.11
C TRP C 374 27.24 -3.97 7.92
N ALA C 375 26.83 -3.68 9.15
CA ALA C 375 26.21 -4.64 10.04
C ALA C 375 25.41 -3.87 11.09
N PRO C 376 24.31 -4.44 11.59
CA PRO C 376 23.54 -3.74 12.63
C PRO C 376 24.27 -3.73 13.96
N GLN C 377 25.15 -2.73 14.15
CA GLN C 377 26.10 -2.78 15.27
C GLN C 377 25.40 -2.81 16.62
N ILE C 378 24.25 -2.15 16.75
CA ILE C 378 23.54 -2.14 18.02
C ILE C 378 22.91 -3.50 18.29
N ASP C 379 22.23 -4.07 17.29
CA ASP C 379 21.62 -5.37 17.48
C ASP C 379 22.65 -6.45 17.81
N VAL C 380 23.89 -6.26 17.36
CA VAL C 380 24.95 -7.21 17.71
C VAL C 380 25.38 -7.01 19.15
N LEU C 381 25.61 -5.76 19.54
CA LEU C 381 26.06 -5.48 20.91
C LEU C 381 24.97 -5.76 21.94
N SER C 382 23.69 -5.70 21.54
CA SER C 382 22.61 -6.00 22.47
C SER C 382 22.33 -7.49 22.56
N HIS C 383 22.77 -8.27 21.58
CA HIS C 383 22.56 -9.72 21.64
C HIS C 383 23.36 -10.31 22.80
N GLU C 384 22.79 -11.38 23.39
CA GLU C 384 23.45 -12.04 24.51
C GLU C 384 24.69 -12.83 24.07
N SER C 385 24.81 -13.13 22.78
CA SER C 385 25.91 -13.96 22.28
C SER C 385 27.19 -13.16 22.02
N THR C 386 27.12 -11.84 22.00
CA THR C 386 28.31 -11.02 21.78
C THR C 386 29.12 -10.96 23.07
N GLY C 387 30.40 -11.34 22.99
CA GLY C 387 31.25 -11.39 24.16
C GLY C 387 32.45 -10.47 24.08
N GLY C 388 32.72 -9.94 22.90
CA GLY C 388 33.83 -9.01 22.73
C GLY C 388 33.59 -8.12 21.54
N PHE C 389 34.23 -6.95 21.55
CA PHE C 389 34.05 -5.96 20.50
C PHE C 389 35.44 -5.40 20.14
N LEU C 390 35.96 -5.81 19.00
CA LEU C 390 37.20 -5.27 18.46
C LEU C 390 36.84 -4.05 17.62
N THR C 391 37.17 -2.85 18.12
CA THR C 391 36.69 -1.62 17.53
C THR C 391 37.83 -0.61 17.42
N HIS C 392 37.54 0.46 16.68
CA HIS C 392 38.44 1.60 16.52
C HIS C 392 38.27 2.63 17.62
N CYS C 393 37.39 2.40 18.60
CA CYS C 393 37.15 3.28 19.73
C CYS C 393 36.46 4.58 19.34
N GLY C 394 35.73 4.58 18.21
CA GLY C 394 34.86 5.69 17.92
C GLY C 394 33.89 5.88 19.07
N TRP C 395 33.74 7.13 19.53
CA TRP C 395 33.02 7.34 20.78
C TRP C 395 31.56 6.90 20.70
N ASN C 396 30.97 6.89 19.50
CA ASN C 396 29.63 6.34 19.37
C ASN C 396 29.64 4.83 19.61
N SER C 397 30.59 4.13 18.98
CA SER C 397 30.69 2.69 19.18
C SER C 397 31.01 2.35 20.63
N THR C 398 31.91 3.12 21.25
CA THR C 398 32.31 2.84 22.63
C THR C 398 31.12 2.94 23.57
N LEU C 399 30.32 4.01 23.44
CA LEU C 399 29.17 4.17 24.32
C LEU C 399 28.16 3.04 24.12
N GLU C 400 27.93 2.64 22.87
CA GLU C 400 27.02 1.53 22.59
C GLU C 400 27.54 0.23 23.20
N SER C 401 28.86 0.04 23.25
CA SER C 401 29.41 -1.13 23.90
C SER C 401 29.30 -1.02 25.42
N VAL C 402 29.62 0.16 25.97
CA VAL C 402 29.50 0.37 27.40
C VAL C 402 28.05 0.18 27.84
N PHE C 403 27.11 0.67 27.04
CA PHE C 403 25.71 0.61 27.43
C PHE C 403 25.22 -0.82 27.52
N HIS C 404 25.72 -1.70 26.66
CA HIS C 404 25.33 -3.11 26.67
C HIS C 404 26.38 -3.99 27.33
N GLY C 405 27.38 -3.41 27.97
CA GLY C 405 28.34 -4.16 28.76
C GLY C 405 29.12 -5.19 27.97
N VAL C 406 29.82 -4.76 26.93
CA VAL C 406 30.61 -5.65 26.09
C VAL C 406 32.06 -5.19 26.15
N PRO C 407 32.99 -6.02 26.64
CA PRO C 407 34.40 -5.59 26.69
C PRO C 407 34.98 -5.43 25.30
N LEU C 408 36.09 -4.69 25.24
CA LEU C 408 36.64 -4.20 23.99
C LEU C 408 38.07 -4.64 23.77
N ILE C 409 38.46 -4.66 22.49
CA ILE C 409 39.85 -4.71 22.07
C ILE C 409 40.17 -3.36 21.44
N THR C 410 40.67 -2.42 22.24
CA THR C 410 40.87 -1.04 21.79
C THR C 410 41.92 -0.99 20.69
N TRP C 411 41.49 -0.80 19.45
CA TRP C 411 42.37 -0.74 18.28
C TRP C 411 42.18 0.63 17.64
N PRO C 412 42.67 1.69 18.29
CA PRO C 412 42.42 3.04 17.77
C PRO C 412 43.04 3.27 16.41
N LEU C 413 42.51 4.26 15.69
CA LEU C 413 42.96 4.55 14.34
C LEU C 413 43.23 6.04 14.13
N TYR C 414 42.19 6.87 14.23
CA TYR C 414 42.29 8.28 13.88
C TYR C 414 41.49 9.11 14.87
N ALA C 415 41.43 10.41 14.62
CA ALA C 415 40.64 11.36 15.41
C ALA C 415 41.10 11.24 16.87
N GLU C 416 40.20 11.12 17.84
CA GLU C 416 40.56 11.07 19.25
C GLU C 416 40.54 9.64 19.80
N GLN C 417 40.64 8.64 18.94
CA GLN C 417 40.45 7.26 19.38
C GLN C 417 41.62 6.78 20.23
N LYS C 418 42.84 7.25 19.96
CA LYS C 418 43.98 6.83 20.77
C LYS C 418 43.82 7.29 22.21
N MET C 419 43.35 8.52 22.41
CA MET C 419 43.08 8.99 23.77
C MET C 419 41.96 8.17 24.41
N ASN C 420 40.96 7.78 23.61
CA ASN C 420 39.89 6.95 24.15
C ASN C 420 40.40 5.57 24.53
N ALA C 421 41.33 5.02 23.74
CA ALA C 421 41.92 3.74 24.08
C ALA C 421 42.71 3.84 25.38
N VAL C 422 43.46 4.93 25.56
CA VAL C 422 44.20 5.15 26.79
C VAL C 422 43.25 5.26 27.98
N MET C 423 42.14 5.98 27.79
CA MET C 423 41.19 6.16 28.89
C MET C 423 40.43 4.88 29.19
N LEU C 424 40.27 4.00 28.21
CA LEU C 424 39.52 2.76 28.44
C LEU C 424 40.40 1.68 29.05
N THR C 425 41.60 1.48 28.51
CA THR C 425 42.45 0.39 28.96
C THR C 425 43.20 0.74 30.22
N GLU C 426 43.76 1.95 30.31
CA GLU C 426 44.53 2.35 31.47
C GLU C 426 43.71 3.08 32.52
N GLY C 427 42.60 3.70 32.13
CA GLY C 427 41.77 4.43 33.07
C GLY C 427 40.67 3.59 33.68
N LEU C 428 39.78 3.06 32.85
CA LEU C 428 38.66 2.26 33.33
C LEU C 428 38.95 0.77 33.33
N ARG C 429 39.87 0.33 32.47
CA ARG C 429 40.27 -1.08 32.39
C ARG C 429 39.07 -1.96 32.00
N VAL C 430 38.46 -1.60 30.88
CA VAL C 430 37.35 -2.34 30.29
C VAL C 430 37.70 -2.95 28.94
N GLY C 431 38.97 -2.88 28.54
CA GLY C 431 39.40 -3.46 27.29
C GLY C 431 40.90 -3.63 27.28
N LEU C 432 41.40 -4.15 26.17
CA LEU C 432 42.82 -4.38 25.97
C LEU C 432 43.29 -3.68 24.70
N ARG C 433 44.54 -3.21 24.71
CA ARG C 433 45.12 -2.52 23.58
C ARG C 433 46.28 -3.33 23.04
N PRO C 434 46.22 -3.83 21.81
CA PRO C 434 47.38 -4.54 21.23
C PRO C 434 48.49 -3.58 20.85
N SER C 435 49.72 -3.92 21.24
CA SER C 435 50.86 -3.06 20.97
C SER C 435 51.14 -3.01 19.47
N VAL C 436 51.53 -1.83 18.99
CA VAL C 436 51.83 -1.62 17.58
C VAL C 436 53.32 -1.85 17.35
N GLY C 437 53.66 -2.33 16.16
CA GLY C 437 55.04 -2.51 15.77
C GLY C 437 55.65 -1.24 15.21
N LYS C 438 56.96 -1.30 14.95
CA LYS C 438 57.65 -0.14 14.38
C LYS C 438 57.11 0.22 13.00
N ASP C 439 56.65 -0.78 12.24
CA ASP C 439 56.13 -0.55 10.90
C ASP C 439 54.66 -0.21 10.88
N GLY C 440 54.10 0.22 12.01
CA GLY C 440 52.69 0.59 12.05
C GLY C 440 51.73 -0.57 12.03
N ILE C 441 52.23 -1.80 12.04
CA ILE C 441 51.41 -3.01 11.91
C ILE C 441 51.36 -3.69 13.27
N ILE C 442 50.16 -4.05 13.69
CA ILE C 442 49.97 -4.91 14.85
C ILE C 442 50.05 -6.35 14.38
N ARG C 443 51.04 -7.08 14.88
CA ARG C 443 51.30 -8.43 14.40
C ARG C 443 50.36 -9.44 15.06
N GLY C 444 50.15 -10.55 14.35
CA GLY C 444 49.21 -11.56 14.81
C GLY C 444 49.46 -12.04 16.22
N ALA C 445 50.72 -12.08 16.64
CA ALA C 445 51.02 -12.51 18.00
C ALA C 445 50.32 -11.62 19.02
N GLU C 446 50.27 -10.32 18.77
CA GLU C 446 49.54 -9.41 19.65
C GLU C 446 48.04 -9.62 19.54
N ILE C 447 47.53 -9.73 18.30
CA ILE C 447 46.10 -9.91 18.10
C ILE C 447 45.62 -11.17 18.82
N ALA C 448 46.31 -12.28 18.61
CA ALA C 448 45.95 -13.52 19.31
C ALA C 448 46.06 -13.36 20.81
N ARG C 449 47.01 -12.55 21.28
CA ARG C 449 47.15 -12.32 22.72
C ARG C 449 45.95 -11.57 23.27
N VAL C 450 45.58 -10.44 22.65
CA VAL C 450 44.49 -9.64 23.18
C VAL C 450 43.17 -10.37 23.06
N ILE C 451 42.93 -11.05 21.93
CA ILE C 451 41.72 -11.85 21.81
C ILE C 451 41.73 -12.96 22.85
N GLY C 452 42.88 -13.60 23.06
CA GLY C 452 42.96 -14.65 24.05
C GLY C 452 42.72 -14.14 25.47
N GLU C 453 43.48 -13.11 25.87
CA GLU C 453 43.36 -12.59 27.23
C GLU C 453 41.96 -12.04 27.49
N LEU C 454 41.26 -11.60 26.45
CA LEU C 454 39.93 -11.03 26.63
C LEU C 454 38.87 -12.11 26.81
N MET C 455 38.74 -12.99 25.81
CA MET C 455 37.70 -14.02 25.88
C MET C 455 38.04 -15.09 26.91
N GLU C 456 39.32 -15.40 27.10
CA GLU C 456 39.78 -16.34 28.10
C GLU C 456 40.56 -15.59 29.19
N GLY C 457 41.44 -16.30 29.88
CA GLY C 457 42.34 -15.68 30.84
C GLY C 457 41.64 -15.13 32.06
N GLU C 458 42.41 -14.86 33.12
CA GLU C 458 41.82 -14.33 34.34
C GLU C 458 41.58 -12.83 34.25
N GLU C 459 42.45 -12.10 33.55
CA GLU C 459 42.27 -10.66 33.43
C GLU C 459 41.03 -10.32 32.61
N GLY C 460 40.74 -11.12 31.58
CA GLY C 460 39.56 -10.89 30.77
C GLY C 460 38.25 -11.08 31.51
N LYS C 461 38.28 -11.69 32.70
CA LYS C 461 37.09 -11.86 33.52
C LYS C 461 36.86 -10.67 34.43
N ARG C 462 37.93 -10.09 34.98
CA ARG C 462 37.78 -8.85 35.73
C ARG C 462 37.48 -7.68 34.79
N ILE C 463 37.93 -7.75 33.55
CA ILE C 463 37.55 -6.74 32.56
C ILE C 463 36.06 -6.84 32.29
N ARG C 464 35.52 -8.06 32.28
CA ARG C 464 34.09 -8.25 32.10
C ARG C 464 33.32 -7.69 33.30
N SER C 465 33.77 -8.02 34.51
CA SER C 465 33.08 -7.54 35.70
C SER C 465 33.11 -6.02 35.77
N LYS C 466 34.23 -5.41 35.39
CA LYS C 466 34.32 -3.95 35.40
C LYS C 466 33.37 -3.33 34.39
N MET C 467 33.16 -3.99 33.24
CA MET C 467 32.27 -3.44 32.23
C MET C 467 30.80 -3.59 32.61
N GLN C 468 30.46 -4.62 33.40
CA GLN C 468 29.10 -4.73 33.90
C GLN C 468 28.77 -3.60 34.86
N GLU C 469 29.75 -3.12 35.62
CA GLU C 469 29.53 -1.97 36.50
C GLU C 469 29.09 -0.75 35.71
N LEU C 470 29.76 -0.47 34.59
CA LEU C 470 29.44 0.71 33.80
C LEU C 470 28.13 0.54 33.04
N LYS C 471 27.82 -0.67 32.59
CA LYS C 471 26.54 -0.91 31.93
C LYS C 471 25.38 -0.49 32.84
N ARG C 472 25.42 -0.95 34.10
CA ARG C 472 24.41 -0.55 35.07
C ARG C 472 24.49 0.93 35.39
N ALA C 473 25.68 1.51 35.38
CA ALA C 473 25.80 2.94 35.63
C ALA C 473 25.29 3.75 34.45
N ALA C 474 25.48 3.25 33.23
CA ALA C 474 24.99 3.96 32.05
C ALA C 474 23.47 4.09 32.09
N SER C 475 22.77 2.97 32.34
CA SER C 475 21.31 3.02 32.41
C SER C 475 20.83 3.84 33.61
N ALA C 476 21.69 4.09 34.59
CA ALA C 476 21.28 4.83 35.78
C ALA C 476 21.20 6.32 35.50
N VAL C 477 22.24 6.88 34.88
CA VAL C 477 22.26 8.31 34.60
C VAL C 477 21.18 8.71 33.60
N LEU C 478 20.64 7.76 32.85
CA LEU C 478 19.60 8.04 31.86
C LEU C 478 18.19 7.78 32.38
N SER C 479 18.03 7.39 33.65
CA SER C 479 16.71 7.10 34.18
C SER C 479 15.95 8.41 34.41
N LYS C 480 14.72 8.29 34.91
CA LYS C 480 13.90 9.47 35.14
C LYS C 480 14.58 10.43 36.11
N ASP C 481 15.31 9.89 37.09
CA ASP C 481 16.01 10.70 38.08
C ASP C 481 17.52 10.64 37.91
N GLY C 482 17.99 10.36 36.69
CA GLY C 482 19.40 10.21 36.45
C GLY C 482 20.11 11.55 36.33
N SER C 483 21.44 11.49 36.48
CA SER C 483 22.24 12.71 36.42
C SER C 483 22.24 13.30 35.02
N SER C 484 22.24 12.45 33.98
CA SER C 484 22.22 12.95 32.61
C SER C 484 20.84 13.43 32.20
N THR C 485 19.80 12.68 32.56
CA THR C 485 18.44 13.15 32.32
C THR C 485 18.21 14.49 33.00
N ARG C 486 18.80 14.67 34.18
CA ARG C 486 18.64 15.91 34.93
C ARG C 486 19.52 17.03 34.39
N ALA C 487 20.67 16.70 33.81
CA ALA C 487 21.44 17.72 33.11
C ALA C 487 20.68 18.25 31.91
N LEU C 488 19.99 17.36 31.19
CA LEU C 488 19.12 17.79 30.10
C LEU C 488 18.01 18.71 30.61
N GLU C 489 17.42 18.38 31.76
CA GLU C 489 16.39 19.24 32.34
C GLU C 489 16.92 20.66 32.55
N GLU C 490 18.09 20.78 33.20
CA GLU C 490 18.63 22.11 33.46
C GLU C 490 18.94 22.84 32.16
N VAL C 491 19.43 22.12 31.15
CA VAL C 491 19.69 22.76 29.85
C VAL C 491 18.38 23.27 29.25
N ALA C 492 17.30 22.50 29.42
CA ALA C 492 16.02 22.91 28.85
C ALA C 492 15.51 24.20 29.48
N LYS C 493 15.60 24.32 30.80
CA LYS C 493 15.10 25.52 31.46
C LYS C 493 15.91 26.74 31.06
N ILE C 494 17.23 26.59 30.90
CA ILE C 494 18.04 27.70 30.43
C ILE C 494 17.58 28.13 29.04
N TRP C 495 17.19 27.17 28.20
CA TRP C 495 16.67 27.51 26.88
C TRP C 495 15.25 28.07 26.97
N GLU C 496 14.50 27.68 28.00
CA GLU C 496 13.13 28.14 28.17
C GLU C 496 13.03 29.50 28.86
N SER C 497 14.10 29.97 29.49
CA SER C 497 14.06 31.24 30.20
C SER C 497 14.17 32.39 29.21
N LYS C 498 13.63 33.55 29.62
CA LYS C 498 13.60 34.73 28.78
C LYS C 498 12.93 34.43 27.44
N THR D 31 -20.55 18.51 -11.94
CA THR D 31 -19.80 18.90 -13.12
C THR D 31 -20.57 18.52 -14.37
N THR D 32 -20.83 19.51 -15.24
CA THR D 32 -21.57 19.28 -16.47
C THR D 32 -20.69 19.25 -17.72
N ALA D 33 -19.38 19.44 -17.57
CA ALA D 33 -18.49 19.47 -18.71
C ALA D 33 -18.12 18.05 -19.13
N PRO D 34 -17.61 17.87 -20.35
CA PRO D 34 -17.12 16.56 -20.76
C PRO D 34 -15.93 16.14 -19.93
N PRO D 35 -15.58 14.86 -19.92
CA PRO D 35 -14.47 14.40 -19.09
C PRO D 35 -13.15 14.99 -19.58
N PRO D 36 -12.16 15.15 -18.70
CA PRO D 36 -10.90 15.77 -19.13
C PRO D 36 -10.18 14.93 -20.16
N HIS D 37 -9.44 15.61 -21.03
CA HIS D 37 -8.69 14.95 -22.10
C HIS D 37 -7.21 14.91 -21.76
N VAL D 38 -6.53 13.87 -22.26
CA VAL D 38 -5.10 13.69 -22.06
C VAL D 38 -4.49 13.26 -23.37
N ILE D 39 -3.38 13.91 -23.76
CA ILE D 39 -2.66 13.60 -24.98
C ILE D 39 -1.40 12.82 -24.62
N ILE D 40 -1.16 11.72 -25.32
CA ILE D 40 0.02 10.88 -25.10
C ILE D 40 0.90 10.97 -26.33
N VAL D 41 2.18 11.24 -26.13
CA VAL D 41 3.17 11.31 -27.19
C VAL D 41 4.21 10.23 -26.92
N PRO D 42 4.14 9.08 -27.62
CA PRO D 42 5.04 7.97 -27.30
C PRO D 42 6.40 8.10 -27.97
N SER D 43 7.35 7.32 -27.46
CA SER D 43 8.70 7.24 -28.03
C SER D 43 8.76 6.16 -29.11
N ALA D 44 8.42 6.56 -30.34
CA ALA D 44 8.49 5.69 -31.51
C ALA D 44 7.89 4.29 -31.37
N GLY D 45 8.68 3.36 -30.85
CA GLY D 45 8.42 1.95 -31.08
C GLY D 45 7.14 1.43 -30.48
N MET D 46 6.75 0.25 -30.96
CA MET D 46 5.60 -0.49 -30.44
C MET D 46 5.87 -1.05 -29.05
N GLY D 47 7.15 -1.22 -28.67
CA GLY D 47 7.46 -1.66 -27.32
C GLY D 47 7.12 -0.65 -26.25
N HIS D 48 6.81 0.58 -26.63
CA HIS D 48 6.38 1.64 -25.72
C HIS D 48 4.87 1.86 -25.74
N LEU D 49 4.21 1.55 -26.86
CA LEU D 49 2.77 1.72 -26.94
C LEU D 49 2.04 0.77 -25.99
N ILE D 50 2.52 -0.46 -25.88
CA ILE D 50 1.88 -1.47 -25.04
C ILE D 50 1.73 -0.93 -23.62
N PRO D 51 2.82 -0.61 -22.91
CA PRO D 51 2.64 -0.09 -21.54
C PRO D 51 1.89 1.22 -21.48
N LEU D 52 2.10 2.11 -22.46
CA LEU D 52 1.37 3.38 -22.48
C LEU D 52 -0.13 3.13 -22.64
N ALA D 53 -0.51 2.19 -23.50
CA ALA D 53 -1.93 1.88 -23.68
C ALA D 53 -2.51 1.29 -22.41
N GLU D 54 -1.73 0.46 -21.70
CA GLU D 54 -2.20 -0.08 -20.43
C GLU D 54 -2.32 1.01 -19.38
N PHE D 55 -1.41 1.98 -19.40
CA PHE D 55 -1.54 3.14 -18.53
C PHE D 55 -2.82 3.90 -18.81
N ALA D 56 -3.09 4.20 -20.09
CA ALA D 56 -4.32 4.89 -20.44
C ALA D 56 -5.54 4.09 -20.04
N LYS D 57 -5.53 2.78 -20.31
CA LYS D 57 -6.67 1.94 -19.95
C LYS D 57 -6.89 1.93 -18.44
N ARG D 58 -5.83 2.05 -17.65
CA ARG D 58 -5.96 2.10 -16.20
C ARG D 58 -6.47 3.44 -15.69
N LEU D 59 -6.49 4.48 -16.52
CA LEU D 59 -7.06 5.77 -16.14
C LEU D 59 -8.29 6.12 -16.97
N LEU D 60 -8.98 5.12 -17.52
CA LEU D 60 -10.11 5.38 -18.40
C LEU D 60 -11.34 5.86 -17.64
N PRO D 61 -11.59 5.40 -16.41
CA PRO D 61 -12.76 5.89 -15.67
C PRO D 61 -12.70 7.36 -15.30
N ARG D 62 -11.64 8.09 -15.66
CA ARG D 62 -11.51 9.49 -15.30
C ARG D 62 -10.97 10.37 -16.41
N PHE D 63 -10.45 9.81 -17.51
CA PHE D 63 -9.94 10.62 -18.60
C PHE D 63 -10.19 9.92 -19.93
N THR D 64 -10.25 10.73 -20.98
CA THR D 64 -10.13 10.27 -22.35
C THR D 64 -8.69 10.52 -22.82
N PHE D 65 -8.29 9.78 -23.86
CA PHE D 65 -6.92 9.83 -24.34
C PHE D 65 -6.89 9.98 -25.85
N THR D 66 -5.75 10.44 -26.35
CA THR D 66 -5.50 10.52 -27.79
C THR D 66 -4.01 10.36 -28.01
N PHE D 67 -3.62 9.28 -28.68
CA PHE D 67 -2.22 9.02 -28.98
C PHE D 67 -1.75 9.96 -30.09
N ALA D 68 -1.01 10.99 -29.70
CA ALA D 68 -0.37 11.88 -30.66
C ALA D 68 0.96 11.24 -31.04
N VAL D 69 0.94 10.44 -32.10
CA VAL D 69 2.06 9.57 -32.47
C VAL D 69 2.89 10.29 -33.52
N PRO D 70 4.13 10.68 -33.23
CA PRO D 70 5.02 11.15 -34.30
C PRO D 70 5.40 9.99 -35.21
N THR D 71 5.57 10.31 -36.49
CA THR D 71 5.90 9.31 -37.48
C THR D 71 6.96 9.84 -38.43
N SER D 72 7.77 8.92 -38.96
CA SER D 72 8.73 9.22 -40.01
C SER D 72 8.38 8.51 -41.32
N GLY D 73 7.13 8.08 -41.47
CA GLY D 73 6.70 7.36 -42.64
C GLY D 73 5.27 6.86 -42.50
N PRO D 74 4.80 6.12 -43.50
CA PRO D 74 3.46 5.54 -43.42
C PRO D 74 3.33 4.64 -42.21
N PRO D 75 2.32 4.85 -41.35
CA PRO D 75 2.19 4.00 -40.17
C PRO D 75 2.06 2.54 -40.55
N SER D 76 2.80 1.69 -39.85
CA SER D 76 2.77 0.26 -40.14
C SER D 76 1.38 -0.30 -39.84
N SER D 77 1.03 -1.38 -40.55
CA SER D 77 -0.27 -2.01 -40.33
C SER D 77 -0.36 -2.59 -38.92
N SER D 78 0.77 -2.92 -38.32
CA SER D 78 0.75 -3.45 -36.96
C SER D 78 0.42 -2.36 -35.95
N GLN D 79 0.98 -1.16 -36.14
CA GLN D 79 0.69 -0.07 -35.21
C GLN D 79 -0.74 0.44 -35.38
N ARG D 80 -1.21 0.56 -36.62
CA ARG D 80 -2.60 0.95 -36.83
C ARG D 80 -3.55 -0.03 -36.16
N ASP D 81 -3.31 -1.33 -36.36
CA ASP D 81 -4.21 -2.34 -35.82
C ASP D 81 -4.23 -2.32 -34.29
N PHE D 82 -3.08 -2.04 -33.68
CA PHE D 82 -3.01 -2.11 -32.21
C PHE D 82 -3.74 -0.93 -31.57
N LEU D 83 -3.47 0.28 -32.05
CA LEU D 83 -4.07 1.45 -31.41
C LEU D 83 -5.57 1.55 -31.69
N SER D 84 -6.00 1.09 -32.87
CA SER D 84 -7.43 1.07 -33.17
C SER D 84 -8.17 -0.03 -32.42
N SER D 85 -7.45 -1.03 -31.91
CA SER D 85 -8.06 -2.09 -31.13
C SER D 85 -8.23 -1.71 -29.67
N LEU D 86 -7.81 -0.51 -29.28
CA LEU D 86 -8.03 -0.03 -27.93
C LEU D 86 -9.48 0.38 -27.75
N PRO D 87 -9.95 0.49 -26.50
CA PRO D 87 -11.32 0.98 -26.28
C PRO D 87 -11.58 2.28 -27.02
N ALA D 88 -12.85 2.57 -27.30
CA ALA D 88 -13.17 3.73 -28.15
C ALA D 88 -12.74 5.04 -27.51
N SER D 89 -12.76 5.12 -26.18
CA SER D 89 -12.40 6.35 -25.49
C SER D 89 -10.94 6.76 -25.69
N ILE D 90 -10.12 5.90 -26.28
CA ILE D 90 -8.71 6.20 -26.55
C ILE D 90 -8.60 6.43 -28.05
N ASP D 91 -8.65 7.70 -28.46
CA ASP D 91 -8.52 8.05 -29.86
C ASP D 91 -7.05 7.94 -30.28
N THR D 92 -6.83 7.98 -31.60
CA THR D 92 -5.48 7.95 -32.14
C THR D 92 -5.38 8.96 -33.27
N SER D 93 -4.24 9.64 -33.36
CA SER D 93 -3.99 10.63 -34.41
C SER D 93 -2.53 10.51 -34.81
N PHE D 94 -2.28 9.93 -35.98
CA PHE D 94 -0.92 9.84 -36.51
C PHE D 94 -0.53 11.20 -37.07
N LEU D 95 0.43 11.85 -36.41
CA LEU D 95 0.82 13.19 -36.80
C LEU D 95 1.55 13.17 -38.15
N PRO D 96 1.46 14.25 -38.92
CA PRO D 96 2.17 14.29 -40.21
C PRO D 96 3.64 13.92 -40.08
N GLU D 97 4.09 13.06 -40.98
CA GLU D 97 5.45 12.54 -40.94
C GLU D 97 6.49 13.64 -41.17
N VAL D 98 7.70 13.38 -40.68
CA VAL D 98 8.83 14.27 -40.85
C VAL D 98 9.92 13.54 -41.66
N ASP D 99 10.93 14.30 -42.08
CA ASP D 99 12.04 13.79 -42.88
C ASP D 99 13.29 13.71 -42.01
N LEU D 100 13.83 12.49 -41.87
CA LEU D 100 15.05 12.27 -41.08
C LEU D 100 16.23 11.84 -41.96
N SER D 101 16.18 12.13 -43.27
CA SER D 101 17.23 11.67 -44.17
C SER D 101 18.54 12.43 -43.99
N ASP D 102 18.52 13.63 -43.39
CA ASP D 102 19.73 14.39 -43.20
C ASP D 102 20.58 13.91 -42.03
N ALA D 103 20.07 12.99 -41.21
CA ALA D 103 20.85 12.46 -40.10
C ALA D 103 21.84 11.41 -40.59
N PRO D 104 22.95 11.22 -39.86
CA PRO D 104 23.91 10.18 -40.26
C PRO D 104 23.25 8.82 -40.35
N SER D 105 23.78 7.99 -41.25
CA SER D 105 23.25 6.65 -41.44
C SER D 105 23.51 5.74 -40.24
N ASP D 106 24.45 6.11 -39.37
CA ASP D 106 24.78 5.33 -38.19
C ASP D 106 24.20 5.93 -36.91
N ALA D 107 23.24 6.84 -37.03
CA ALA D 107 22.65 7.45 -35.85
C ALA D 107 21.92 6.41 -35.03
N GLN D 108 22.19 6.38 -33.72
CA GLN D 108 21.54 5.41 -32.85
C GLN D 108 20.05 5.72 -32.74
N ILE D 109 19.31 4.74 -32.21
CA ILE D 109 17.86 4.88 -32.13
C ILE D 109 17.47 6.01 -31.19
N GLU D 110 18.27 6.26 -30.15
CA GLU D 110 17.96 7.37 -29.24
C GLU D 110 18.05 8.71 -29.95
N THR D 111 18.95 8.84 -30.92
CA THR D 111 19.06 10.10 -31.66
C THR D 111 17.89 10.28 -32.62
N LEU D 112 17.53 9.21 -33.34
CA LEU D 112 16.43 9.31 -34.30
C LEU D 112 15.11 9.61 -33.61
N MET D 113 14.86 8.99 -32.44
CA MET D 113 13.63 9.25 -31.72
C MET D 113 13.53 10.71 -31.28
N SER D 114 14.65 11.28 -30.82
CA SER D 114 14.62 12.66 -30.36
C SER D 114 14.40 13.63 -31.51
N LEU D 115 15.02 13.36 -32.67
CA LEU D 115 14.81 14.20 -33.83
C LEU D 115 13.38 14.09 -34.36
N MET D 116 12.77 12.91 -34.24
CA MET D 116 11.42 12.71 -34.73
C MET D 116 10.42 13.54 -33.93
N VAL D 117 10.57 13.57 -32.61
CA VAL D 117 9.64 14.32 -31.77
C VAL D 117 9.80 15.81 -31.98
N VAL D 118 11.05 16.28 -32.06
CA VAL D 118 11.30 17.72 -32.17
C VAL D 118 10.75 18.26 -33.48
N ARG D 119 10.96 17.54 -34.59
CA ARG D 119 10.51 18.00 -35.89
C ARG D 119 9.02 17.79 -36.13
N SER D 120 8.31 17.22 -35.16
CA SER D 120 6.86 17.07 -35.21
C SER D 120 6.15 18.05 -34.29
N LEU D 121 6.88 18.85 -33.53
CA LEU D 121 6.26 19.76 -32.57
C LEU D 121 5.22 20.68 -33.19
N PRO D 122 5.43 21.30 -34.35
CA PRO D 122 4.36 22.13 -34.93
C PRO D 122 3.07 21.34 -35.14
N SER D 123 3.18 20.09 -35.58
CA SER D 123 1.99 19.27 -35.80
C SER D 123 1.27 18.99 -34.49
N LEU D 124 2.02 18.59 -33.46
CA LEU D 124 1.41 18.36 -32.14
C LEU D 124 0.69 19.61 -31.65
N ARG D 125 1.34 20.78 -31.75
CA ARG D 125 0.68 22.01 -31.34
C ARG D 125 -0.62 22.22 -32.11
N ASP D 126 -0.62 21.90 -33.41
CA ASP D 126 -1.85 22.05 -34.18
C ASP D 126 -2.91 21.06 -33.75
N LEU D 127 -2.51 19.88 -33.27
CA LEU D 127 -3.49 18.90 -32.82
C LEU D 127 -4.25 19.40 -31.60
N ILE D 128 -3.54 19.99 -30.64
CA ILE D 128 -4.22 20.51 -29.46
C ILE D 128 -5.06 21.73 -29.83
N ALA D 129 -4.65 22.47 -30.87
CA ALA D 129 -5.46 23.59 -31.33
C ALA D 129 -6.87 23.14 -31.67
N SER D 130 -7.00 21.99 -32.35
CA SER D 130 -8.31 21.53 -32.79
C SER D 130 -9.22 21.19 -31.61
N TYR D 131 -8.66 20.86 -30.46
CA TYR D 131 -9.46 20.43 -29.31
C TYR D 131 -10.12 21.59 -28.56
N SER D 132 -9.79 22.84 -28.88
CA SER D 132 -10.37 23.95 -28.12
C SER D 132 -11.84 24.18 -28.45
N ALA D 133 -12.23 24.01 -29.73
CA ALA D 133 -13.64 24.15 -30.11
C ALA D 133 -14.50 23.16 -29.34
N SER D 134 -14.07 21.90 -29.28
CA SER D 134 -14.83 20.90 -28.52
C SER D 134 -14.83 21.29 -27.05
N GLY D 135 -15.64 20.57 -26.27
CA GLY D 135 -15.78 20.87 -24.86
C GLY D 135 -14.72 20.23 -23.97
N ARG D 136 -13.74 19.56 -24.54
CA ARG D 136 -12.77 18.83 -23.73
C ARG D 136 -11.58 19.71 -23.38
N ARG D 137 -11.19 19.67 -22.12
CA ARG D 137 -10.05 20.40 -21.59
C ARG D 137 -8.85 19.46 -21.52
N VAL D 138 -7.79 19.79 -22.25
CA VAL D 138 -6.57 18.98 -22.20
C VAL D 138 -5.94 19.12 -20.82
N ALA D 139 -6.16 18.13 -19.95
CA ALA D 139 -5.74 18.24 -18.56
C ALA D 139 -4.28 17.87 -18.34
N ALA D 140 -3.67 17.10 -19.24
CA ALA D 140 -2.29 16.68 -19.05
C ALA D 140 -1.72 16.21 -20.37
N LEU D 141 -0.40 16.40 -20.52
CA LEU D 141 0.36 15.89 -21.66
C LEU D 141 1.36 14.88 -21.14
N VAL D 142 1.17 13.62 -21.49
CA VAL D 142 2.02 12.52 -21.02
C VAL D 142 3.03 12.21 -22.12
N VAL D 143 4.31 12.50 -21.86
CA VAL D 143 5.38 12.28 -22.82
C VAL D 143 6.21 11.09 -22.36
N ASP D 144 6.73 10.35 -23.33
CA ASP D 144 7.53 9.17 -23.03
C ASP D 144 8.90 9.60 -22.49
N LEU D 145 9.75 8.61 -22.21
CA LEU D 145 11.04 8.89 -21.59
C LEU D 145 12.01 9.60 -22.53
N PHE D 146 11.82 9.48 -23.84
CA PHE D 146 12.69 10.11 -24.83
C PHE D 146 11.88 11.06 -25.73
N ALA D 147 10.92 11.76 -25.13
CA ALA D 147 10.12 12.76 -25.82
C ALA D 147 10.00 14.03 -24.96
N THR D 148 11.04 14.35 -24.21
CA THR D 148 10.97 15.46 -23.26
C THR D 148 10.76 16.80 -23.95
N ASP D 149 11.23 16.94 -25.19
CA ASP D 149 11.07 18.21 -25.90
C ASP D 149 9.61 18.57 -26.14
N ALA D 150 8.68 17.63 -25.95
CA ALA D 150 7.27 17.96 -26.02
C ALA D 150 6.75 18.66 -24.78
N ILE D 151 7.52 18.63 -23.68
CA ILE D 151 7.12 19.36 -22.47
C ILE D 151 6.99 20.84 -22.75
N ASP D 152 7.74 21.36 -23.73
CA ASP D 152 7.67 22.78 -24.04
C ASP D 152 6.25 23.20 -24.39
N VAL D 153 5.54 22.38 -25.17
CA VAL D 153 4.19 22.74 -25.59
C VAL D 153 3.22 22.74 -24.41
N ALA D 154 3.36 21.76 -23.51
CA ALA D 154 2.45 21.68 -22.36
C ALA D 154 2.54 22.93 -21.50
N LEU D 155 3.76 23.38 -21.18
CA LEU D 155 3.92 24.60 -20.41
C LEU D 155 3.41 25.82 -21.19
N GLU D 156 3.55 25.81 -22.52
CA GLU D 156 3.10 26.95 -23.31
C GLU D 156 1.60 27.17 -23.19
N LEU D 157 0.83 26.08 -23.13
CA LEU D 157 -0.62 26.14 -23.12
C LEU D 157 -1.22 25.85 -21.75
N GLY D 158 -0.42 25.98 -20.69
CA GLY D 158 -0.93 25.75 -19.35
C GLY D 158 -1.38 24.33 -19.09
N ILE D 159 -0.83 23.36 -19.83
CA ILE D 159 -1.16 21.96 -19.66
C ILE D 159 -0.13 21.32 -18.74
N ARG D 160 -0.60 20.44 -17.86
CA ARG D 160 0.30 19.77 -16.92
C ARG D 160 1.23 18.81 -17.66
N PRO D 161 2.56 19.00 -17.61
CA PRO D 161 3.45 18.05 -18.28
C PRO D 161 3.91 16.91 -17.38
N PHE D 162 3.70 15.68 -17.83
CA PHE D 162 4.13 14.49 -17.12
C PHE D 162 4.96 13.61 -18.04
N ILE D 163 5.84 12.82 -17.43
CA ILE D 163 6.74 11.91 -18.14
C ILE D 163 6.39 10.48 -17.74
N PHE D 164 6.28 9.61 -18.73
CA PHE D 164 6.07 8.18 -18.49
C PHE D 164 7.38 7.44 -18.75
N PHE D 165 7.82 6.67 -17.75
CA PHE D 165 9.08 5.93 -17.85
C PHE D 165 8.77 4.45 -17.99
N PRO D 166 8.85 3.87 -19.19
CA PRO D 166 8.51 2.46 -19.36
C PRO D 166 9.68 1.53 -19.08
N SER D 167 10.53 1.91 -18.13
CA SER D 167 11.69 1.11 -17.76
C SER D 167 11.77 1.07 -16.24
N THR D 168 12.95 0.72 -15.72
CA THR D 168 13.12 0.49 -14.30
C THR D 168 13.31 1.80 -13.54
N ALA D 169 12.97 1.77 -12.25
CA ALA D 169 13.33 2.88 -11.38
C ALA D 169 14.85 2.98 -11.24
N MET D 170 15.55 1.86 -11.44
CA MET D 170 17.02 1.90 -11.47
C MET D 170 17.50 2.76 -12.62
N THR D 171 16.95 2.56 -13.82
CA THR D 171 17.35 3.37 -14.96
C THR D 171 16.87 4.81 -14.80
N LEU D 172 15.70 5.02 -14.19
CA LEU D 172 15.24 6.37 -13.93
C LEU D 172 16.18 7.09 -12.97
N SER D 173 16.59 6.42 -11.90
CA SER D 173 17.58 7.01 -11.00
C SER D 173 18.88 7.29 -11.75
N PHE D 174 19.27 6.41 -12.66
CA PHE D 174 20.45 6.66 -13.48
C PHE D 174 20.27 7.91 -14.33
N PHE D 175 19.07 8.09 -14.90
CA PHE D 175 18.77 9.30 -15.66
C PHE D 175 18.90 10.53 -14.79
N LEU D 176 18.22 10.55 -13.63
CA LEU D 176 18.24 11.72 -12.78
C LEU D 176 19.64 12.01 -12.24
N HIS D 177 20.45 10.97 -12.04
CA HIS D 177 21.81 11.12 -11.56
C HIS D 177 22.81 11.35 -12.69
N LEU D 178 22.35 11.35 -13.94
CA LEU D 178 23.26 11.45 -15.06
C LEU D 178 23.98 12.80 -15.08
N GLU D 179 23.31 13.87 -14.66
CA GLU D 179 23.97 15.18 -14.63
C GLU D 179 25.14 15.18 -13.66
N LYS D 180 24.96 14.59 -12.47
CA LYS D 180 26.05 14.53 -11.51
C LYS D 180 27.12 13.53 -11.95
N LEU D 181 26.71 12.41 -12.52
CA LEU D 181 27.67 11.41 -12.97
C LEU D 181 28.48 11.88 -14.17
N ASP D 182 27.97 12.85 -14.93
CA ASP D 182 28.69 13.36 -16.10
C ASP D 182 29.78 14.35 -15.71
N GLU D 183 29.50 15.23 -14.75
CA GLU D 183 30.44 16.26 -14.35
C GLU D 183 31.53 15.75 -13.42
N THR D 184 31.41 14.52 -12.92
CA THR D 184 32.40 13.95 -12.00
C THR D 184 33.22 12.84 -12.62
N VAL D 185 32.88 12.39 -13.83
CA VAL D 185 33.62 11.36 -14.53
C VAL D 185 34.13 11.94 -15.84
N SER D 186 35.40 11.66 -16.16
CA SER D 186 36.04 12.21 -17.34
C SER D 186 36.26 11.20 -18.46
N CYS D 187 36.48 9.93 -18.13
CA CYS D 187 36.71 8.90 -19.12
C CYS D 187 35.39 8.25 -19.52
N GLU D 188 35.47 7.28 -20.43
CA GLU D 188 34.29 6.50 -20.79
C GLU D 188 33.84 5.68 -19.58
N PHE D 189 32.54 5.40 -19.52
CA PHE D 189 32.00 4.73 -18.34
C PHE D 189 32.54 3.31 -18.22
N ALA D 190 32.67 2.59 -19.34
CA ALA D 190 33.25 1.26 -19.31
C ALA D 190 34.72 1.28 -18.89
N GLU D 191 35.35 2.45 -18.90
CA GLU D 191 36.74 2.60 -18.50
C GLU D 191 36.91 2.84 -16.99
N LEU D 192 35.82 2.74 -16.22
CA LEU D 192 35.91 2.91 -14.78
C LEU D 192 36.39 1.63 -14.11
N SER D 193 37.34 1.78 -13.17
CA SER D 193 37.80 0.63 -12.41
C SER D 193 36.73 0.15 -11.44
N ASP D 194 36.07 1.09 -10.73
CA ASP D 194 35.04 0.73 -9.76
C ASP D 194 33.66 0.95 -10.36
N PRO D 195 32.67 0.17 -9.94
CA PRO D 195 31.32 0.33 -10.51
C PRO D 195 30.68 1.65 -10.09
N VAL D 196 29.75 2.11 -10.91
CA VAL D 196 29.04 3.35 -10.64
C VAL D 196 27.96 3.09 -9.59
N GLN D 197 27.89 3.99 -8.61
CA GLN D 197 26.91 3.92 -7.53
C GLN D 197 25.76 4.87 -7.86
N ILE D 198 24.63 4.30 -8.27
CA ILE D 198 23.43 5.08 -8.56
C ILE D 198 22.73 5.32 -7.23
N PRO D 199 22.19 6.51 -6.98
CA PRO D 199 21.52 6.76 -5.70
C PRO D 199 20.42 5.73 -5.42
N GLY D 200 20.60 4.97 -4.35
CA GLY D 200 19.60 4.02 -3.90
C GLY D 200 19.61 2.68 -4.58
N CYS D 201 20.48 2.48 -5.57
CA CYS D 201 20.53 1.24 -6.35
C CYS D 201 21.83 0.50 -6.05
N ILE D 202 21.89 -0.74 -6.55
CA ILE D 202 23.08 -1.56 -6.38
C ILE D 202 24.15 -1.00 -7.32
N PRO D 203 25.43 -1.16 -7.01
CA PRO D 203 26.47 -0.70 -7.95
C PRO D 203 26.31 -1.37 -9.31
N VAL D 204 26.59 -0.62 -10.37
CA VAL D 204 26.55 -1.13 -11.73
C VAL D 204 27.90 -0.83 -12.37
N HIS D 205 28.47 -1.82 -13.04
CA HIS D 205 29.73 -1.58 -13.75
C HIS D 205 29.49 -0.74 -15.00
N GLY D 206 30.49 0.05 -15.37
CA GLY D 206 30.35 0.91 -16.52
C GLY D 206 29.99 0.15 -17.78
N LYS D 207 30.53 -1.07 -17.93
CA LYS D 207 30.19 -1.87 -19.10
C LYS D 207 28.73 -2.28 -19.09
N ASP D 208 28.13 -2.42 -17.91
CA ASP D 208 26.74 -2.83 -17.80
C ASP D 208 25.77 -1.66 -17.92
N LEU D 209 26.26 -0.44 -17.97
CA LEU D 209 25.39 0.72 -18.15
C LEU D 209 24.74 0.68 -19.54
N ILE D 210 23.65 1.42 -19.67
CA ILE D 210 22.82 1.40 -20.86
C ILE D 210 23.65 1.69 -22.11
N ASP D 211 23.12 1.35 -23.28
CA ASP D 211 23.88 1.52 -24.52
C ASP D 211 24.20 2.98 -24.83
N PRO D 212 23.24 3.91 -24.79
CA PRO D 212 23.54 5.28 -25.28
C PRO D 212 24.67 5.98 -24.54
N VAL D 213 25.08 5.50 -23.35
CA VAL D 213 26.16 6.15 -22.63
C VAL D 213 27.52 5.51 -22.90
N GLN D 214 27.56 4.42 -23.65
CA GLN D 214 28.82 3.74 -23.95
C GLN D 214 29.65 4.46 -25.01
N ASP D 215 29.14 5.54 -25.59
CA ASP D 215 29.88 6.34 -26.57
C ASP D 215 29.52 7.80 -26.31
N ARG D 216 30.39 8.49 -25.58
CA ARG D 216 30.11 9.85 -25.12
C ARG D 216 30.34 10.91 -26.18
N LYS D 217 31.00 10.59 -27.28
CA LYS D 217 31.16 11.52 -28.40
C LYS D 217 30.05 11.38 -29.43
N ASN D 218 29.22 10.35 -29.35
CA ASN D 218 28.13 10.16 -30.29
C ASN D 218 26.96 11.08 -29.93
N ASP D 219 26.17 11.43 -30.94
CA ASP D 219 25.01 12.27 -30.71
C ASP D 219 23.98 11.60 -29.81
N ALA D 220 24.02 10.27 -29.69
CA ALA D 220 23.06 9.58 -28.83
C ALA D 220 23.25 9.96 -27.37
N TYR D 221 24.50 10.07 -26.92
CA TYR D 221 24.77 10.44 -25.54
C TYR D 221 24.39 11.90 -25.29
N LYS D 222 24.61 12.76 -26.28
CA LYS D 222 24.28 14.18 -26.11
C LYS D 222 22.77 14.39 -26.05
N TRP D 223 22.00 13.58 -26.76
CA TRP D 223 20.54 13.66 -26.64
C TRP D 223 20.07 13.12 -25.30
N LEU D 224 20.65 12.00 -24.85
CA LEU D 224 20.27 11.43 -23.57
C LEU D 224 20.46 12.43 -22.43
N LEU D 225 21.60 13.13 -22.42
CA LEU D 225 21.83 14.13 -21.40
C LEU D 225 20.80 15.26 -21.48
N HIS D 226 20.48 15.69 -22.70
CA HIS D 226 19.50 16.75 -22.87
C HIS D 226 18.18 16.40 -22.21
N HIS D 227 17.72 15.15 -22.37
CA HIS D 227 16.43 14.76 -21.82
C HIS D 227 16.46 14.66 -20.31
N SER D 228 17.51 14.06 -19.75
CA SER D 228 17.56 13.82 -18.31
C SER D 228 17.45 15.13 -17.53
N LYS D 229 18.10 16.18 -18.00
CA LYS D 229 18.04 17.46 -17.31
C LYS D 229 16.67 18.12 -17.42
N ARG D 230 15.82 17.66 -18.34
CA ARG D 230 14.49 18.22 -18.52
C ARG D 230 13.42 17.47 -17.75
N TYR D 231 13.78 16.38 -17.06
CA TYR D 231 12.80 15.64 -16.28
C TYR D 231 12.21 16.49 -15.15
N LYS D 232 12.98 17.45 -14.65
CA LYS D 232 12.48 18.31 -13.57
C LYS D 232 11.40 19.27 -14.03
N LEU D 233 11.23 19.46 -15.35
CA LEU D 233 10.21 20.34 -15.87
C LEU D 233 8.81 19.73 -15.81
N ALA D 234 8.70 18.43 -15.56
CA ALA D 234 7.41 17.76 -15.48
C ALA D 234 6.90 17.78 -14.05
N GLU D 235 5.59 17.93 -13.89
CA GLU D 235 4.97 17.88 -12.57
C GLU D 235 5.04 16.48 -11.94
N GLY D 236 5.48 15.48 -12.69
CA GLY D 236 5.65 14.14 -12.16
C GLY D 236 6.19 13.16 -13.18
N VAL D 237 6.91 12.14 -12.72
CA VAL D 237 7.44 11.09 -13.57
C VAL D 237 6.79 9.77 -13.15
N ILE D 238 6.10 9.12 -14.09
CA ILE D 238 5.41 7.86 -13.83
C ILE D 238 6.30 6.73 -14.29
N VAL D 239 6.79 5.93 -13.34
CA VAL D 239 7.66 4.79 -13.64
C VAL D 239 6.82 3.52 -13.55
N ASN D 240 7.07 2.60 -14.48
CA ASN D 240 6.29 1.35 -14.56
C ASN D 240 6.95 0.28 -13.70
N SER D 241 6.84 0.48 -12.38
CA SER D 241 7.42 -0.43 -11.40
C SER D 241 6.74 -0.17 -10.06
N PHE D 242 7.09 -0.98 -9.06
CA PHE D 242 6.54 -0.83 -7.73
C PHE D 242 7.62 -1.10 -6.70
N GLU D 243 7.36 -0.68 -5.46
CA GLU D 243 8.38 -0.74 -4.42
C GLU D 243 8.77 -2.18 -4.10
N GLY D 244 7.79 -3.09 -4.09
CA GLY D 244 8.08 -4.48 -3.80
C GLY D 244 9.10 -5.10 -4.73
N LEU D 245 9.33 -4.51 -5.90
CA LEU D 245 10.30 -5.02 -6.86
C LEU D 245 11.65 -4.33 -6.76
N GLU D 246 11.68 -3.03 -6.43
CA GLU D 246 12.93 -2.26 -6.33
C GLU D 246 12.80 -1.33 -5.12
N GLY D 247 13.00 -1.89 -3.93
CA GLY D 247 12.87 -1.09 -2.71
C GLY D 247 13.84 0.07 -2.67
N GLY D 248 15.12 -0.20 -2.94
CA GLY D 248 16.15 0.80 -2.86
C GLY D 248 15.92 1.98 -3.79
N PRO D 249 15.90 1.72 -5.10
CA PRO D 249 15.73 2.84 -6.05
C PRO D 249 14.45 3.63 -5.86
N ILE D 250 13.33 2.95 -5.59
CA ILE D 250 12.05 3.64 -5.49
C ILE D 250 12.08 4.64 -4.34
N ARG D 251 12.53 4.20 -3.16
CA ARG D 251 12.51 5.09 -2.00
C ARG D 251 13.45 6.27 -2.17
N GLU D 252 14.55 6.10 -2.92
CA GLU D 252 15.41 7.24 -3.20
C GLU D 252 14.72 8.23 -4.12
N LEU D 253 13.96 7.72 -5.09
CA LEU D 253 13.23 8.59 -6.00
C LEU D 253 12.07 9.28 -5.29
N LEU D 254 11.35 8.54 -4.44
CA LEU D 254 10.23 9.13 -3.70
C LEU D 254 10.68 10.16 -2.68
N HIS D 255 11.96 10.20 -2.34
CA HIS D 255 12.45 11.14 -1.34
C HIS D 255 12.46 12.55 -1.93
N PRO D 256 11.66 13.48 -1.39
CA PRO D 256 11.61 14.82 -1.99
C PRO D 256 12.96 15.51 -1.95
N GLU D 257 13.38 16.01 -3.11
CA GLU D 257 14.60 16.78 -3.26
C GLU D 257 14.33 18.02 -4.09
N PRO D 258 15.06 19.11 -3.85
CA PRO D 258 14.89 20.30 -4.70
C PRO D 258 15.43 20.04 -6.09
N GLY D 259 14.66 20.45 -7.09
CA GLY D 259 15.04 20.22 -8.47
C GLY D 259 14.80 18.81 -8.97
N LYS D 260 14.16 17.95 -8.17
CA LYS D 260 13.87 16.58 -8.56
C LYS D 260 12.36 16.39 -8.64
N PRO D 261 11.83 15.80 -9.72
CA PRO D 261 10.38 15.68 -9.86
C PRO D 261 9.80 14.54 -9.03
N ARG D 262 8.49 14.62 -8.82
CA ARG D 262 7.76 13.56 -8.14
C ARG D 262 7.74 12.30 -9.00
N VAL D 263 7.71 11.15 -8.34
CA VAL D 263 7.68 9.86 -9.01
C VAL D 263 6.45 9.09 -8.54
N TYR D 264 5.80 8.40 -9.47
CA TYR D 264 4.57 7.65 -9.19
C TYR D 264 4.72 6.22 -9.72
N PRO D 265 5.20 5.29 -8.89
CA PRO D 265 5.29 3.89 -9.33
C PRO D 265 3.89 3.29 -9.48
N VAL D 266 3.59 2.79 -10.68
CA VAL D 266 2.27 2.26 -10.99
C VAL D 266 2.38 0.87 -11.60
N GLY D 267 3.56 0.26 -11.52
CA GLY D 267 3.76 -1.04 -12.09
C GLY D 267 3.24 -2.14 -11.21
N PRO D 268 3.12 -3.36 -11.78
CA PRO D 268 3.45 -3.71 -13.17
C PRO D 268 2.27 -3.54 -14.13
N LEU D 269 2.47 -2.72 -15.16
CA LEU D 269 1.45 -2.51 -16.19
C LEU D 269 1.77 -3.46 -17.34
N ILE D 270 1.05 -4.59 -17.39
CA ILE D 270 1.21 -5.58 -18.46
C ILE D 270 -0.15 -5.84 -19.09
N GLN D 271 -0.11 -6.55 -20.22
CA GLN D 271 -1.31 -6.86 -20.98
C GLN D 271 -2.04 -8.06 -20.37
N ALA D 272 -3.30 -8.21 -20.78
CA ALA D 272 -4.12 -9.32 -20.30
C ALA D 272 -3.85 -10.57 -21.14
N GLY D 273 -4.39 -11.69 -20.67
CA GLY D 273 -4.26 -12.96 -21.37
C GLY D 273 -5.17 -13.06 -22.58
N PRO D 283 -4.55 -21.83 -30.97
CA PRO D 283 -3.10 -21.61 -30.85
C PRO D 283 -2.36 -22.89 -30.46
N GLU D 284 -1.51 -23.38 -31.36
CA GLU D 284 -0.81 -24.64 -31.10
C GLU D 284 0.15 -24.53 -29.93
N CYS D 285 0.85 -23.40 -29.80
CA CYS D 285 1.84 -23.27 -28.74
C CYS D 285 1.22 -23.43 -27.37
N LEU D 286 -0.01 -22.92 -27.19
CA LEU D 286 -0.69 -23.12 -25.91
C LEU D 286 -1.16 -24.57 -25.76
N LYS D 287 -1.56 -25.20 -26.86
CA LYS D 287 -1.84 -26.63 -26.81
C LYS D 287 -0.58 -27.41 -26.46
N TRP D 288 0.56 -27.01 -27.02
CA TRP D 288 1.81 -27.67 -26.68
C TRP D 288 2.11 -27.56 -25.18
N LEU D 289 1.83 -26.40 -24.58
CA LEU D 289 2.11 -26.20 -23.17
C LEU D 289 1.17 -27.02 -22.28
N ASP D 290 -0.05 -27.27 -22.74
CA ASP D 290 -1.02 -27.97 -21.91
C ASP D 290 -0.57 -29.38 -21.58
N GLN D 291 0.11 -30.06 -22.52
CA GLN D 291 0.54 -31.43 -22.30
C GLN D 291 1.83 -31.53 -21.50
N GLN D 292 2.61 -30.45 -21.40
CA GLN D 292 3.87 -30.50 -20.68
C GLN D 292 3.62 -30.53 -19.17
N PRO D 293 4.61 -30.96 -18.38
CA PRO D 293 4.43 -30.96 -16.93
C PRO D 293 4.32 -29.58 -16.33
N ARG D 294 4.30 -29.51 -15.00
CA ARG D 294 4.19 -28.24 -14.29
C ARG D 294 5.55 -27.59 -14.14
N GLY D 295 5.66 -26.33 -14.58
CA GLY D 295 6.89 -25.57 -14.42
C GLY D 295 8.12 -26.27 -14.95
N SER D 296 8.04 -26.83 -16.14
CA SER D 296 9.13 -27.59 -16.73
C SER D 296 9.60 -27.05 -18.07
N VAL D 297 8.87 -26.13 -18.70
CA VAL D 297 9.21 -25.61 -20.01
C VAL D 297 9.98 -24.30 -19.86
N LEU D 298 11.10 -24.20 -20.57
CA LEU D 298 11.88 -22.97 -20.65
C LEU D 298 11.45 -22.20 -21.88
N PHE D 299 10.80 -21.06 -21.68
CA PHE D 299 10.39 -20.20 -22.80
C PHE D 299 11.57 -19.32 -23.21
N VAL D 300 11.98 -19.46 -24.47
CA VAL D 300 13.10 -18.69 -25.03
C VAL D 300 12.52 -17.74 -26.07
N ASN D 301 12.71 -16.44 -25.85
CA ASN D 301 12.15 -15.43 -26.74
C ASN D 301 12.87 -14.11 -26.48
N PHE D 302 13.48 -13.55 -27.52
CA PHE D 302 14.19 -12.28 -27.41
C PHE D 302 13.32 -11.09 -27.78
N GLY D 303 12.09 -11.31 -28.22
CA GLY D 303 11.22 -10.25 -28.65
C GLY D 303 11.58 -9.74 -30.04
N SER D 304 10.58 -9.16 -30.70
CA SER D 304 10.80 -8.63 -32.04
C SER D 304 11.93 -7.60 -32.01
N GLY D 305 12.90 -7.79 -32.91
CA GLY D 305 14.09 -6.96 -32.91
C GLY D 305 15.24 -7.50 -32.08
N GLY D 306 15.13 -8.71 -31.54
CA GLY D 306 16.21 -9.31 -30.79
C GLY D 306 16.99 -10.30 -31.64
N VAL D 307 17.71 -9.78 -32.63
CA VAL D 307 18.44 -10.60 -33.57
C VAL D 307 19.80 -10.94 -33.00
N LEU D 308 20.32 -12.11 -33.36
CA LEU D 308 21.65 -12.56 -32.95
C LEU D 308 22.49 -12.86 -34.17
N SER D 309 23.76 -13.16 -33.93
CA SER D 309 24.65 -13.62 -34.98
C SER D 309 24.48 -15.12 -35.20
N THR D 310 24.74 -15.56 -36.43
CA THR D 310 24.65 -16.98 -36.75
C THR D 310 25.45 -17.83 -35.78
N GLU D 311 26.63 -17.33 -35.37
CA GLU D 311 27.47 -18.11 -34.47
C GLU D 311 26.83 -18.26 -33.10
N GLN D 312 26.33 -17.17 -32.53
CA GLN D 312 25.70 -17.25 -31.21
C GLN D 312 24.41 -18.05 -31.27
N GLN D 313 23.70 -18.02 -32.40
CA GLN D 313 22.47 -18.79 -32.52
C GLN D 313 22.74 -20.28 -32.50
N ASN D 314 23.83 -20.72 -33.13
CA ASN D 314 24.16 -22.14 -33.16
C ASN D 314 24.56 -22.64 -31.78
N GLU D 315 25.23 -21.80 -30.98
CA GLU D 315 25.62 -22.20 -29.65
C GLU D 315 24.39 -22.52 -28.79
N LEU D 316 23.34 -21.71 -28.91
CA LEU D 316 22.11 -21.98 -28.19
C LEU D 316 21.42 -23.23 -28.72
N ALA D 317 21.38 -23.40 -30.04
CA ALA D 317 20.78 -24.59 -30.62
C ALA D 317 21.45 -25.86 -30.10
N GLY D 318 22.79 -25.87 -30.06
CA GLY D 318 23.50 -27.05 -29.59
C GLY D 318 23.08 -27.47 -28.19
N VAL D 319 22.91 -26.50 -27.29
CA VAL D 319 22.53 -26.83 -25.92
C VAL D 319 21.12 -27.42 -25.87
N LEU D 320 20.18 -26.81 -26.60
CA LEU D 320 18.81 -27.31 -26.60
C LEU D 320 18.71 -28.67 -27.27
N ALA D 321 19.57 -28.96 -28.23
CA ALA D 321 19.47 -30.21 -28.97
C ALA D 321 19.90 -31.40 -28.12
N HIS D 322 20.91 -31.23 -27.28
CA HIS D 322 21.50 -32.31 -26.51
C HIS D 322 21.17 -32.25 -25.02
N SER D 323 20.33 -31.31 -24.61
CA SER D 323 19.90 -31.20 -23.21
C SER D 323 18.64 -32.03 -22.96
N GLN D 324 18.45 -32.38 -21.69
CA GLN D 324 17.25 -33.05 -21.23
C GLN D 324 16.14 -32.06 -20.89
N GLN D 325 16.33 -30.79 -21.24
CA GLN D 325 15.39 -29.72 -20.94
C GLN D 325 14.35 -29.58 -22.04
N ARG D 326 13.10 -29.36 -21.63
CA ARG D 326 12.02 -29.03 -22.55
C ARG D 326 12.02 -27.52 -22.80
N PHE D 327 11.90 -27.12 -24.06
CA PHE D 327 12.04 -25.73 -24.44
C PHE D 327 10.93 -25.34 -25.41
N LEU D 328 10.52 -24.07 -25.33
CA LEU D 328 9.61 -23.45 -26.29
C LEU D 328 10.31 -22.20 -26.81
N TRP D 329 10.87 -22.27 -28.01
CA TRP D 329 11.79 -21.28 -28.52
C TRP D 329 11.17 -20.50 -29.67
N VAL D 330 11.17 -19.17 -29.55
CA VAL D 330 10.76 -18.27 -30.63
C VAL D 330 12.03 -17.78 -31.31
N VAL D 331 12.27 -18.27 -32.53
CA VAL D 331 13.54 -18.06 -33.22
C VAL D 331 13.36 -16.99 -34.28
N ARG D 332 14.44 -16.26 -34.57
CA ARG D 332 14.42 -15.21 -35.58
C ARG D 332 15.66 -15.31 -36.45
N PRO D 333 15.57 -14.89 -37.71
CA PRO D 333 16.73 -14.96 -38.61
C PRO D 333 17.86 -14.06 -38.12
N PRO D 334 19.09 -14.60 -37.99
CA PRO D 334 20.22 -13.78 -37.52
C PRO D 334 20.56 -12.59 -38.40
N ASN D 335 21.59 -11.85 -38.00
CA ASN D 335 22.11 -10.71 -38.75
C ASN D 335 23.29 -11.11 -39.64
N ASP D 336 23.17 -12.23 -40.35
CA ASP D 336 24.24 -12.69 -41.23
C ASP D 336 23.65 -13.20 -42.55
N PRO D 352 12.89 -19.75 -40.26
CA PRO D 352 14.16 -19.83 -39.52
C PRO D 352 14.47 -21.25 -39.04
N LEU D 353 13.43 -22.06 -38.87
CA LEU D 353 13.63 -23.44 -38.44
C LEU D 353 14.34 -24.29 -39.49
N LYS D 354 14.51 -23.77 -40.71
CA LYS D 354 15.34 -24.42 -41.71
C LYS D 354 16.77 -23.90 -41.71
N LEU D 355 17.00 -22.73 -41.10
CA LEU D 355 18.35 -22.21 -40.96
C LEU D 355 19.08 -22.78 -39.75
N LEU D 356 18.42 -23.64 -38.98
CA LEU D 356 19.03 -24.29 -37.84
C LEU D 356 19.96 -25.42 -38.28
N PRO D 357 20.87 -25.86 -37.41
CA PRO D 357 21.78 -26.96 -37.80
C PRO D 357 21.05 -28.19 -38.29
N GLU D 358 21.80 -29.16 -38.82
CA GLU D 358 21.20 -30.33 -39.43
C GLU D 358 20.36 -31.09 -38.41
N GLY D 359 19.14 -31.44 -38.81
CA GLY D 359 18.29 -32.27 -37.98
C GLY D 359 18.00 -31.72 -36.60
N PHE D 360 17.97 -30.40 -36.46
CA PHE D 360 17.58 -29.82 -35.17
C PHE D 360 16.13 -30.13 -34.83
N LEU D 361 15.26 -30.17 -35.84
CA LEU D 361 13.88 -30.56 -35.60
C LEU D 361 13.77 -32.05 -35.30
N GLU D 362 14.68 -32.85 -35.84
CA GLU D 362 14.67 -34.28 -35.54
C GLU D 362 15.12 -34.55 -34.11
N GLN D 363 16.18 -33.87 -33.66
CA GLN D 363 16.66 -34.05 -32.30
C GLN D 363 15.66 -33.49 -31.29
N THR D 364 15.07 -32.33 -31.58
CA THR D 364 14.13 -31.67 -30.69
C THR D 364 12.71 -31.99 -31.17
N ALA D 365 12.20 -33.15 -30.74
CA ALA D 365 10.87 -33.58 -31.14
C ALA D 365 9.84 -33.32 -30.04
N GLY D 366 9.53 -34.35 -29.24
CA GLY D 366 8.61 -34.17 -28.12
C GLY D 366 9.19 -33.42 -26.94
N ARG D 367 10.48 -33.10 -26.99
CA ARG D 367 11.11 -32.36 -25.89
C ARG D 367 10.89 -30.87 -26.03
N GLY D 368 10.99 -30.33 -27.25
CA GLY D 368 10.86 -28.92 -27.48
C GLY D 368 10.02 -28.64 -28.70
N LEU D 369 9.68 -27.36 -28.87
CA LEU D 369 8.84 -26.91 -29.97
C LEU D 369 9.41 -25.60 -30.47
N VAL D 370 9.81 -25.57 -31.74
CA VAL D 370 10.41 -24.39 -32.35
C VAL D 370 9.30 -23.49 -32.89
N LEU D 371 9.39 -22.19 -32.59
CA LEU D 371 8.42 -21.20 -33.05
C LEU D 371 9.11 -20.11 -33.83
N PRO D 372 8.57 -19.70 -34.98
CA PRO D 372 9.18 -18.60 -35.72
C PRO D 372 8.59 -17.23 -35.39
N MET D 373 9.46 -16.27 -35.07
CA MET D 373 9.10 -14.86 -34.99
C MET D 373 8.22 -14.48 -33.80
N TRP D 374 7.01 -15.03 -33.70
CA TRP D 374 6.02 -14.52 -32.77
C TRP D 374 5.39 -15.64 -31.96
N ALA D 375 4.93 -15.28 -30.76
CA ALA D 375 4.18 -16.17 -29.88
C ALA D 375 3.41 -15.33 -28.88
N PRO D 376 2.25 -15.78 -28.41
CA PRO D 376 1.51 -15.01 -27.40
C PRO D 376 2.25 -15.04 -26.07
N GLN D 377 3.18 -14.11 -25.89
CA GLN D 377 4.14 -14.21 -24.80
C GLN D 377 3.47 -14.21 -23.43
N ILE D 378 2.34 -13.51 -23.28
CA ILE D 378 1.67 -13.50 -21.99
C ILE D 378 1.02 -14.84 -21.71
N ASP D 379 0.30 -15.38 -22.70
CA ASP D 379 -0.35 -16.67 -22.51
C ASP D 379 0.67 -17.77 -22.23
N VAL D 380 1.90 -17.61 -22.72
CA VAL D 380 2.97 -18.55 -22.39
C VAL D 380 3.47 -18.32 -20.97
N LEU D 381 3.70 -17.06 -20.61
CA LEU D 381 4.20 -16.75 -19.27
C LEU D 381 3.17 -17.03 -18.20
N SER D 382 1.88 -16.99 -18.54
CA SER D 382 0.82 -17.30 -17.59
C SER D 382 0.53 -18.79 -17.48
N HIS D 383 0.96 -19.58 -18.45
CA HIS D 383 0.72 -21.02 -18.43
C HIS D 383 1.43 -21.66 -17.25
N GLU D 384 0.81 -22.71 -16.70
CA GLU D 384 1.39 -23.42 -15.57
C GLU D 384 2.62 -24.24 -15.97
N SER D 385 2.78 -24.52 -17.26
CA SER D 385 3.90 -25.34 -17.73
C SER D 385 5.18 -24.54 -17.92
N THR D 386 5.11 -23.22 -17.92
CA THR D 386 6.28 -22.38 -18.08
C THR D 386 7.06 -22.34 -16.77
N GLY D 387 8.34 -22.71 -16.82
CA GLY D 387 9.17 -22.76 -15.63
C GLY D 387 10.38 -21.86 -15.70
N GLY D 388 10.69 -21.36 -16.89
CA GLY D 388 11.84 -20.48 -17.07
C GLY D 388 11.64 -19.60 -18.28
N PHE D 389 12.32 -18.45 -18.27
CA PHE D 389 12.20 -17.47 -19.33
C PHE D 389 13.58 -16.99 -19.75
N LEU D 390 14.04 -17.43 -20.92
CA LEU D 390 15.27 -16.93 -21.52
C LEU D 390 14.89 -15.74 -22.40
N THR D 391 15.27 -14.53 -21.97
CA THR D 391 14.79 -13.31 -22.59
C THR D 391 15.93 -12.33 -22.81
N HIS D 392 15.64 -11.29 -23.58
CA HIS D 392 16.59 -10.20 -23.79
C HIS D 392 16.49 -9.14 -22.72
N CYS D 393 15.63 -9.35 -21.71
CA CYS D 393 15.44 -8.46 -20.58
C CYS D 393 14.75 -7.15 -20.95
N GLY D 394 14.00 -7.14 -22.05
CA GLY D 394 13.13 -6.01 -22.33
C GLY D 394 12.18 -5.79 -21.18
N TRP D 395 12.04 -4.55 -20.71
CA TRP D 395 11.32 -4.32 -19.46
C TRP D 395 9.87 -4.76 -19.55
N ASN D 396 9.30 -4.76 -20.75
CA ASN D 396 7.96 -5.32 -20.92
C ASN D 396 7.97 -6.82 -20.67
N SER D 397 8.94 -7.53 -21.24
CA SER D 397 9.05 -8.96 -21.00
C SER D 397 9.32 -9.25 -19.53
N THR D 398 10.18 -8.47 -18.89
CA THR D 398 10.52 -8.70 -17.48
C THR D 398 9.28 -8.55 -16.59
N LEU D 399 8.52 -7.47 -16.77
CA LEU D 399 7.35 -7.25 -15.95
C LEU D 399 6.32 -8.36 -16.13
N GLU D 400 6.13 -8.80 -17.38
CA GLU D 400 5.22 -9.91 -17.64
C GLU D 400 5.69 -11.18 -16.94
N SER D 401 7.01 -11.34 -16.80
CA SER D 401 7.54 -12.49 -16.09
C SER D 401 7.37 -12.32 -14.58
N VAL D 402 7.64 -11.12 -14.06
CA VAL D 402 7.48 -10.87 -12.63
C VAL D 402 6.04 -11.08 -12.20
N PHE D 403 5.09 -10.62 -13.01
CA PHE D 403 3.68 -10.73 -12.63
C PHE D 403 3.22 -12.18 -12.58
N HIS D 404 3.76 -13.04 -13.46
CA HIS D 404 3.36 -14.44 -13.52
C HIS D 404 4.36 -15.37 -12.85
N GLY D 405 5.32 -14.83 -12.12
CA GLY D 405 6.23 -15.63 -11.33
C GLY D 405 7.05 -16.62 -12.14
N VAL D 406 7.81 -16.12 -13.10
CA VAL D 406 8.63 -16.95 -13.98
C VAL D 406 10.08 -16.52 -13.81
N PRO D 407 10.98 -17.40 -13.36
CA PRO D 407 12.39 -17.02 -13.25
C PRO D 407 13.00 -16.83 -14.64
N LEU D 408 14.15 -16.15 -14.66
CA LEU D 408 14.71 -15.66 -15.91
C LEU D 408 16.11 -16.22 -16.13
N ILE D 409 16.50 -16.26 -17.40
CA ILE D 409 17.90 -16.39 -17.78
C ILE D 409 18.26 -15.05 -18.42
N THR D 410 18.75 -14.12 -17.61
CA THR D 410 18.95 -12.75 -18.08
C THR D 410 20.02 -12.72 -19.17
N TRP D 411 19.56 -12.53 -20.41
CA TRP D 411 20.41 -12.45 -21.60
C TRP D 411 20.25 -11.06 -22.20
N PRO D 412 20.78 -10.05 -21.54
CA PRO D 412 20.60 -8.67 -22.04
C PRO D 412 21.32 -8.47 -23.37
N LEU D 413 20.86 -7.47 -24.10
CA LEU D 413 21.41 -7.19 -25.43
C LEU D 413 21.72 -5.72 -25.62
N TYR D 414 20.69 -4.87 -25.59
CA TYR D 414 20.85 -3.46 -25.94
C TYR D 414 20.02 -2.60 -24.99
N ALA D 415 19.99 -1.30 -25.26
CA ALA D 415 19.19 -0.33 -24.51
C ALA D 415 19.61 -0.43 -23.04
N GLU D 416 18.67 -0.50 -22.10
CA GLU D 416 18.99 -0.55 -20.67
C GLU D 416 18.89 -1.96 -20.10
N GLN D 417 18.96 -2.98 -20.97
CA GLN D 417 18.73 -4.35 -20.52
C GLN D 417 19.88 -4.87 -19.66
N LYS D 418 21.11 -4.44 -19.95
CA LYS D 418 22.24 -4.90 -19.14
C LYS D 418 22.12 -4.43 -17.69
N MET D 419 21.68 -3.19 -17.48
CA MET D 419 21.45 -2.73 -16.12
C MET D 419 20.37 -3.54 -15.43
N ASN D 420 19.34 -3.94 -16.19
CA ASN D 420 18.27 -4.75 -15.61
C ASN D 420 18.76 -6.14 -15.24
N ALA D 421 19.64 -6.72 -16.06
CA ALA D 421 20.19 -8.03 -15.74
C ALA D 421 20.97 -8.01 -14.44
N VAL D 422 21.76 -6.96 -14.22
CA VAL D 422 22.51 -6.85 -12.97
C VAL D 422 21.55 -6.72 -11.79
N MET D 423 20.50 -5.91 -11.95
CA MET D 423 19.56 -5.70 -10.85
C MET D 423 18.69 -6.93 -10.63
N LEU D 424 18.48 -7.74 -11.66
CA LEU D 424 17.63 -8.92 -11.52
C LEU D 424 18.41 -10.10 -10.93
N THR D 425 19.59 -10.38 -11.47
CA THR D 425 20.36 -11.54 -11.04
C THR D 425 21.15 -11.26 -9.77
N GLU D 426 21.81 -10.10 -9.70
CA GLU D 426 22.66 -9.76 -8.56
C GLU D 426 21.93 -8.95 -7.50
N GLY D 427 20.87 -8.24 -7.86
CA GLY D 427 20.13 -7.45 -6.89
C GLY D 427 19.00 -8.19 -6.23
N LEU D 428 18.04 -8.67 -7.03
CA LEU D 428 16.88 -9.37 -6.50
C LEU D 428 17.05 -10.89 -6.47
N ARG D 429 17.94 -11.44 -7.30
CA ARG D 429 18.15 -12.89 -7.38
C ARG D 429 16.88 -13.58 -7.89
N VAL D 430 16.43 -13.14 -9.07
CA VAL D 430 15.29 -13.74 -9.75
C VAL D 430 15.68 -14.39 -11.07
N GLY D 431 16.97 -14.42 -11.39
CA GLY D 431 17.42 -15.08 -12.61
C GLY D 431 18.91 -15.29 -12.58
N LEU D 432 19.42 -15.89 -13.66
CA LEU D 432 20.84 -16.12 -13.84
C LEU D 432 21.27 -15.51 -15.17
N ARG D 433 22.51 -15.05 -15.22
CA ARG D 433 23.07 -14.45 -16.42
C ARG D 433 24.22 -15.30 -16.94
N PRO D 434 24.15 -15.84 -18.16
CA PRO D 434 25.31 -16.55 -18.71
C PRO D 434 26.41 -15.55 -19.05
N SER D 435 27.62 -15.84 -18.60
CA SER D 435 28.73 -14.92 -18.81
C SER D 435 29.05 -14.81 -20.29
N VAL D 436 29.44 -13.61 -20.70
CA VAL D 436 29.74 -13.32 -22.09
C VAL D 436 31.22 -13.60 -22.35
N GLY D 437 31.52 -14.04 -23.57
CA GLY D 437 32.89 -14.25 -23.97
C GLY D 437 33.53 -12.96 -24.45
N LYS D 438 34.85 -13.02 -24.66
CA LYS D 438 35.57 -11.84 -25.13
C LYS D 438 35.10 -11.43 -26.52
N ASP D 439 34.69 -12.39 -27.35
CA ASP D 439 34.19 -12.10 -28.68
C ASP D 439 32.69 -11.84 -28.70
N GLY D 440 32.11 -11.49 -27.55
CA GLY D 440 30.69 -11.18 -27.46
C GLY D 440 29.75 -12.37 -27.45
N ILE D 441 30.28 -13.59 -27.39
CA ILE D 441 29.48 -14.81 -27.53
C ILE D 441 29.33 -15.51 -26.20
N ILE D 442 28.11 -15.96 -25.92
CA ILE D 442 27.85 -16.89 -24.83
C ILE D 442 28.11 -18.29 -25.35
N ARG D 443 29.09 -18.98 -24.77
CA ARG D 443 29.43 -20.32 -25.24
C ARG D 443 28.48 -21.34 -24.64
N GLY D 444 28.32 -22.47 -25.35
CA GLY D 444 27.36 -23.46 -24.94
C GLY D 444 27.53 -23.92 -23.51
N ALA D 445 28.78 -23.94 -23.02
CA ALA D 445 29.02 -24.32 -21.64
C ALA D 445 28.29 -23.38 -20.67
N GLU D 446 28.23 -22.08 -21.00
CA GLU D 446 27.50 -21.14 -20.17
C GLU D 446 25.99 -21.39 -20.23
N ILE D 447 25.47 -21.59 -21.44
CA ILE D 447 24.03 -21.77 -21.60
C ILE D 447 23.54 -22.96 -20.77
N ALA D 448 24.20 -24.10 -20.91
CA ALA D 448 23.81 -25.28 -20.15
C ALA D 448 23.97 -25.06 -18.65
N ARG D 449 24.94 -24.25 -18.24
CA ARG D 449 25.14 -23.99 -16.82
C ARG D 449 23.96 -23.24 -16.23
N VAL D 450 23.58 -22.11 -16.86
CA VAL D 450 22.48 -21.31 -16.32
C VAL D 450 21.16 -22.07 -16.43
N ILE D 451 20.92 -22.73 -17.57
CA ILE D 451 19.72 -23.53 -17.70
C ILE D 451 19.71 -24.64 -16.64
N GLY D 452 20.87 -25.27 -16.42
CA GLY D 452 20.93 -26.32 -15.41
C GLY D 452 20.68 -25.80 -14.01
N GLU D 453 21.45 -24.79 -13.60
CA GLU D 453 21.30 -24.26 -12.25
C GLU D 453 19.91 -23.69 -12.01
N LEU D 454 19.24 -23.23 -13.07
CA LEU D 454 17.91 -22.65 -12.92
C LEU D 454 16.84 -23.74 -12.84
N MET D 455 16.73 -24.56 -13.88
CA MET D 455 15.70 -25.59 -13.91
C MET D 455 16.05 -26.72 -12.95
N GLU D 456 17.33 -27.03 -12.78
CA GLU D 456 17.83 -28.02 -11.85
C GLU D 456 18.59 -27.29 -10.73
N GLY D 457 19.52 -28.00 -10.09
CA GLY D 457 20.40 -27.39 -9.12
C GLY D 457 19.72 -26.91 -7.85
N GLU D 458 20.52 -26.63 -6.82
CA GLU D 458 19.97 -26.16 -5.56
C GLU D 458 19.63 -24.67 -5.61
N GLU D 459 20.43 -23.88 -6.31
CA GLU D 459 20.16 -22.44 -6.38
C GLU D 459 18.87 -22.16 -7.14
N GLY D 460 18.59 -22.93 -8.18
CA GLY D 460 17.39 -22.71 -8.98
C GLY D 460 16.10 -22.90 -8.22
N LYS D 461 16.15 -23.50 -7.04
CA LYS D 461 14.96 -23.64 -6.20
C LYS D 461 14.79 -22.43 -5.28
N ARG D 462 15.89 -21.92 -4.73
CA ARG D 462 15.84 -20.66 -3.99
C ARG D 462 15.67 -19.48 -4.93
N ILE D 463 16.23 -19.56 -6.14
CA ILE D 463 16.06 -18.52 -7.14
C ILE D 463 14.63 -18.50 -7.66
N ARG D 464 14.01 -19.67 -7.83
CA ARG D 464 12.63 -19.73 -8.28
C ARG D 464 11.68 -19.17 -7.23
N SER D 465 11.89 -19.53 -5.96
CA SER D 465 11.02 -19.04 -4.90
C SER D 465 11.03 -17.52 -4.81
N LYS D 466 12.17 -16.89 -5.09
CA LYS D 466 12.26 -15.43 -5.00
C LYS D 466 11.29 -14.76 -5.97
N MET D 467 11.07 -15.34 -7.14
CA MET D 467 10.17 -14.72 -8.11
C MET D 467 8.71 -14.89 -7.69
N GLN D 468 8.39 -15.98 -6.98
CA GLN D 468 7.05 -16.14 -6.44
C GLN D 468 6.75 -15.08 -5.39
N GLU D 469 7.78 -14.66 -4.63
CA GLU D 469 7.60 -13.57 -3.68
C GLU D 469 7.16 -12.29 -4.39
N LEU D 470 7.80 -11.98 -5.51
CA LEU D 470 7.47 -10.77 -6.24
C LEU D 470 6.14 -10.90 -6.97
N LYS D 471 5.82 -12.10 -7.46
CA LYS D 471 4.52 -12.31 -8.10
C LYS D 471 3.37 -11.95 -7.15
N ARG D 472 3.41 -12.44 -5.92
CA ARG D 472 2.37 -12.07 -4.97
C ARG D 472 2.40 -10.57 -4.66
N ALA D 473 3.61 -9.98 -4.64
CA ALA D 473 3.72 -8.54 -4.41
C ALA D 473 3.27 -7.75 -5.63
N ALA D 474 3.53 -8.26 -6.83
CA ALA D 474 3.12 -7.55 -8.04
C ALA D 474 1.61 -7.41 -8.11
N SER D 475 0.90 -8.52 -7.96
CA SER D 475 -0.56 -8.48 -7.97
C SER D 475 -1.13 -7.73 -6.77
N ALA D 476 -0.32 -7.54 -5.72
CA ALA D 476 -0.82 -6.87 -4.52
C ALA D 476 -0.92 -5.35 -4.72
N VAL D 477 0.14 -4.74 -5.24
CA VAL D 477 0.16 -3.30 -5.45
C VAL D 477 -0.88 -2.84 -6.46
N LEU D 478 -1.43 -3.76 -7.25
CA LEU D 478 -2.44 -3.43 -8.25
C LEU D 478 -3.86 -3.61 -7.72
N SER D 479 -4.02 -3.91 -6.43
CA SER D 479 -5.34 -4.15 -5.88
C SER D 479 -6.11 -2.83 -5.73
N LYS D 480 -7.35 -2.94 -5.24
CA LYS D 480 -8.19 -1.76 -5.08
C LYS D 480 -7.60 -0.77 -4.10
N ASP D 481 -6.93 -1.26 -3.06
CA ASP D 481 -6.28 -0.40 -2.06
C ASP D 481 -4.76 -0.51 -2.15
N GLY D 482 -4.24 -0.85 -3.33
CA GLY D 482 -2.82 -1.09 -3.49
C GLY D 482 -2.00 0.17 -3.58
N SER D 483 -0.69 0.01 -3.35
CA SER D 483 0.23 1.14 -3.38
C SER D 483 0.38 1.69 -4.80
N SER D 484 0.37 0.82 -5.80
CA SER D 484 0.49 1.28 -7.18
C SER D 484 -0.82 1.86 -7.69
N THR D 485 -1.94 1.21 -7.38
CA THR D 485 -3.24 1.77 -7.72
C THR D 485 -3.42 3.15 -7.11
N ARG D 486 -2.89 3.36 -5.89
CA ARG D 486 -3.01 4.67 -5.25
C ARG D 486 -2.08 5.69 -5.87
N ALA D 487 -0.95 5.24 -6.43
CA ALA D 487 -0.11 6.15 -7.19
C ALA D 487 -0.86 6.70 -8.40
N LEU D 488 -1.65 5.85 -9.06
CA LEU D 488 -2.53 6.33 -10.12
C LEU D 488 -3.54 7.33 -9.57
N GLU D 489 -4.09 7.05 -8.37
CA GLU D 489 -5.05 7.96 -7.77
C GLU D 489 -4.49 9.37 -7.66
N GLU D 490 -3.28 9.51 -7.11
CA GLU D 490 -2.70 10.85 -6.97
C GLU D 490 -2.47 11.50 -8.34
N VAL D 491 -2.06 10.70 -9.32
CA VAL D 491 -1.81 11.26 -10.65
C VAL D 491 -3.11 11.79 -11.25
N ALA D 492 -4.21 11.06 -11.04
CA ALA D 492 -5.49 11.50 -11.60
C ALA D 492 -5.97 12.79 -10.96
N LYS D 493 -5.87 12.91 -9.63
CA LYS D 493 -6.36 14.09 -8.95
C LYS D 493 -5.56 15.33 -9.32
N ILE D 494 -4.25 15.19 -9.49
CA ILE D 494 -3.43 16.32 -9.92
C ILE D 494 -3.91 16.83 -11.28
N TRP D 495 -4.34 15.90 -12.15
CA TRP D 495 -4.82 16.27 -13.47
C TRP D 495 -6.21 16.88 -13.43
N GLU D 496 -7.03 16.49 -12.44
CA GLU D 496 -8.40 16.98 -12.34
C GLU D 496 -8.51 18.34 -11.67
N SER D 497 -7.46 18.81 -10.99
CA SER D 497 -7.50 20.07 -10.30
C SER D 497 -7.36 21.24 -11.28
N LYS D 498 -7.85 22.40 -10.87
CA LYS D 498 -7.83 23.59 -11.70
C LYS D 498 -8.55 23.34 -13.03
C01 LV5 E . -37.45 -6.80 -14.97
C02 LV5 E . -37.45 -7.02 -16.34
C03 LV5 E . -38.62 -7.35 -16.99
C04 LV5 E . -39.80 -7.47 -16.27
C05 LV5 E . -39.81 -7.24 -14.90
C06 LV5 E . -38.63 -6.91 -14.25
N07 LV5 E . -38.62 -6.68 -12.82
CL1 LV5 E . -41.32 -7.89 -17.11
CL2 LV5 E . -38.62 -7.64 -18.74
#